data_9CVV
#
_entry.id   9CVV
#
_cell.length_a   52.482
_cell.length_b   118.103
_cell.length_c   165.125
_cell.angle_alpha   90.00
_cell.angle_beta   90.05
_cell.angle_gamma   90.00
#
_symmetry.space_group_name_H-M   'P 1 21 1'
#
loop_
_entity.id
_entity.type
_entity.pdbx_description
1 polymer 'Nitric oxide synthase, brain'
2 non-polymer 'PROTOPORPHYRIN IX CONTAINING FE'
3 non-polymer 5,6,7,8-TETRAHYDROBIOPTERIN
4 non-polymer (6M)-6-{3-fluoro-5-[(methylamino)methyl]phenyl}-4-methylpyridin-2-amine
5 non-polymer GLYCEROL
6 non-polymer 'ZINC ION'
7 water water
#
_entity_poly.entity_id   1
_entity_poly.type   'polypeptide(L)'
_entity_poly.pdbx_seq_one_letter_code
;CPRFLKVKNWETEVVLTDTLHLKSTLETGCTEYICMGSIMHPSQHARRPEDVATKDQLFPLAKEFIDQYYSSIKRFGSKA
HMERLEEVNKEIDTTSTYQLKDTELIYGAKHAWRNASRCVGRIQWSKLQVFDARDCTTAHGMFNYICNHVKYATNKGNLR
SAITIFPQRTDGKHDFRVWNSQLIRYAGYKQPDGSTLGDPANVQFTEICIQQGWKPPRGRFDVLPLLLQANGNDPELFQI
PPELVLEVPIRHPKFEWFKDLGLKWYGLPAVSNMLLEIGGLEFSACPFSGWYMGTEIGVRDYCDNSRYNILEEVAKKMNL
DMRKTSSLWKDQALVEINIAVLYSFQSDKVTIVDHHSATESFIKHMENEYRCRGGCPADWVWIVPPMSGSITPVFHQEML
NYRLTPSFEYQPDPWNTHVWKLV
;
_entity_poly.pdbx_strand_id   A,B,C,D
#
loop_
_chem_comp.id
_chem_comp.type
_chem_comp.name
_chem_comp.formula
A1A0H non-polymer (6M)-6-{3-fluoro-5-[(methylamino)methyl]phenyl}-4-methylpyridin-2-amine 'C14 H16 F N3'
GOL non-polymer GLYCEROL 'C3 H8 O3'
H4B non-polymer 5,6,7,8-TETRAHYDROBIOPTERIN 'C9 H15 N5 O3'
HEM non-polymer 'PROTOPORPHYRIN IX CONTAINING FE' 'C34 H32 Fe N4 O4'
ZN non-polymer 'ZINC ION' 'Zn 2'
#
# COMPACT_ATOMS: atom_id res chain seq x y z
N PHE A 4 21.06 2.49 22.12
CA PHE A 4 20.66 2.39 23.52
C PHE A 4 20.06 3.70 24.06
N LEU A 5 19.02 3.57 24.87
CA LEU A 5 18.40 4.70 25.54
C LEU A 5 18.09 4.29 26.97
N LYS A 6 18.27 5.21 27.91
CA LYS A 6 18.10 4.89 29.32
C LYS A 6 16.85 5.57 29.88
N VAL A 7 16.15 4.87 30.76
CA VAL A 7 15.07 5.47 31.54
C VAL A 7 15.43 5.35 33.00
N LYS A 8 15.08 6.38 33.76
CA LYS A 8 15.42 6.49 35.17
C LYS A 8 14.14 6.57 35.98
N ASN A 9 14.15 5.93 37.15
CA ASN A 9 13.10 6.13 38.14
C ASN A 9 13.63 7.12 39.16
N TRP A 10 12.90 8.22 39.38
CA TRP A 10 13.44 9.28 40.23
C TRP A 10 13.17 9.05 41.70
N GLU A 11 12.42 8.01 42.05
CA GLU A 11 12.25 7.62 43.45
C GLU A 11 13.40 6.71 43.89
N THR A 12 13.71 5.70 43.09
CA THR A 12 14.67 4.66 43.43
C THR A 12 16.02 4.82 42.78
N GLU A 13 16.13 5.68 41.75
CA GLU A 13 17.34 5.87 40.97
C GLU A 13 17.70 4.63 40.12
N VAL A 14 16.76 3.70 39.94
CA VAL A 14 17.00 2.61 39.01
C VAL A 14 17.02 3.15 37.58
N VAL A 15 18.01 2.73 36.80
CA VAL A 15 18.14 3.09 35.40
C VAL A 15 18.04 1.80 34.58
N LEU A 16 17.13 1.79 33.61
CA LEU A 16 16.96 0.68 32.68
C LEU A 16 17.44 1.11 31.29
N THR A 17 17.98 0.16 30.54
CA THR A 17 18.57 0.42 29.23
C THR A 17 17.71 -0.23 28.16
N ASP A 18 17.17 0.57 27.26
CA ASP A 18 16.23 0.11 26.25
C ASP A 18 16.96 -0.10 24.93
N THR A 19 16.87 -1.31 24.39
CA THR A 19 17.20 -1.63 23.02
C THR A 19 16.02 -2.19 22.23
N LEU A 20 14.90 -2.50 22.90
CA LEU A 20 13.76 -3.07 22.18
C LEU A 20 13.15 -2.07 21.20
N HIS A 21 13.28 -0.77 21.48
CA HIS A 21 12.76 0.26 20.59
C HIS A 21 13.35 0.16 19.20
N LEU A 22 14.49 -0.50 19.05
CA LEU A 22 15.08 -0.68 17.73
C LEU A 22 14.22 -1.54 16.81
N LYS A 23 13.16 -2.16 17.33
CA LYS A 23 12.25 -2.99 16.53
C LYS A 23 10.91 -2.30 16.28
N SER A 24 10.81 -0.99 16.51
CA SER A 24 9.51 -0.35 16.32
C SER A 24 9.24 -0.18 14.82
N THR A 25 7.96 -0.19 14.47
CA THR A 25 7.57 -0.22 13.06
C THR A 25 6.77 0.99 12.62
N LEU A 26 5.89 1.53 13.46
CA LEU A 26 4.99 2.62 13.08
C LEU A 26 5.42 3.92 13.72
N GLU A 27 5.08 5.03 13.05
CA GLU A 27 5.38 6.37 13.57
C GLU A 27 4.59 6.64 14.84
N THR A 28 5.23 7.31 15.80
CA THR A 28 4.51 7.72 17.00
C THR A 28 3.64 8.94 16.78
N GLY A 29 3.93 9.74 15.77
CA GLY A 29 3.39 11.05 15.64
C GLY A 29 4.35 12.15 16.02
N CYS A 30 5.31 11.86 16.89
CA CYS A 30 6.28 12.85 17.30
C CYS A 30 7.34 13.03 16.22
N THR A 31 8.04 14.17 16.29
CA THR A 31 9.27 14.41 15.57
C THR A 31 10.28 14.98 16.56
N GLU A 32 11.52 15.14 16.10
CA GLU A 32 12.48 15.80 16.97
C GLU A 32 12.15 17.26 17.22
N TYR A 33 11.15 17.83 16.53
CA TYR A 33 10.73 19.19 16.79
C TYR A 33 9.39 19.28 17.50
N ILE A 34 8.60 18.21 17.53
CA ILE A 34 7.29 18.30 18.14
C ILE A 34 6.98 16.97 18.81
N CYS A 35 6.49 17.03 20.04
CA CYS A 35 6.07 15.84 20.76
C CYS A 35 4.55 15.83 20.86
N MET A 36 3.95 14.72 20.42
CA MET A 36 2.50 14.55 20.43
C MET A 36 2.04 13.52 21.45
N GLY A 37 2.81 13.38 22.54
CA GLY A 37 2.55 12.37 23.54
C GLY A 37 1.23 12.48 24.26
N SER A 38 0.58 13.64 24.26
CA SER A 38 -0.75 13.70 24.85
C SER A 38 -1.88 13.73 23.81
N ILE A 39 -1.57 13.49 22.53
CA ILE A 39 -2.61 13.35 21.51
C ILE A 39 -3.19 11.93 21.57
N MET A 40 -4.52 11.84 21.65
CA MET A 40 -5.19 10.55 21.77
C MET A 40 -4.94 9.65 20.55
N HIS A 41 -5.07 10.20 19.33
CA HIS A 41 -4.79 9.48 18.09
C HIS A 41 -3.75 10.27 17.30
N PRO A 42 -2.47 10.14 17.65
CA PRO A 42 -1.46 11.03 17.03
C PRO A 42 -1.16 10.70 15.59
N SER A 43 -1.33 9.45 15.17
CA SER A 43 -0.76 9.01 13.89
C SER A 43 -1.77 8.16 13.14
N GLN A 44 -1.79 8.33 11.81
CA GLN A 44 -2.56 7.49 10.91
C GLN A 44 -1.67 6.55 10.12
N HIS A 45 -0.44 6.32 10.58
CA HIS A 45 0.49 5.43 9.89
C HIS A 45 0.03 3.99 10.10
N ALA A 46 -0.41 3.35 9.01
CA ALA A 46 -0.85 1.97 8.99
C ALA A 46 0.13 1.13 8.19
N ARG A 47 0.12 -0.18 8.45
CA ARG A 47 1.13 -1.05 7.86
C ARG A 47 0.76 -1.54 6.45
N ARG A 48 -0.52 -1.54 6.08
CA ARG A 48 -0.93 -1.85 4.72
C ARG A 48 -2.13 -0.98 4.36
N PRO A 49 -2.23 -0.55 3.09
CA PRO A 49 -3.35 0.32 2.69
C PRO A 49 -4.71 -0.27 3.00
N GLU A 50 -5.72 0.61 3.07
CA GLU A 50 -7.05 0.37 3.64
C GLU A 50 -7.60 -1.04 3.47
N ASP A 51 -7.82 -1.48 2.24
CA ASP A 51 -8.34 -2.82 2.00
C ASP A 51 -7.40 -3.55 1.03
N VAL A 52 -7.95 -4.57 0.34
CA VAL A 52 -7.23 -5.60 -0.42
C VAL A 52 -5.86 -5.14 -0.89
N ALA A 53 -4.84 -5.47 -0.12
CA ALA A 53 -3.47 -5.17 -0.48
C ALA A 53 -3.03 -6.02 -1.67
N THR A 54 -2.05 -5.50 -2.42
CA THR A 54 -1.37 -6.30 -3.42
C THR A 54 -0.42 -7.27 -2.73
N LYS A 55 0.21 -8.14 -3.52
CA LYS A 55 1.09 -9.15 -2.94
C LYS A 55 2.32 -8.52 -2.28
N ASP A 56 2.96 -7.58 -2.97
CA ASP A 56 4.13 -6.90 -2.42
C ASP A 56 3.80 -6.04 -1.22
N GLN A 57 2.52 -5.82 -0.93
CA GLN A 57 2.11 -5.07 0.26
C GLN A 57 1.82 -5.98 1.44
N LEU A 58 1.25 -7.14 1.21
CA LEU A 58 0.89 -8.00 2.33
C LEU A 58 1.99 -8.98 2.70
N PHE A 59 2.63 -9.61 1.72
CA PHE A 59 3.61 -10.64 2.03
C PHE A 59 4.74 -10.16 2.95
N PRO A 60 5.33 -8.96 2.77
CA PRO A 60 6.42 -8.56 3.70
C PRO A 60 5.97 -8.50 5.15
N LEU A 61 4.75 -8.05 5.40
CA LEU A 61 4.24 -8.01 6.77
C LEU A 61 4.03 -9.42 7.32
N ALA A 62 3.55 -10.34 6.48
CA ALA A 62 3.37 -11.73 6.90
C ALA A 62 4.72 -12.39 7.17
N LYS A 63 5.67 -12.22 6.25
CA LYS A 63 7.01 -12.77 6.46
C LYS A 63 7.61 -12.26 7.75
N GLU A 64 7.43 -10.97 8.03
CA GLU A 64 7.91 -10.39 9.27
C GLU A 64 7.34 -11.14 10.49
N PHE A 65 6.02 -11.36 10.50
CA PHE A 65 5.42 -11.96 11.69
C PHE A 65 5.80 -13.42 11.83
N ILE A 66 5.77 -14.19 10.73
CA ILE A 66 6.16 -15.59 10.83
C ILE A 66 7.62 -15.68 11.28
N ASP A 67 8.46 -14.79 10.76
CA ASP A 67 9.86 -14.72 11.20
C ASP A 67 9.94 -14.52 12.71
N GLN A 68 9.23 -13.51 13.21
CA GLN A 68 9.18 -13.25 14.65
C GLN A 68 8.70 -14.48 15.43
N TYR A 69 7.56 -15.07 15.04
CA TYR A 69 7.03 -16.21 15.77
C TYR A 69 8.01 -17.38 15.79
N TYR A 70 8.65 -17.68 14.65
CA TYR A 70 9.53 -18.84 14.65
C TYR A 70 10.82 -18.53 15.38
N SER A 71 11.27 -17.26 15.37
CA SER A 71 12.35 -16.84 16.25
C SER A 71 11.97 -17.02 17.72
N SER A 72 10.75 -16.60 18.08
CA SER A 72 10.29 -16.71 19.46
C SER A 72 10.42 -18.12 20.01
N ILE A 73 10.32 -19.15 19.16
CA ILE A 73 10.34 -20.53 19.62
C ILE A 73 11.63 -21.26 19.21
N LYS A 74 12.67 -20.51 18.86
CA LYS A 74 14.00 -21.08 18.58
C LYS A 74 13.98 -21.97 17.34
N ARG A 75 13.26 -21.53 16.29
CA ARG A 75 13.14 -22.33 15.08
C ARG A 75 13.30 -21.49 13.82
N PHE A 76 14.13 -20.44 13.88
CA PHE A 76 14.35 -19.60 12.70
C PHE A 76 15.13 -20.39 11.66
N GLY A 77 14.61 -20.40 10.42
CA GLY A 77 15.20 -21.16 9.34
C GLY A 77 14.88 -22.64 9.35
N SER A 78 14.22 -23.13 10.38
CA SER A 78 13.87 -24.54 10.46
C SER A 78 12.99 -24.94 9.28
N LYS A 79 12.82 -26.26 9.13
CA LYS A 79 11.97 -26.80 8.08
C LYS A 79 10.56 -26.21 8.14
N ALA A 80 9.93 -26.25 9.32
CA ALA A 80 8.57 -25.75 9.45
C ALA A 80 8.50 -24.26 9.12
N HIS A 81 9.55 -23.50 9.46
CA HIS A 81 9.57 -22.07 9.16
C HIS A 81 9.53 -21.83 7.65
N MET A 82 10.41 -22.51 6.91
CA MET A 82 10.48 -22.26 5.47
C MET A 82 9.28 -22.81 4.73
N GLU A 83 8.67 -23.89 5.23
CA GLU A 83 7.43 -24.37 4.63
C GLU A 83 6.30 -23.41 4.91
N ARG A 84 6.30 -22.83 6.11
CA ARG A 84 5.26 -21.86 6.46
C ARG A 84 5.37 -20.63 5.56
N LEU A 85 6.59 -20.16 5.29
CA LEU A 85 6.78 -19.05 4.37
C LEU A 85 6.23 -19.37 2.99
N GLU A 86 6.53 -20.58 2.48
CA GLU A 86 6.03 -20.98 1.17
C GLU A 86 4.52 -21.15 1.18
N GLU A 87 3.96 -21.61 2.30
CA GLU A 87 2.52 -21.79 2.39
C GLU A 87 1.81 -20.44 2.32
N VAL A 88 2.23 -19.52 3.17
CA VAL A 88 1.68 -18.15 3.16
C VAL A 88 1.87 -17.52 1.78
N ASN A 89 3.02 -17.78 1.14
CA ASN A 89 3.26 -17.26 -0.19
C ASN A 89 2.19 -17.74 -1.19
N LYS A 90 1.77 -19.01 -1.08
CA LYS A 90 0.78 -19.56 -2.02
C LYS A 90 -0.63 -19.08 -1.70
N GLU A 91 -0.96 -18.97 -0.42
CA GLU A 91 -2.29 -18.49 -0.02
C GLU A 91 -2.54 -17.09 -0.55
N ILE A 92 -1.54 -16.21 -0.40
CA ILE A 92 -1.67 -14.84 -0.90
C ILE A 92 -1.75 -14.85 -2.42
N ASP A 93 -0.89 -15.62 -3.08
CA ASP A 93 -0.95 -15.77 -4.54
C ASP A 93 -2.34 -16.14 -5.03
N THR A 94 -3.06 -16.98 -4.28
CA THR A 94 -4.32 -17.54 -4.77
C THR A 94 -5.57 -16.90 -4.15
N THR A 95 -5.49 -16.33 -2.96
CA THR A 95 -6.67 -15.77 -2.31
C THR A 95 -6.52 -14.32 -1.88
N SER A 96 -5.32 -13.74 -2.02
CA SER A 96 -4.97 -12.38 -1.60
C SER A 96 -4.86 -12.23 -0.09
N THR A 97 -4.96 -13.30 0.67
CA THR A 97 -4.77 -13.22 2.12
C THR A 97 -4.02 -14.48 2.56
N TYR A 98 -3.94 -14.70 3.87
CA TYR A 98 -3.54 -16.02 4.39
C TYR A 98 -4.19 -16.24 5.74
N GLN A 99 -4.05 -17.48 6.23
CA GLN A 99 -4.67 -17.89 7.49
C GLN A 99 -3.59 -18.26 8.49
N LEU A 100 -3.77 -17.80 9.74
CA LEU A 100 -2.86 -18.13 10.82
C LEU A 100 -3.16 -19.51 11.41
N LYS A 101 -2.09 -20.26 11.68
CA LYS A 101 -2.20 -21.41 12.58
C LYS A 101 -2.69 -20.98 13.96
N ASP A 102 -3.34 -21.93 14.64
CA ASP A 102 -3.87 -21.69 15.99
C ASP A 102 -2.79 -21.20 16.94
N THR A 103 -1.60 -21.82 16.89
CA THR A 103 -0.50 -21.37 17.73
C THR A 103 -0.08 -19.95 17.38
N GLU A 104 -0.05 -19.62 16.09
CA GLU A 104 0.32 -18.28 15.67
C GLU A 104 -0.72 -17.25 16.11
N LEU A 105 -2.00 -17.64 16.08
CA LEU A 105 -3.06 -16.74 16.55
C LEU A 105 -2.91 -16.46 18.05
N ILE A 106 -2.63 -17.51 18.84
CA ILE A 106 -2.49 -17.31 20.27
C ILE A 106 -1.26 -16.47 20.59
N TYR A 107 -0.13 -16.80 19.96
CA TYR A 107 1.08 -15.98 20.08
C TYR A 107 0.77 -14.52 19.77
N GLY A 108 0.13 -14.27 18.63
CA GLY A 108 -0.13 -12.90 18.21
C GLY A 108 -1.03 -12.14 19.14
N ALA A 109 -2.06 -12.80 19.68
CA ALA A 109 -2.96 -12.12 20.61
C ALA A 109 -2.23 -11.75 21.90
N LYS A 110 -1.47 -12.69 22.47
CA LYS A 110 -0.76 -12.40 23.70
C LYS A 110 0.25 -11.27 23.49
N HIS A 111 0.89 -11.22 22.33
CA HIS A 111 1.89 -10.17 22.14
C HIS A 111 1.28 -8.82 21.82
N ALA A 112 0.08 -8.79 21.23
CA ALA A 112 -0.64 -7.52 21.08
C ALA A 112 -0.95 -6.90 22.44
N TRP A 113 -1.35 -7.72 23.41
CA TRP A 113 -1.50 -7.24 24.78
C TRP A 113 -0.14 -6.87 25.37
N ARG A 114 0.88 -7.69 25.15
CA ARG A 114 2.21 -7.38 25.69
C ARG A 114 2.73 -6.05 25.14
N ASN A 115 2.30 -5.67 23.95
CA ASN A 115 2.82 -4.48 23.30
C ASN A 115 1.94 -3.25 23.51
N ALA A 116 0.84 -3.37 24.28
CA ALA A 116 -0.10 -2.27 24.44
C ALA A 116 0.47 -1.26 25.45
N SER A 117 1.13 -0.24 24.91
CA SER A 117 1.84 0.69 25.78
CA SER A 117 1.82 0.77 25.73
C SER A 117 0.91 1.43 26.75
N ARG A 118 -0.39 1.50 26.47
CA ARG A 118 -1.31 2.21 27.33
C ARG A 118 -1.89 1.37 28.46
N CYS A 119 -1.56 0.07 28.54
CA CYS A 119 -2.20 -0.86 29.48
C CYS A 119 -1.30 -1.06 30.70
N VAL A 120 -1.82 -0.71 31.88
CA VAL A 120 -1.09 -0.90 33.13
C VAL A 120 -1.16 -2.34 33.63
N GLY A 121 -2.02 -3.17 33.04
CA GLY A 121 -2.22 -4.51 33.57
C GLY A 121 -1.40 -5.59 32.89
N ARG A 122 -0.36 -5.22 32.15
CA ARG A 122 0.30 -6.16 31.26
C ARG A 122 1.17 -7.20 31.96
N ILE A 123 1.39 -7.13 33.27
CA ILE A 123 2.16 -8.18 33.92
C ILE A 123 1.46 -9.53 33.76
N GLN A 124 0.17 -9.50 33.42
CA GLN A 124 -0.64 -10.69 33.20
C GLN A 124 -0.63 -11.18 31.75
N TRP A 125 0.18 -10.58 30.89
CA TRP A 125 -0.03 -10.68 29.44
C TRP A 125 -0.01 -12.13 28.95
N SER A 126 0.84 -12.98 29.50
CA SER A 126 0.87 -14.35 28.98
C SER A 126 -0.23 -15.24 29.53
N LYS A 127 -1.03 -14.76 30.48
CA LYS A 127 -2.18 -15.50 31.02
C LYS A 127 -3.47 -15.03 30.33
N LEU A 128 -3.55 -15.30 29.04
CA LEU A 128 -4.70 -14.85 28.25
C LEU A 128 -5.33 -16.07 27.59
N GLN A 129 -6.61 -16.29 27.85
CA GLN A 129 -7.36 -17.35 27.18
C GLN A 129 -7.85 -16.83 25.84
N VAL A 130 -7.50 -17.51 24.75
CA VAL A 130 -7.86 -17.08 23.40
C VAL A 130 -8.95 -18.01 22.86
N PHE A 131 -10.09 -17.45 22.51
CA PHE A 131 -11.19 -18.19 21.90
C PHE A 131 -11.16 -17.94 20.41
N ASP A 132 -10.90 -18.98 19.64
CA ASP A 132 -10.85 -18.91 18.19
C ASP A 132 -12.28 -18.95 17.66
N ALA A 133 -12.76 -17.86 17.11
CA ALA A 133 -14.10 -17.80 16.52
C ALA A 133 -14.03 -17.50 15.03
N ARG A 134 -12.93 -17.89 14.39
CA ARG A 134 -12.78 -17.62 12.95
C ARG A 134 -13.66 -18.49 12.07
N ASP A 135 -14.46 -19.40 12.63
CA ASP A 135 -15.42 -20.18 11.86
C ASP A 135 -16.81 -19.53 11.82
N CYS A 136 -16.99 -18.41 12.53
CA CYS A 136 -18.29 -17.76 12.65
C CYS A 136 -18.74 -17.18 11.30
N THR A 137 -20.06 -17.19 11.07
CA THR A 137 -20.62 -16.67 9.82
C THR A 137 -21.80 -15.73 9.96
N THR A 138 -22.43 -15.63 11.13
CA THR A 138 -23.64 -14.83 11.29
C THR A 138 -23.60 -14.12 12.62
N ALA A 139 -24.45 -13.09 12.74
CA ALA A 139 -24.54 -12.36 13.99
C ALA A 139 -25.05 -13.25 15.12
N HIS A 140 -25.93 -14.22 14.81
CA HIS A 140 -26.38 -15.16 15.82
C HIS A 140 -25.20 -15.95 16.37
N GLY A 141 -24.32 -16.44 15.49
CA GLY A 141 -23.12 -17.12 15.95
C GLY A 141 -22.19 -16.21 16.74
N MET A 142 -22.11 -14.94 16.36
CA MET A 142 -21.28 -13.99 17.13
C MET A 142 -21.83 -13.84 18.53
N PHE A 143 -23.15 -13.73 18.65
CA PHE A 143 -23.78 -13.60 19.96
C PHE A 143 -23.46 -14.80 20.85
N ASN A 144 -23.57 -16.01 20.28
CA ASN A 144 -23.23 -17.23 21.01
C ASN A 144 -21.78 -17.20 21.49
N TYR A 145 -20.84 -16.88 20.58
CA TYR A 145 -19.43 -16.77 20.96
C TYR A 145 -19.22 -15.72 22.05
N ILE A 146 -19.96 -14.61 21.98
CA ILE A 146 -19.74 -13.54 22.96
C ILE A 146 -20.32 -13.93 24.31
N CYS A 147 -21.48 -14.59 24.32
CA CYS A 147 -22.05 -15.09 25.56
C CYS A 147 -21.09 -16.05 26.26
N ASN A 148 -20.46 -16.96 25.50
CA ASN A 148 -19.53 -17.89 26.12
C ASN A 148 -18.31 -17.17 26.69
N HIS A 149 -17.79 -16.17 25.95
CA HIS A 149 -16.72 -15.33 26.45
C HIS A 149 -17.11 -14.67 27.76
N VAL A 150 -18.24 -13.97 27.78
CA VAL A 150 -18.66 -13.26 28.98
C VAL A 150 -18.80 -14.23 30.17
N LYS A 151 -19.37 -15.41 29.92
CA LYS A 151 -19.56 -16.37 31.01
C LYS A 151 -18.23 -16.94 31.48
N TYR A 152 -17.36 -17.31 30.54
CA TYR A 152 -16.01 -17.76 30.91
C TYR A 152 -15.26 -16.69 31.67
N ALA A 153 -15.25 -15.45 31.16
CA ALA A 153 -14.42 -14.40 31.76
C ALA A 153 -14.96 -13.94 33.09
N THR A 154 -16.28 -14.01 33.29
CA THR A 154 -16.86 -13.57 34.55
C THR A 154 -16.58 -14.59 35.66
N ASN A 155 -16.88 -15.87 35.40
CA ASN A 155 -16.45 -16.97 36.28
C ASN A 155 -16.90 -16.73 37.73
N LYS A 156 -18.15 -16.29 37.88
CA LYS A 156 -18.77 -16.04 39.19
C LYS A 156 -18.00 -15.02 40.03
N GLY A 157 -17.32 -14.06 39.41
CA GLY A 157 -16.62 -13.02 40.12
C GLY A 157 -15.12 -13.18 40.15
N ASN A 158 -14.62 -14.41 39.96
CA ASN A 158 -13.19 -14.67 39.87
C ASN A 158 -12.76 -14.49 38.42
N LEU A 159 -12.60 -13.22 38.02
CA LEU A 159 -12.51 -12.88 36.60
C LEU A 159 -11.25 -13.46 35.96
N ARG A 160 -11.37 -13.77 34.66
CA ARG A 160 -10.28 -14.36 33.91
C ARG A 160 -10.13 -13.57 32.61
N SER A 161 -8.89 -13.27 32.22
CA SER A 161 -8.65 -12.51 31.00
CA SER A 161 -8.69 -12.50 31.00
C SER A 161 -8.96 -13.37 29.77
N ALA A 162 -9.63 -12.78 28.78
CA ALA A 162 -9.94 -13.54 27.57
C ALA A 162 -10.06 -12.62 26.37
N ILE A 163 -9.89 -13.21 25.20
CA ILE A 163 -10.16 -12.54 23.93
C ILE A 163 -10.83 -13.55 23.00
N THR A 164 -11.80 -13.09 22.23
CA THR A 164 -12.49 -13.90 21.24
C THR A 164 -12.30 -13.26 19.88
N ILE A 165 -11.83 -14.05 18.91
CA ILE A 165 -11.34 -13.50 17.65
C ILE A 165 -12.18 -14.02 16.48
N PHE A 166 -12.92 -13.12 15.88
CA PHE A 166 -13.80 -13.38 14.75
C PHE A 166 -13.01 -13.28 13.44
N PRO A 167 -13.63 -13.63 12.31
CA PRO A 167 -12.87 -13.68 11.04
C PRO A 167 -12.23 -12.35 10.68
N GLN A 168 -11.03 -12.43 10.13
CA GLN A 168 -10.28 -11.25 9.72
C GLN A 168 -10.98 -10.53 8.57
N ARG A 169 -10.57 -9.28 8.36
CA ARG A 169 -11.04 -8.50 7.23
C ARG A 169 -10.54 -9.11 5.93
N THR A 170 -11.39 -9.09 4.90
CA THR A 170 -10.98 -9.61 3.60
C THR A 170 -10.91 -8.48 2.57
N ASP A 171 -12.07 -8.05 2.07
CA ASP A 171 -12.13 -6.97 1.09
C ASP A 171 -12.56 -5.65 1.68
N GLY A 172 -12.89 -5.61 2.97
CA GLY A 172 -13.39 -4.40 3.60
C GLY A 172 -14.89 -4.22 3.53
N LYS A 173 -15.58 -4.96 2.65
CA LYS A 173 -17.03 -4.92 2.60
C LYS A 173 -17.68 -6.03 3.43
N HIS A 174 -16.89 -6.97 3.94
CA HIS A 174 -17.41 -8.12 4.66
C HIS A 174 -16.92 -8.16 6.09
N ASP A 175 -16.69 -6.99 6.68
CA ASP A 175 -16.17 -6.92 8.04
C ASP A 175 -17.13 -7.51 9.06
N PHE A 176 -16.58 -8.25 10.01
CA PHE A 176 -17.23 -8.49 11.29
C PHE A 176 -16.92 -7.31 12.21
N ARG A 177 -17.96 -6.82 12.89
CA ARG A 177 -17.81 -5.74 13.87
C ARG A 177 -18.76 -5.95 15.02
N VAL A 178 -18.28 -5.71 16.25
CA VAL A 178 -19.15 -5.43 17.38
C VAL A 178 -19.35 -3.92 17.40
N TRP A 179 -20.59 -3.46 17.24
CA TRP A 179 -20.81 -2.02 17.19
C TRP A 179 -20.71 -1.38 18.56
N ASN A 180 -20.97 -2.13 19.63
CA ASN A 180 -20.74 -1.63 20.97
C ASN A 180 -19.27 -1.34 21.17
N SER A 181 -18.98 -0.32 22.00
CA SER A 181 -17.58 -0.02 22.30
C SER A 181 -17.04 -0.92 23.41
N GLN A 182 -17.92 -1.34 24.33
CA GLN A 182 -17.67 -2.45 25.23
C GLN A 182 -18.86 -3.40 25.20
N LEU A 183 -18.59 -4.67 25.51
CA LEU A 183 -19.67 -5.67 25.52
C LEU A 183 -20.78 -5.26 26.48
N ILE A 184 -20.43 -4.65 27.62
CA ILE A 184 -21.40 -4.26 28.63
C ILE A 184 -21.19 -2.78 28.97
N ARG A 185 -22.22 -1.98 28.70
CA ARG A 185 -22.25 -0.55 29.02
C ARG A 185 -23.70 -0.16 29.30
N TYR A 186 -23.88 1.00 29.93
CA TYR A 186 -25.22 1.49 30.27
C TYR A 186 -25.69 2.51 29.25
N ALA A 187 -26.99 2.48 28.97
CA ALA A 187 -27.59 3.38 28.00
C ALA A 187 -27.60 4.82 28.51
N GLY A 188 -27.73 5.75 27.58
CA GLY A 188 -27.84 7.16 27.92
C GLY A 188 -28.92 7.81 27.10
N TYR A 189 -29.73 8.66 27.73
CA TYR A 189 -30.94 9.16 27.11
C TYR A 189 -30.99 10.68 27.21
N LYS A 190 -31.31 11.34 26.10
CA LYS A 190 -31.54 12.77 26.09
C LYS A 190 -32.91 13.05 26.68
N GLN A 191 -32.96 13.85 27.75
CA GLN A 191 -34.21 14.17 28.41
C GLN A 191 -34.90 15.35 27.72
N PRO A 192 -36.24 15.41 27.79
CA PRO A 192 -36.96 16.53 27.16
C PRO A 192 -36.47 17.90 27.61
N ASP A 193 -36.15 18.07 28.90
CA ASP A 193 -35.73 19.38 29.38
C ASP A 193 -34.35 19.75 28.83
N GLY A 194 -33.42 18.81 28.82
CA GLY A 194 -32.12 19.09 28.24
C GLY A 194 -30.98 18.29 28.82
N SER A 195 -31.18 17.74 30.03
CA SER A 195 -30.15 16.97 30.70
C SER A 195 -30.03 15.59 30.04
N THR A 196 -29.32 14.68 30.70
CA THR A 196 -29.12 13.33 30.21
C THR A 196 -29.31 12.34 31.35
N LEU A 197 -30.02 11.25 31.06
CA LEU A 197 -30.21 10.15 31.99
C LEU A 197 -29.31 8.98 31.60
N GLY A 198 -28.68 8.36 32.59
CA GLY A 198 -27.74 7.27 32.34
C GLY A 198 -26.35 7.78 31.97
N ASP A 199 -25.72 7.12 30.98
CA ASP A 199 -24.34 7.40 30.62
C ASP A 199 -24.29 8.33 29.41
N PRO A 200 -23.92 9.61 29.57
CA PRO A 200 -23.95 10.53 28.41
C PRO A 200 -23.04 10.12 27.27
N ALA A 201 -21.98 9.36 27.55
CA ALA A 201 -21.07 8.92 26.51
C ALA A 201 -21.74 7.96 25.52
N ASN A 202 -22.86 7.35 25.89
CA ASN A 202 -23.52 6.38 25.04
C ASN A 202 -24.85 6.89 24.48
N VAL A 203 -25.06 8.21 24.50
CA VAL A 203 -26.33 8.75 23.98
C VAL A 203 -26.50 8.39 22.52
N GLN A 204 -25.45 8.54 21.72
CA GLN A 204 -25.57 8.27 20.29
C GLN A 204 -25.78 6.78 20.03
N PHE A 205 -25.00 5.93 20.68
CA PHE A 205 -25.17 4.50 20.48
C PHE A 205 -26.56 4.05 20.94
N THR A 206 -27.02 4.55 22.09
CA THR A 206 -28.37 4.25 22.55
C THR A 206 -29.42 4.64 21.51
N GLU A 207 -29.23 5.78 20.85
CA GLU A 207 -30.20 6.21 19.83
C GLU A 207 -30.22 5.26 18.65
N ILE A 208 -29.05 4.77 18.23
CA ILE A 208 -28.99 3.80 17.15
C ILE A 208 -29.76 2.55 17.53
N CYS A 209 -29.57 2.06 18.75
CA CYS A 209 -30.28 0.86 19.21
C CYS A 209 -31.78 1.09 19.25
N ILE A 210 -32.21 2.21 19.83
CA ILE A 210 -33.63 2.54 19.85
C ILE A 210 -34.17 2.60 18.44
N GLN A 211 -33.47 3.32 17.57
CA GLN A 211 -33.82 3.40 16.16
C GLN A 211 -33.72 2.06 15.45
N GLN A 212 -33.08 1.06 16.05
CA GLN A 212 -33.05 -0.28 15.47
C GLN A 212 -34.12 -1.18 16.03
N GLY A 213 -34.96 -0.68 16.92
CA GLY A 213 -36.04 -1.47 17.49
C GLY A 213 -35.86 -1.81 18.96
N TRP A 214 -34.79 -1.33 19.61
CA TRP A 214 -34.61 -1.62 21.03
C TRP A 214 -35.67 -0.88 21.82
N LYS A 215 -36.31 -1.58 22.76
CA LYS A 215 -37.27 -0.98 23.66
C LYS A 215 -36.54 -0.56 24.93
N PRO A 216 -36.27 0.73 25.09
CA PRO A 216 -35.50 1.20 26.23
C PRO A 216 -36.34 1.15 27.50
N PRO A 217 -35.81 0.55 28.58
CA PRO A 217 -36.42 0.77 29.90
C PRO A 217 -36.27 2.20 30.42
N ARG A 218 -35.40 3.01 29.82
CA ARG A 218 -35.25 4.43 30.15
C ARG A 218 -34.94 4.62 31.63
N GLY A 219 -33.93 3.90 32.11
CA GLY A 219 -33.41 4.06 33.45
C GLY A 219 -31.98 4.57 33.45
N ARG A 220 -31.41 4.61 34.67
CA ARG A 220 -30.07 5.16 34.85
C ARG A 220 -28.96 4.15 34.56
N PHE A 221 -29.27 2.85 34.63
CA PHE A 221 -28.29 1.78 34.43
C PHE A 221 -28.94 0.66 33.62
N ASP A 222 -29.30 0.98 32.37
CA ASP A 222 -29.91 0.00 31.47
C ASP A 222 -28.79 -0.64 30.66
N VAL A 223 -28.55 -1.93 30.88
CA VAL A 223 -27.53 -2.62 30.09
C VAL A 223 -27.93 -2.56 28.63
N LEU A 224 -27.03 -2.04 27.79
CA LEU A 224 -27.34 -1.93 26.39
C LEU A 224 -27.40 -3.31 25.73
N PRO A 225 -28.13 -3.43 24.63
CA PRO A 225 -28.09 -4.68 23.86
C PRO A 225 -26.80 -4.76 23.06
N LEU A 226 -26.52 -5.95 22.56
CA LEU A 226 -25.41 -6.12 21.62
C LEU A 226 -25.89 -5.84 20.20
N LEU A 227 -25.07 -5.10 19.44
CA LEU A 227 -25.33 -4.80 18.03
C LEU A 227 -24.21 -5.42 17.22
N LEU A 228 -24.52 -6.54 16.56
CA LEU A 228 -23.50 -7.42 15.99
C LEU A 228 -23.59 -7.44 14.48
N GLN A 229 -22.44 -7.25 13.83
CA GLN A 229 -22.33 -7.26 12.37
C GLN A 229 -21.41 -8.37 11.91
N ALA A 230 -21.95 -9.29 11.10
CA ALA A 230 -21.21 -10.43 10.56
C ALA A 230 -21.15 -10.31 9.04
N ASN A 231 -19.96 -10.54 8.49
CA ASN A 231 -19.74 -10.58 7.03
C ASN A 231 -20.34 -9.37 6.32
N GLY A 232 -20.15 -8.18 6.90
CA GLY A 232 -20.58 -6.95 6.28
C GLY A 232 -22.07 -6.69 6.23
N ASN A 233 -22.91 -7.61 6.72
CA ASN A 233 -24.34 -7.39 6.66
C ASN A 233 -24.79 -6.36 7.70
N ASP A 234 -26.04 -5.95 7.59
CA ASP A 234 -26.60 -5.02 8.58
C ASP A 234 -26.46 -5.60 9.98
N PRO A 235 -26.19 -4.78 10.99
CA PRO A 235 -26.07 -5.32 12.35
C PRO A 235 -27.41 -5.69 12.94
N GLU A 236 -27.37 -6.57 13.95
CA GLU A 236 -28.57 -7.12 14.56
C GLU A 236 -28.48 -7.02 16.08
N LEU A 237 -29.62 -6.75 16.72
CA LEU A 237 -29.69 -6.57 18.17
C LEU A 237 -29.90 -7.90 18.90
N PHE A 238 -29.21 -8.04 20.02
CA PHE A 238 -29.34 -9.18 20.93
C PHE A 238 -29.24 -8.69 22.36
N GLN A 239 -30.11 -9.21 23.22
CA GLN A 239 -30.03 -8.91 24.65
C GLN A 239 -29.16 -9.95 25.34
N ILE A 240 -28.14 -9.50 26.04
CA ILE A 240 -27.30 -10.41 26.85
C ILE A 240 -28.14 -10.95 27.99
N PRO A 241 -28.23 -12.26 28.18
CA PRO A 241 -28.95 -12.80 29.34
C PRO A 241 -28.45 -12.15 30.62
N PRO A 242 -29.35 -11.57 31.41
CA PRO A 242 -28.90 -10.79 32.57
C PRO A 242 -28.13 -11.61 33.59
N GLU A 243 -28.37 -12.93 33.65
CA GLU A 243 -27.61 -13.77 34.58
C GLU A 243 -26.15 -13.88 34.17
N LEU A 244 -25.79 -13.48 32.96
CA LEU A 244 -24.40 -13.40 32.57
C LEU A 244 -23.76 -12.05 32.88
N VAL A 245 -24.55 -11.03 33.24
CA VAL A 245 -24.03 -9.67 33.48
C VAL A 245 -23.92 -9.46 34.99
N LEU A 246 -22.72 -9.70 35.52
CA LEU A 246 -22.44 -9.48 36.94
C LEU A 246 -22.36 -7.98 37.25
N GLU A 247 -23.13 -7.56 38.26
CA GLU A 247 -23.15 -6.16 38.66
C GLU A 247 -22.90 -6.06 40.17
N VAL A 248 -22.24 -4.99 40.57
CA VAL A 248 -21.87 -4.73 41.96
C VAL A 248 -22.63 -3.50 42.42
N PRO A 249 -23.51 -3.60 43.41
CA PRO A 249 -24.09 -2.37 44.00
C PRO A 249 -23.06 -1.67 44.87
N ILE A 250 -23.04 -0.34 44.79
CA ILE A 250 -21.96 0.46 45.40
C ILE A 250 -22.41 0.97 46.77
N ARG A 251 -21.66 0.60 47.80
CA ARG A 251 -21.91 1.09 49.15
C ARG A 251 -20.58 1.48 49.79
N HIS A 252 -20.66 2.17 50.95
CA HIS A 252 -19.48 2.71 51.61
C HIS A 252 -19.28 2.08 52.98
N PRO A 253 -18.03 1.74 53.35
CA PRO A 253 -17.81 1.06 54.64
C PRO A 253 -18.09 1.93 55.85
N LYS A 254 -18.27 3.24 55.66
CA LYS A 254 -18.52 4.17 56.76
C LYS A 254 -19.84 4.90 56.61
N PHE A 255 -20.17 5.33 55.40
CA PHE A 255 -21.31 6.21 55.15
C PHE A 255 -22.51 5.34 54.80
N GLU A 256 -23.42 5.18 55.76
CA GLU A 256 -24.60 4.35 55.51
C GLU A 256 -25.50 4.95 54.44
N TRP A 257 -25.46 6.28 54.29
CA TRP A 257 -26.25 6.95 53.26
C TRP A 257 -25.75 6.70 51.85
N PHE A 258 -24.55 6.14 51.70
CA PHE A 258 -23.97 6.02 50.36
C PHE A 258 -24.76 5.06 49.49
N LYS A 259 -25.26 3.96 50.09
CA LYS A 259 -26.05 2.99 49.34
C LYS A 259 -27.27 3.64 48.71
N ASP A 260 -27.78 4.72 49.31
CA ASP A 260 -29.00 5.35 48.83
C ASP A 260 -28.79 6.23 47.60
N LEU A 261 -27.54 6.50 47.22
CA LEU A 261 -27.28 7.10 45.91
C LEU A 261 -27.73 6.21 44.77
N GLY A 262 -27.92 4.91 45.04
CA GLY A 262 -28.39 3.97 44.04
C GLY A 262 -27.43 3.75 42.89
N LEU A 263 -26.13 3.68 43.18
CA LEU A 263 -25.15 3.42 42.15
C LEU A 263 -24.84 1.93 42.07
N LYS A 264 -24.58 1.47 40.85
CA LYS A 264 -23.99 0.16 40.62
C LYS A 264 -23.04 0.27 39.44
N TRP A 265 -22.20 -0.75 39.27
CA TRP A 265 -21.43 -0.89 38.04
C TRP A 265 -21.34 -2.35 37.68
N TYR A 266 -20.89 -2.62 36.46
CA TYR A 266 -20.73 -3.99 36.01
C TYR A 266 -19.30 -4.45 36.30
N GLY A 267 -19.15 -5.77 36.46
CA GLY A 267 -17.86 -6.32 36.85
C GLY A 267 -16.87 -6.55 35.73
N LEU A 268 -17.34 -6.74 34.49
CA LEU A 268 -16.45 -7.16 33.40
C LEU A 268 -16.15 -6.00 32.46
N PRO A 269 -14.91 -5.45 32.42
CA PRO A 269 -14.56 -4.50 31.36
C PRO A 269 -14.13 -5.24 30.10
N ALA A 270 -14.86 -5.09 29.01
CA ALA A 270 -14.66 -5.91 27.81
C ALA A 270 -14.61 -5.00 26.59
N VAL A 271 -13.40 -4.62 26.17
CA VAL A 271 -13.27 -3.71 25.03
C VAL A 271 -13.59 -4.44 23.74
N SER A 272 -14.47 -3.85 22.92
CA SER A 272 -14.92 -4.58 21.74
C SER A 272 -14.93 -3.73 20.48
N ASN A 273 -14.29 -2.57 20.46
CA ASN A 273 -14.29 -1.78 19.24
C ASN A 273 -12.89 -1.60 18.66
N MET A 274 -11.91 -2.33 19.17
CA MET A 274 -10.54 -2.17 18.69
C MET A 274 -10.21 -3.21 17.63
N LEU A 275 -9.10 -2.99 16.95
CA LEU A 275 -8.68 -3.85 15.84
C LEU A 275 -7.38 -4.54 16.21
N LEU A 276 -7.33 -5.85 16.00
CA LEU A 276 -6.14 -6.65 16.29
C LEU A 276 -5.39 -6.89 14.99
N GLU A 277 -4.12 -6.49 14.95
CA GLU A 277 -3.32 -6.57 13.75
C GLU A 277 -2.19 -7.56 13.97
N ILE A 278 -2.16 -8.62 13.15
CA ILE A 278 -1.14 -9.66 13.22
C ILE A 278 -0.66 -9.97 11.80
N GLY A 279 0.63 -9.76 11.56
CA GLY A 279 1.23 -10.10 10.28
C GLY A 279 0.53 -9.51 9.08
N GLY A 280 0.02 -8.29 9.20
CA GLY A 280 -0.74 -7.68 8.13
C GLY A 280 -2.20 -8.06 8.08
N LEU A 281 -2.64 -9.04 8.87
CA LEU A 281 -4.05 -9.38 8.96
C LEU A 281 -4.73 -8.47 9.97
N GLU A 282 -5.97 -8.09 9.67
CA GLU A 282 -6.75 -7.18 10.50
C GLU A 282 -7.98 -7.90 11.00
N PHE A 283 -8.03 -8.16 12.31
CA PHE A 283 -9.19 -8.75 12.96
C PHE A 283 -10.02 -7.63 13.56
N SER A 284 -11.11 -7.25 12.86
CA SER A 284 -11.92 -6.09 13.18
C SER A 284 -12.91 -6.33 14.32
N ALA A 285 -13.11 -7.58 14.72
CA ALA A 285 -13.94 -7.89 15.88
C ALA A 285 -13.13 -8.81 16.77
N CYS A 286 -12.68 -8.29 17.90
CA CYS A 286 -11.81 -9.05 18.79
C CYS A 286 -12.06 -8.65 20.24
N PRO A 287 -13.27 -8.85 20.76
CA PRO A 287 -13.56 -8.38 22.13
C PRO A 287 -12.61 -9.03 23.13
N PHE A 288 -12.00 -8.20 23.98
CA PHE A 288 -11.09 -8.67 25.01
C PHE A 288 -11.46 -8.09 26.36
N SER A 289 -11.23 -8.86 27.42
CA SER A 289 -11.71 -8.47 28.73
C SER A 289 -10.67 -8.84 29.76
N GLY A 290 -10.66 -8.10 30.86
CA GLY A 290 -9.83 -8.38 32.01
C GLY A 290 -10.58 -8.14 33.31
N TRP A 291 -10.03 -7.29 34.18
CA TRP A 291 -10.73 -6.86 35.38
C TRP A 291 -10.35 -5.42 35.68
N TYR A 292 -11.24 -4.71 36.37
CA TYR A 292 -11.12 -3.27 36.55
C TYR A 292 -10.00 -2.89 37.51
N MET A 293 -9.36 -1.76 37.21
CA MET A 293 -8.74 -0.92 38.24
C MET A 293 -9.81 0.03 38.77
N GLY A 294 -9.88 0.15 40.10
CA GLY A 294 -10.96 0.89 40.73
C GLY A 294 -11.13 2.31 40.21
N THR A 295 -10.03 2.97 39.84
CA THR A 295 -10.12 4.37 39.40
C THR A 295 -10.94 4.50 38.13
N GLU A 296 -10.94 3.48 37.26
CA GLU A 296 -11.71 3.57 36.02
C GLU A 296 -13.18 3.86 36.31
N ILE A 297 -13.75 3.20 37.31
CA ILE A 297 -15.14 3.42 37.70
C ILE A 297 -15.26 4.65 38.59
N GLY A 298 -14.49 4.69 39.68
CA GLY A 298 -14.71 5.69 40.69
C GLY A 298 -14.25 7.09 40.31
N VAL A 299 -13.22 7.19 39.47
CA VAL A 299 -12.72 8.48 39.02
C VAL A 299 -13.33 8.87 37.66
N ARG A 300 -13.14 8.02 36.64
CA ARG A 300 -13.53 8.41 35.29
C ARG A 300 -15.02 8.22 35.05
N ASP A 301 -15.53 6.98 35.22
CA ASP A 301 -16.94 6.73 34.95
C ASP A 301 -17.84 7.57 35.85
N TYR A 302 -17.53 7.64 37.13
CA TYR A 302 -18.42 8.33 38.04
C TYR A 302 -18.18 9.84 38.08
N CYS A 303 -16.94 10.30 37.92
CA CYS A 303 -16.63 11.69 38.25
C CYS A 303 -16.22 12.58 37.09
N ASP A 304 -16.02 12.05 35.88
CA ASP A 304 -15.90 12.93 34.72
C ASP A 304 -17.15 13.80 34.61
N ASN A 305 -16.93 15.06 34.18
CA ASN A 305 -18.05 15.98 34.03
C ASN A 305 -19.05 15.49 32.99
N SER A 306 -18.56 14.86 31.92
CA SER A 306 -19.42 14.43 30.83
C SER A 306 -19.77 12.94 30.92
N ARG A 307 -19.57 12.33 32.07
CA ARG A 307 -20.04 10.97 32.35
C ARG A 307 -21.11 11.05 33.46
N TYR A 308 -21.03 10.26 34.52
CA TYR A 308 -22.14 10.25 35.48
C TYR A 308 -22.10 11.43 36.45
N ASN A 309 -20.95 12.09 36.60
CA ASN A 309 -20.88 13.45 37.16
C ASN A 309 -21.46 13.54 38.57
N ILE A 310 -21.06 12.62 39.44
CA ILE A 310 -21.73 12.49 40.74
C ILE A 310 -21.05 13.28 41.87
N LEU A 311 -19.97 14.02 41.58
CA LEU A 311 -19.23 14.69 42.66
C LEU A 311 -20.12 15.63 43.46
N GLU A 312 -20.88 16.50 42.77
CA GLU A 312 -21.78 17.43 43.44
C GLU A 312 -22.69 16.72 44.44
N GLU A 313 -23.34 15.65 44.00
CA GLU A 313 -24.25 14.90 44.87
C GLU A 313 -23.52 14.36 46.09
N VAL A 314 -22.38 13.70 45.88
CA VAL A 314 -21.69 13.03 46.97
C VAL A 314 -21.19 14.04 47.98
N ALA A 315 -20.63 15.15 47.50
CA ALA A 315 -20.14 16.20 48.40
C ALA A 315 -21.27 16.77 49.25
N LYS A 316 -22.42 17.08 48.63
CA LYS A 316 -23.60 17.52 49.37
C LYS A 316 -23.86 16.64 50.59
N LYS A 317 -24.04 15.34 50.35
CA LYS A 317 -24.29 14.38 51.41
C LYS A 317 -23.14 14.32 52.42
N MET A 318 -21.92 14.67 52.01
CA MET A 318 -20.79 14.68 52.92
C MET A 318 -20.69 15.97 53.74
N ASN A 319 -21.53 16.96 53.44
CA ASN A 319 -21.56 18.23 54.16
C ASN A 319 -20.22 18.96 54.06
N LEU A 320 -19.78 19.16 52.82
CA LEU A 320 -18.54 19.87 52.55
C LEU A 320 -18.84 21.29 52.09
N ASP A 321 -17.85 22.17 52.27
CA ASP A 321 -17.93 23.56 51.82
C ASP A 321 -17.71 23.58 50.31
N MET A 322 -18.79 23.66 49.53
CA MET A 322 -18.67 23.68 48.07
C MET A 322 -18.72 25.10 47.52
N ARG A 323 -18.29 26.08 48.31
CA ARG A 323 -18.39 27.47 47.90
C ARG A 323 -17.23 27.89 47.01
N LYS A 324 -16.03 27.38 47.29
CA LYS A 324 -14.82 27.69 46.54
C LYS A 324 -14.10 26.40 46.23
N THR A 325 -13.29 26.41 45.17
CA THR A 325 -12.54 25.20 44.84
C THR A 325 -11.50 24.88 45.91
N SER A 326 -10.96 25.89 46.60
CA SER A 326 -9.82 25.69 47.49
C SER A 326 -10.15 24.82 48.70
N SER A 327 -11.43 24.63 49.04
CA SER A 327 -11.75 23.68 50.11
C SER A 327 -11.44 22.23 49.72
N LEU A 328 -11.11 22.00 48.44
CA LEU A 328 -10.84 20.66 47.89
C LEU A 328 -12.03 19.71 48.11
N TRP A 329 -13.24 20.27 48.14
CA TRP A 329 -14.44 19.44 48.29
C TRP A 329 -14.56 18.40 47.17
N LYS A 330 -14.09 18.74 45.96
CA LYS A 330 -14.10 17.74 44.89
C LYS A 330 -13.13 16.59 45.18
N ASP A 331 -11.95 16.91 45.69
CA ASP A 331 -10.94 15.89 45.93
C ASP A 331 -11.35 14.97 47.06
N GLN A 332 -12.01 15.53 48.07
CA GLN A 332 -12.41 14.77 49.25
C GLN A 332 -13.50 13.76 48.91
N ALA A 333 -14.55 14.24 48.24
CA ALA A 333 -15.59 13.34 47.76
C ALA A 333 -15.01 12.29 46.82
N LEU A 334 -14.09 12.70 45.95
CA LEU A 334 -13.49 11.77 44.99
C LEU A 334 -12.86 10.58 45.70
N VAL A 335 -12.15 10.80 46.79
CA VAL A 335 -11.52 9.69 47.51
C VAL A 335 -12.59 8.73 48.04
N GLU A 336 -13.60 9.26 48.73
CA GLU A 336 -14.64 8.42 49.34
C GLU A 336 -15.34 7.57 48.29
N ILE A 337 -15.63 8.15 47.13
CA ILE A 337 -16.26 7.39 46.06
C ILE A 337 -15.40 6.20 45.67
N ASN A 338 -14.10 6.43 45.52
CA ASN A 338 -13.22 5.34 45.12
C ASN A 338 -13.00 4.32 46.24
N ILE A 339 -13.10 4.76 47.50
CA ILE A 339 -13.10 3.80 48.61
C ILE A 339 -14.31 2.89 48.51
N ALA A 340 -15.48 3.47 48.23
CA ALA A 340 -16.71 2.69 48.16
C ALA A 340 -16.66 1.66 47.02
N VAL A 341 -16.06 2.02 45.90
CA VAL A 341 -16.03 1.09 44.77
C VAL A 341 -15.19 -0.13 45.12
N LEU A 342 -13.98 0.09 45.64
CA LEU A 342 -13.13 -1.02 46.06
C LEU A 342 -13.80 -1.88 47.12
N TYR A 343 -14.34 -1.24 48.17
CA TYR A 343 -15.01 -1.97 49.23
C TYR A 343 -16.18 -2.79 48.69
N SER A 344 -16.90 -2.25 47.70
CA SER A 344 -18.08 -2.95 47.20
C SER A 344 -17.68 -4.17 46.39
N PHE A 345 -16.81 -3.99 45.39
CA PHE A 345 -16.32 -5.13 44.62
C PHE A 345 -15.68 -6.18 45.53
N GLN A 346 -14.86 -5.75 46.48
CA GLN A 346 -14.20 -6.71 47.36
C GLN A 346 -15.21 -7.41 48.28
N SER A 347 -16.26 -6.71 48.69
CA SER A 347 -17.28 -7.34 49.52
C SER A 347 -17.99 -8.46 48.78
N ASP A 348 -18.27 -8.27 47.49
CA ASP A 348 -18.96 -9.27 46.68
C ASP A 348 -18.02 -10.24 45.99
N LYS A 349 -16.73 -10.22 46.35
CA LYS A 349 -15.74 -11.13 45.78
C LYS A 349 -15.77 -11.06 44.25
N VAL A 350 -15.71 -9.85 43.72
CA VAL A 350 -15.53 -9.62 42.29
C VAL A 350 -14.13 -9.05 42.11
N THR A 351 -13.36 -9.63 41.19
CA THR A 351 -11.97 -9.21 41.03
C THR A 351 -11.89 -7.72 40.73
N ILE A 352 -11.04 -7.03 41.50
CA ILE A 352 -10.73 -5.62 41.28
C ILE A 352 -9.35 -5.37 41.87
N VAL A 353 -8.64 -4.39 41.30
CA VAL A 353 -7.32 -4.00 41.79
C VAL A 353 -7.33 -2.50 42.04
N ASP A 354 -6.73 -2.07 43.14
CA ASP A 354 -6.59 -0.64 43.35
C ASP A 354 -5.42 -0.08 42.53
N HIS A 355 -5.36 1.25 42.45
CA HIS A 355 -4.29 1.86 41.67
C HIS A 355 -2.94 1.78 42.37
N HIS A 356 -2.90 1.59 43.68
CA HIS A 356 -1.61 1.39 44.33
C HIS A 356 -1.01 0.03 43.95
N SER A 357 -1.81 -1.03 44.04
CA SER A 357 -1.31 -2.36 43.68
CA SER A 357 -1.29 -2.35 43.68
C SER A 357 -1.01 -2.46 42.19
N ALA A 358 -1.92 -1.93 41.35
CA ALA A 358 -1.73 -2.03 39.90
C ALA A 358 -0.45 -1.34 39.44
N THR A 359 -0.18 -0.14 39.96
CA THR A 359 1.00 0.59 39.48
C THR A 359 2.29 -0.07 39.99
N GLU A 360 2.29 -0.56 41.22
CA GLU A 360 3.42 -1.33 41.72
C GLU A 360 3.64 -2.59 40.87
N SER A 361 2.56 -3.27 40.47
CA SER A 361 2.74 -4.45 39.62
C SER A 361 3.39 -4.07 38.31
N PHE A 362 3.01 -2.91 37.76
CA PHE A 362 3.51 -2.53 36.46
C PHE A 362 5.00 -2.21 36.51
N ILE A 363 5.46 -1.52 37.58
CA ILE A 363 6.89 -1.29 37.75
C ILE A 363 7.64 -2.61 37.71
N LYS A 364 7.15 -3.60 38.45
CA LYS A 364 7.74 -4.94 38.41
C LYS A 364 7.71 -5.53 37.01
N HIS A 365 6.59 -5.37 36.30
CA HIS A 365 6.51 -5.82 34.91
C HIS A 365 7.57 -5.12 34.05
N MET A 366 7.70 -3.80 34.19
CA MET A 366 8.74 -3.07 33.44
C MET A 366 10.11 -3.66 33.69
N GLU A 367 10.45 -3.92 34.95
CA GLU A 367 11.75 -4.51 35.26
C GLU A 367 11.92 -5.86 34.59
N ASN A 368 10.88 -6.70 34.65
CA ASN A 368 10.96 -8.02 34.03
C ASN A 368 11.22 -7.89 32.53
N GLU A 369 10.54 -6.94 31.88
CA GLU A 369 10.65 -6.81 30.43
C GLU A 369 12.01 -6.25 30.03
N TYR A 370 12.53 -5.27 30.77
CA TYR A 370 13.87 -4.80 30.44
C TYR A 370 14.88 -5.92 30.65
N ARG A 371 14.67 -6.76 31.66
CA ARG A 371 15.62 -7.82 31.94
C ARG A 371 15.60 -8.89 30.85
N CYS A 372 14.41 -9.35 30.46
CA CYS A 372 14.33 -10.46 29.51
CA CYS A 372 14.32 -10.45 29.51
C CYS A 372 14.22 -9.99 28.06
N ARG A 373 13.64 -8.82 27.80
CA ARG A 373 13.33 -8.39 26.44
C ARG A 373 14.09 -7.13 25.99
N GLY A 374 14.76 -6.43 26.90
CA GLY A 374 15.48 -5.23 26.50
C GLY A 374 14.61 -4.00 26.31
N GLY A 375 13.41 -3.98 26.88
CA GLY A 375 12.54 -2.84 26.74
C GLY A 375 11.10 -3.17 27.06
N CYS A 376 10.34 -2.12 27.35
CA CYS A 376 8.91 -2.21 27.58
C CYS A 376 8.21 -0.92 27.18
N PRO A 377 7.50 -0.90 26.05
CA PRO A 377 6.84 0.34 25.61
C PRO A 377 5.71 0.73 26.56
N ALA A 378 5.71 2.00 26.97
CA ALA A 378 4.75 2.47 27.98
C ALA A 378 4.46 3.95 27.75
N ASP A 379 3.17 4.29 27.87
CA ASP A 379 2.63 5.62 27.62
C ASP A 379 2.33 6.22 28.99
N TRP A 380 3.27 7.03 29.51
CA TRP A 380 3.11 7.64 30.83
C TRP A 380 1.74 8.30 30.98
N VAL A 381 1.30 9.02 29.95
CA VAL A 381 0.05 9.77 30.02
C VAL A 381 -1.12 8.87 30.39
N TRP A 382 -1.12 7.61 29.90
CA TRP A 382 -2.19 6.66 30.17
C TRP A 382 -1.93 5.78 31.38
N ILE A 383 -0.66 5.48 31.69
CA ILE A 383 -0.35 4.56 32.77
C ILE A 383 -0.61 5.22 34.13
N VAL A 384 -0.23 6.49 34.29
CA VAL A 384 -0.42 7.16 35.59
C VAL A 384 -1.90 7.28 35.88
N PRO A 385 -2.36 6.84 37.05
CA PRO A 385 -3.79 6.84 37.35
C PRO A 385 -4.36 8.24 37.41
N PRO A 386 -5.66 8.40 37.19
CA PRO A 386 -6.26 9.74 37.17
C PRO A 386 -6.53 10.35 38.55
N MET A 387 -6.10 9.72 39.65
CA MET A 387 -6.07 10.40 40.95
C MET A 387 -4.80 9.99 41.66
N SER A 388 -4.37 10.85 42.60
CA SER A 388 -3.23 10.57 43.48
C SER A 388 -1.99 10.19 42.69
N GLY A 389 -1.79 10.85 41.56
CA GLY A 389 -0.73 10.46 40.64
C GLY A 389 0.62 10.25 41.30
N SER A 390 1.13 11.25 42.02
CA SER A 390 2.51 11.14 42.43
C SER A 390 2.70 10.30 43.70
N ILE A 391 1.64 9.82 44.36
CA ILE A 391 1.86 8.88 45.44
C ILE A 391 1.77 7.46 44.91
N THR A 392 1.74 7.30 43.54
CA THR A 392 1.93 5.99 42.90
C THR A 392 3.31 5.93 42.26
N PRO A 393 3.94 4.76 42.17
CA PRO A 393 5.35 4.74 41.74
C PRO A 393 5.52 5.06 40.27
N VAL A 394 4.50 4.83 39.43
CA VAL A 394 4.66 5.06 38.00
C VAL A 394 4.83 6.54 37.69
N PHE A 395 4.30 7.43 38.53
CA PHE A 395 4.46 8.87 38.30
C PHE A 395 5.93 9.24 38.23
N HIS A 396 6.77 8.58 39.03
CA HIS A 396 8.19 8.88 39.14
C HIS A 396 9.05 8.04 38.19
N GLN A 397 8.43 7.27 37.30
CA GLN A 397 9.15 6.37 36.40
C GLN A 397 9.18 6.98 34.99
N GLU A 398 10.37 7.25 34.48
CA GLU A 398 10.48 7.62 33.08
C GLU A 398 10.12 6.40 32.22
N MET A 399 9.47 6.66 31.08
CA MET A 399 9.04 5.61 30.17
C MET A 399 9.29 6.03 28.73
N LEU A 400 9.71 5.07 27.91
CA LEU A 400 9.79 5.24 26.47
C LEU A 400 8.55 4.64 25.83
N ASN A 401 8.00 5.32 24.83
CA ASN A 401 6.84 4.84 24.09
C ASN A 401 7.21 4.65 22.63
N TYR A 402 6.82 3.50 22.08
CA TYR A 402 7.06 3.13 20.69
C TYR A 402 6.10 1.99 20.34
N ARG A 403 5.91 1.77 19.04
CA ARG A 403 4.83 0.91 18.55
C ARG A 403 5.40 -0.39 17.99
N LEU A 404 5.12 -1.49 18.68
CA LEU A 404 5.57 -2.83 18.29
C LEU A 404 4.39 -3.61 17.73
N THR A 405 4.69 -4.51 16.78
CA THR A 405 3.65 -5.35 16.21
C THR A 405 3.88 -6.81 16.61
N PRO A 406 2.82 -7.62 16.80
CA PRO A 406 1.37 -7.40 16.72
C PRO A 406 0.86 -6.31 17.66
N SER A 407 -0.36 -5.82 17.41
CA SER A 407 -0.87 -4.72 18.21
C SER A 407 -2.39 -4.63 18.10
N PHE A 408 -2.97 -3.94 19.08
CA PHE A 408 -4.34 -3.43 19.00
C PHE A 408 -4.33 -1.98 18.52
N GLU A 409 -5.21 -1.67 17.57
CA GLU A 409 -5.33 -0.35 16.98
C GLU A 409 -6.75 0.17 17.14
N TYR A 410 -6.90 1.49 17.04
CA TYR A 410 -8.22 2.07 16.89
C TYR A 410 -8.70 1.89 15.46
N GLN A 411 -10.02 1.96 15.28
CA GLN A 411 -10.67 1.86 13.98
C GLN A 411 -11.89 2.75 14.02
N PRO A 412 -12.42 3.14 12.86
CA PRO A 412 -13.58 4.05 12.85
C PRO A 412 -14.81 3.37 13.44
N ASP A 413 -15.69 4.20 14.02
CA ASP A 413 -16.99 3.70 14.45
C ASP A 413 -17.75 3.23 13.21
N PRO A 414 -18.33 2.02 13.23
CA PRO A 414 -18.89 1.47 11.99
C PRO A 414 -20.08 2.24 11.46
N TRP A 415 -20.79 3.03 12.27
CA TRP A 415 -21.91 3.76 11.69
C TRP A 415 -21.46 4.96 10.87
N ASN A 416 -20.19 5.33 10.92
CA ASN A 416 -19.65 6.35 10.03
C ASN A 416 -19.29 5.79 8.66
N THR A 417 -19.23 4.46 8.51
CA THR A 417 -18.75 3.82 7.31
C THR A 417 -19.72 2.84 6.68
N HIS A 418 -20.68 2.30 7.44
CA HIS A 418 -21.53 1.22 6.96
C HIS A 418 -22.58 1.76 5.98
N VAL A 419 -22.61 1.18 4.78
CA VAL A 419 -23.69 1.46 3.83
C VAL A 419 -24.80 0.45 4.09
N TRP A 420 -25.92 0.93 4.65
CA TRP A 420 -27.00 0.05 5.06
C TRP A 420 -27.66 -0.62 3.85
N LYS A 421 -28.28 -1.76 4.09
CA LYS A 421 -28.95 -2.51 3.03
C LYS A 421 -30.47 -2.48 3.18
N ARG B 3 1.31 24.08 6.92
CA ARG B 3 0.72 22.99 7.68
C ARG B 3 0.08 23.50 8.98
N PHE B 4 -0.90 22.75 9.47
CA PHE B 4 -1.62 23.04 10.70
C PHE B 4 -1.66 21.75 11.52
N LEU B 5 -1.67 21.88 12.84
CA LEU B 5 -1.93 20.75 13.73
C LEU B 5 -3.11 21.07 14.63
N LYS B 6 -4.00 20.09 14.81
CA LYS B 6 -5.16 20.27 15.66
C LYS B 6 -4.96 19.56 16.98
N VAL B 7 -5.46 20.18 18.04
CA VAL B 7 -5.57 19.55 19.34
C VAL B 7 -7.02 19.68 19.77
N LYS B 8 -7.50 18.71 20.52
CA LYS B 8 -8.89 18.62 20.93
C LYS B 8 -8.97 18.51 22.46
N ASN B 9 -10.00 19.11 23.03
CA ASN B 9 -10.36 18.85 24.42
C ASN B 9 -11.47 17.81 24.41
N TRP B 10 -11.22 16.66 25.02
CA TRP B 10 -12.18 15.56 25.00
C TRP B 10 -13.31 15.74 26.02
N GLU B 11 -13.23 16.75 26.87
CA GLU B 11 -14.34 17.08 27.76
C GLU B 11 -15.33 18.04 27.07
N THR B 12 -14.81 19.07 26.40
CA THR B 12 -15.64 20.10 25.77
C THR B 12 -15.80 19.94 24.28
N GLU B 13 -14.96 19.12 23.63
CA GLU B 13 -14.89 18.95 22.18
C GLU B 13 -14.40 20.20 21.45
N VAL B 14 -13.88 21.20 22.16
CA VAL B 14 -13.22 22.32 21.51
C VAL B 14 -11.98 21.82 20.77
N VAL B 15 -11.78 22.31 19.55
CA VAL B 15 -10.61 22.01 18.74
C VAL B 15 -9.89 23.32 18.44
N LEU B 16 -8.58 23.34 18.65
CA LEU B 16 -7.72 24.50 18.41
C LEU B 16 -6.67 24.13 17.35
N THR B 17 -6.20 25.14 16.62
CA THR B 17 -5.33 24.89 15.48
C THR B 17 -3.98 25.56 15.73
N ASP B 18 -2.93 24.76 15.70
CA ASP B 18 -1.60 25.22 16.06
C ASP B 18 -0.78 25.45 14.80
N THR B 19 -0.42 26.72 14.57
CA THR B 19 0.58 27.08 13.57
C THR B 19 1.91 27.49 14.18
N LEU B 20 1.94 27.81 15.48
CA LEU B 20 3.16 28.29 16.10
C LEU B 20 4.29 27.26 16.08
N HIS B 21 3.96 25.96 16.00
CA HIS B 21 4.99 24.93 16.06
C HIS B 21 5.96 25.01 14.91
N LEU B 22 5.56 25.66 13.81
CA LEU B 22 6.46 25.83 12.67
C LEU B 22 7.65 26.72 13.02
N LYS B 23 7.53 27.53 14.06
CA LYS B 23 8.60 28.39 14.52
C LYS B 23 9.58 27.68 15.42
N SER B 24 9.38 26.41 15.73
CA SER B 24 10.19 25.80 16.77
C SER B 24 11.59 25.49 16.24
N THR B 25 12.49 25.23 17.19
CA THR B 25 13.91 25.47 17.02
C THR B 25 14.75 24.23 17.30
N LEU B 26 14.98 23.95 18.59
CA LEU B 26 15.82 22.85 19.06
C LEU B 26 15.00 21.57 19.07
N GLU B 27 15.46 20.57 19.80
CA GLU B 27 14.87 19.25 19.78
C GLU B 27 14.02 19.04 21.02
N THR B 28 12.98 18.21 20.86
CA THR B 28 12.17 17.73 21.97
C THR B 28 12.80 16.52 22.64
N GLY B 29 13.68 15.81 21.95
CA GLY B 29 14.16 14.52 22.41
C GLY B 29 13.46 13.35 21.75
N CYS B 30 12.25 13.55 21.26
CA CYS B 30 11.56 12.47 20.56
C CYS B 30 12.14 12.29 19.17
N THR B 31 11.84 11.14 18.57
CA THR B 31 12.11 10.84 17.18
C THR B 31 10.78 10.46 16.51
N GLU B 32 10.85 10.18 15.21
CA GLU B 32 9.66 9.78 14.49
C GLU B 32 9.11 8.44 14.99
N TYR B 33 9.95 7.61 15.62
CA TYR B 33 9.55 6.28 16.03
C TYR B 33 9.62 6.04 17.53
N ILE B 34 10.02 7.04 18.32
CA ILE B 34 10.07 6.91 19.78
C ILE B 34 9.64 8.23 20.40
N CYS B 35 8.75 8.17 21.39
CA CYS B 35 8.34 9.32 22.16
C CYS B 35 9.02 9.29 23.52
N MET B 36 9.66 10.41 23.88
CA MET B 36 10.35 10.53 25.15
C MET B 36 9.68 11.58 26.03
N GLY B 37 8.38 11.80 25.80
CA GLY B 37 7.61 12.79 26.53
C GLY B 37 7.70 12.72 28.05
N SER B 38 8.05 11.56 28.62
CA SER B 38 8.12 11.47 30.08
C SER B 38 9.54 11.49 30.61
N ILE B 39 10.53 11.73 29.74
CA ILE B 39 11.92 11.81 30.18
C ILE B 39 12.17 13.21 30.76
N MET B 40 12.70 13.25 31.98
CA MET B 40 12.84 14.54 32.67
C MET B 40 13.88 15.44 32.00
N HIS B 41 15.04 14.87 31.63
CA HIS B 41 16.13 15.62 31.01
C HIS B 41 16.60 14.90 29.76
N PRO B 42 15.95 15.10 28.62
CA PRO B 42 16.37 14.40 27.40
C PRO B 42 17.53 15.07 26.68
N SER B 43 17.51 15.00 25.34
CA SER B 43 18.51 15.58 24.43
C SER B 43 19.84 14.79 24.43
N ASP B 51 32.26 24.89 24.23
CA ASP B 51 31.69 25.31 25.50
C ASP B 51 30.67 26.44 25.30
N VAL B 52 31.05 27.47 24.53
CA VAL B 52 30.18 28.60 24.24
C VAL B 52 30.21 28.86 22.74
N ALA B 53 29.23 29.63 22.28
CA ALA B 53 28.94 29.74 20.85
C ALA B 53 30.01 30.55 20.12
N THR B 54 30.25 30.19 18.86
CA THR B 54 31.21 30.90 18.03
C THR B 54 30.56 32.14 17.42
N LYS B 55 31.39 32.96 16.77
CA LYS B 55 30.88 34.13 16.08
C LYS B 55 29.85 33.74 15.03
N ASP B 56 30.09 32.64 14.31
CA ASP B 56 29.19 32.25 13.22
C ASP B 56 27.88 31.69 13.75
N GLN B 57 27.92 30.95 14.87
CA GLN B 57 26.70 30.46 15.46
C GLN B 57 25.84 31.60 16.02
N LEU B 58 26.46 32.69 16.47
CA LEU B 58 25.71 33.72 17.19
C LEU B 58 24.91 34.61 16.24
N PHE B 59 25.44 34.90 15.03
CA PHE B 59 24.78 35.79 14.07
C PHE B 59 23.33 35.40 13.79
N PRO B 60 23.04 34.18 13.31
CA PRO B 60 21.64 33.86 13.00
C PRO B 60 20.76 33.80 14.23
N LEU B 61 21.32 33.47 15.39
CA LEU B 61 20.52 33.47 16.61
C LEU B 61 20.13 34.89 17.00
N ALA B 62 21.10 35.82 16.95
CA ALA B 62 20.79 37.20 17.28
C ALA B 62 19.78 37.77 16.29
N LYS B 63 19.96 37.48 15.01
CA LYS B 63 19.05 38.02 14.01
C LYS B 63 17.62 37.56 14.28
N GLU B 64 17.45 36.26 14.51
CA GLU B 64 16.11 35.72 14.74
C GLU B 64 15.44 36.43 15.91
N PHE B 65 16.17 36.65 17.00
CA PHE B 65 15.58 37.33 18.15
C PHE B 65 15.26 38.78 17.84
N ILE B 66 16.22 39.53 17.29
CA ILE B 66 15.95 40.92 16.93
C ILE B 66 14.78 41.01 15.95
N ASP B 67 14.71 40.09 14.99
CA ASP B 67 13.59 40.08 14.06
C ASP B 67 12.27 39.89 14.80
N GLN B 68 12.23 38.96 15.76
CA GLN B 68 10.95 38.71 16.42
C GLN B 68 10.60 39.84 17.38
N TYR B 69 11.59 40.45 18.02
CA TYR B 69 11.30 41.61 18.86
C TYR B 69 10.71 42.74 18.03
N TYR B 70 11.29 43.03 16.87
CA TYR B 70 10.76 44.12 16.08
C TYR B 70 9.43 43.78 15.42
N SER B 71 9.15 42.49 15.24
CA SER B 71 7.83 42.10 14.74
C SER B 71 6.78 42.27 15.83
N SER B 72 7.12 41.92 17.07
CA SER B 72 6.18 42.06 18.19
C SER B 72 5.77 43.52 18.44
N ILE B 73 6.61 44.48 18.11
CA ILE B 73 6.31 45.88 18.36
C ILE B 73 5.91 46.61 17.07
N LYS B 74 5.52 45.87 16.04
CA LYS B 74 5.01 46.44 14.78
C LYS B 74 6.00 47.43 14.17
N ARG B 75 7.27 47.00 14.12
CA ARG B 75 8.32 47.81 13.50
C ARG B 75 9.22 46.95 12.62
N PHE B 76 8.73 45.80 12.17
CA PHE B 76 9.54 44.93 11.32
C PHE B 76 9.84 45.64 10.00
N GLY B 77 11.12 45.68 9.64
CA GLY B 77 11.55 46.42 8.47
C GLY B 77 11.79 47.89 8.71
N SER B 78 11.50 48.41 9.90
CA SER B 78 11.66 49.83 10.20
C SER B 78 13.14 50.24 10.13
N LYS B 79 13.35 51.56 10.12
CA LYS B 79 14.71 52.07 10.18
C LYS B 79 15.41 51.61 11.45
N ALA B 80 14.70 51.61 12.58
CA ALA B 80 15.29 51.19 13.84
C ALA B 80 15.57 49.69 13.84
N HIS B 81 14.72 48.90 13.19
CA HIS B 81 14.98 47.47 13.06
C HIS B 81 16.30 47.23 12.34
N MET B 82 16.45 47.85 11.16
CA MET B 82 17.62 47.59 10.32
C MET B 82 18.91 48.08 10.98
N GLU B 83 18.84 49.21 11.71
CA GLU B 83 20.04 49.70 12.37
C GLU B 83 20.40 48.85 13.56
N ARG B 84 19.40 48.36 14.29
CA ARG B 84 19.68 47.46 15.39
C ARG B 84 20.38 46.19 14.90
N LEU B 85 19.89 45.61 13.80
CA LEU B 85 20.56 44.44 13.23
C LEU B 85 22.02 44.75 12.92
N GLU B 86 22.27 45.88 12.26
CA GLU B 86 23.64 46.23 11.89
C GLU B 86 24.50 46.46 13.13
N GLU B 87 23.95 47.15 14.12
CA GLU B 87 24.65 47.36 15.39
C GLU B 87 25.02 46.03 16.04
N VAL B 88 24.05 45.12 16.16
CA VAL B 88 24.31 43.81 16.76
C VAL B 88 25.45 43.11 16.03
N ASN B 89 25.43 43.17 14.71
CA ASN B 89 26.47 42.52 13.90
C ASN B 89 27.84 43.09 14.20
N LYS B 90 27.94 44.42 14.30
CA LYS B 90 29.23 45.05 14.64
C LYS B 90 29.76 44.52 15.96
N GLU B 91 28.89 44.38 16.96
CA GLU B 91 29.33 43.89 18.26
C GLU B 91 29.85 42.47 18.16
N ILE B 92 29.10 41.57 17.53
CA ILE B 92 29.57 40.20 17.38
C ILE B 92 30.90 40.18 16.66
N ASP B 93 31.01 40.88 15.53
CA ASP B 93 32.27 40.94 14.79
C ASP B 93 33.41 41.46 15.65
N THR B 94 33.20 42.58 16.34
CA THR B 94 34.31 43.17 17.07
C THR B 94 34.59 42.50 18.41
N THR B 95 33.57 41.97 19.08
CA THR B 95 33.72 41.51 20.47
C THR B 95 33.33 40.05 20.69
N SER B 96 32.87 39.34 19.67
CA SER B 96 32.44 37.94 19.73
C SER B 96 31.15 37.75 20.52
N THR B 97 30.52 38.82 20.98
CA THR B 97 29.23 38.73 21.67
C THR B 97 28.50 40.06 21.41
N TYR B 98 27.37 40.26 22.10
CA TYR B 98 26.68 41.54 22.02
C TYR B 98 25.85 41.76 23.29
N GLN B 99 25.35 42.98 23.45
CA GLN B 99 24.58 43.37 24.62
C GLN B 99 23.15 43.68 24.22
N LEU B 100 22.18 43.15 24.97
CA LEU B 100 20.77 43.50 24.79
C LEU B 100 20.46 44.89 25.33
N LYS B 101 19.58 45.62 24.62
CA LYS B 101 18.94 46.79 25.19
C LYS B 101 18.03 46.36 26.33
N ASP B 102 17.69 47.31 27.19
CA ASP B 102 16.79 47.01 28.31
C ASP B 102 15.44 46.53 27.81
N THR B 103 14.91 47.18 26.77
CA THR B 103 13.64 46.77 26.19
C THR B 103 13.69 45.32 25.71
N GLU B 104 14.78 44.92 25.06
CA GLU B 104 14.88 43.57 24.54
C GLU B 104 15.05 42.56 25.67
N LEU B 105 15.75 42.95 26.74
CA LEU B 105 15.93 42.06 27.88
C LEU B 105 14.60 41.76 28.56
N ILE B 106 13.76 42.78 28.72
CA ILE B 106 12.46 42.61 29.35
C ILE B 106 11.58 41.72 28.49
N TYR B 107 11.51 42.02 27.19
CA TYR B 107 10.79 41.21 26.23
C TYR B 107 11.30 39.77 26.23
N GLY B 108 12.63 39.60 26.22
CA GLY B 108 13.19 38.26 26.21
C GLY B 108 12.84 37.47 27.46
N ALA B 109 12.94 38.11 28.63
CA ALA B 109 12.61 37.43 29.88
C ALA B 109 11.13 37.05 29.94
N LYS B 110 10.24 37.96 29.53
CA LYS B 110 8.81 37.64 29.51
C LYS B 110 8.50 36.49 28.57
N HIS B 111 9.14 36.46 27.40
CA HIS B 111 8.79 35.41 26.45
C HIS B 111 9.42 34.07 26.80
N ALA B 112 10.56 34.07 27.49
CA ALA B 112 11.06 32.81 28.02
C ALA B 112 10.03 32.18 28.96
N TRP B 113 9.36 32.99 29.77
CA TRP B 113 8.28 32.48 30.62
C TRP B 113 7.09 32.06 29.77
N ARG B 114 6.72 32.88 28.79
CA ARG B 114 5.62 32.56 27.90
C ARG B 114 5.85 31.24 27.19
N ASN B 115 7.11 30.91 26.91
CA ASN B 115 7.45 29.71 26.17
C ASN B 115 7.74 28.51 27.07
N ALA B 116 7.58 28.62 28.39
CA ALA B 116 7.98 27.54 29.29
C ALA B 116 6.88 26.49 29.27
N SER B 117 7.07 25.44 28.47
CA SER B 117 5.97 24.50 28.23
CA SER B 117 6.01 24.46 28.22
C SER B 117 5.55 23.76 29.49
N ARG B 118 6.42 23.66 30.49
CA ARG B 118 6.12 22.95 31.73
C ARG B 118 5.46 23.80 32.81
N CYS B 119 5.17 25.08 32.56
CA CYS B 119 4.65 25.98 33.58
C CYS B 119 3.14 26.18 33.42
N VAL B 120 2.39 25.85 34.47
CA VAL B 120 0.94 26.05 34.44
C VAL B 120 0.53 27.47 34.77
N GLY B 121 1.45 28.32 35.22
CA GLY B 121 1.06 29.63 35.66
C GLY B 121 1.19 30.72 34.62
N ARG B 122 1.29 30.36 33.34
CA ARG B 122 1.71 31.32 32.31
C ARG B 122 0.65 32.36 31.94
N ILE B 123 -0.58 32.26 32.44
CA ILE B 123 -1.55 33.32 32.15
C ILE B 123 -1.03 34.66 32.65
N GLN B 124 -0.07 34.63 33.59
CA GLN B 124 0.54 35.80 34.20
C GLN B 124 1.78 36.30 33.46
N TRP B 125 2.14 35.69 32.31
CA TRP B 125 3.47 35.89 31.72
C TRP B 125 3.78 37.36 31.45
N SER B 126 2.79 38.16 31.12
CA SER B 126 3.11 39.53 30.71
C SER B 126 3.28 40.47 31.90
N LYS B 127 2.98 40.02 33.12
CA LYS B 127 3.13 40.84 34.31
C LYS B 127 4.31 40.25 35.07
N LEU B 128 5.50 40.69 34.70
CA LEU B 128 6.72 40.17 35.27
C LEU B 128 7.64 41.36 35.51
N GLN B 129 8.18 41.46 36.72
CA GLN B 129 9.05 42.57 37.04
C GLN B 129 10.48 42.13 36.72
N VAL B 130 11.17 42.89 35.88
CA VAL B 130 12.49 42.49 35.40
C VAL B 130 13.53 43.40 36.05
N PHE B 131 14.40 42.81 36.86
CA PHE B 131 15.49 43.55 37.50
C PHE B 131 16.77 43.27 36.71
N ASP B 132 17.28 44.30 36.05
CA ASP B 132 18.50 44.20 35.26
C ASP B 132 19.68 44.30 36.19
N ALA B 133 20.39 43.19 36.37
CA ALA B 133 21.55 43.14 37.27
C ALA B 133 22.82 42.86 36.48
N ARG B 134 22.84 43.24 35.20
CA ARG B 134 24.01 42.99 34.37
C ARG B 134 25.20 43.88 34.70
N ASP B 135 25.08 44.86 35.61
CA ASP B 135 26.24 45.62 36.05
C ASP B 135 26.94 45.02 37.26
N CYS B 136 26.45 43.89 37.77
CA CYS B 136 26.99 43.29 38.98
C CYS B 136 28.34 42.64 38.71
N THR B 137 29.27 42.71 39.68
CA THR B 137 30.60 42.14 39.49
C THR B 137 31.04 41.18 40.58
N THR B 138 30.42 41.16 41.76
CA THR B 138 30.91 40.38 42.87
C THR B 138 29.75 39.68 43.56
N ALA B 139 30.08 38.70 44.41
CA ALA B 139 29.05 37.94 45.12
C ALA B 139 28.29 38.84 46.09
N HIS B 140 28.98 39.78 46.72
CA HIS B 140 28.31 40.74 47.60
C HIS B 140 27.26 41.52 46.82
N GLY B 141 27.60 41.97 45.62
CA GLY B 141 26.61 42.60 44.77
C GLY B 141 25.43 41.68 44.45
N MET B 142 25.71 40.41 44.12
CA MET B 142 24.63 39.45 43.88
C MET B 142 23.71 39.33 45.09
N PHE B 143 24.29 39.28 46.30
CA PHE B 143 23.50 39.18 47.53
C PHE B 143 22.54 40.36 47.65
N ASN B 144 23.04 41.58 47.40
CA ASN B 144 22.21 42.77 47.46
C ASN B 144 21.05 42.69 46.46
N TYR B 145 21.35 42.36 45.20
CA TYR B 145 20.30 42.22 44.18
C TYR B 145 19.26 41.16 44.57
N ILE B 146 19.71 40.06 45.18
CA ILE B 146 18.78 39.00 45.54
C ILE B 146 17.91 39.43 46.72
N CYS B 147 18.50 40.13 47.70
CA CYS B 147 17.71 40.61 48.84
C CYS B 147 16.59 41.51 48.37
N ASN B 148 16.93 42.45 47.47
CA ASN B 148 15.91 43.36 46.92
C ASN B 148 14.85 42.58 46.13
N HIS B 149 15.29 41.61 45.31
CA HIS B 149 14.32 40.75 44.63
C HIS B 149 13.36 40.11 45.64
N VAL B 150 13.90 39.45 46.67
CA VAL B 150 13.04 38.79 47.65
C VAL B 150 12.07 39.78 48.28
N LYS B 151 12.58 40.95 48.69
CA LYS B 151 11.73 41.89 49.39
C LYS B 151 10.61 42.38 48.47
N TYR B 152 10.93 42.66 47.21
CA TYR B 152 9.93 43.15 46.27
C TYR B 152 8.91 42.07 45.97
N ALA B 153 9.38 40.86 45.67
CA ALA B 153 8.49 39.76 45.30
C ALA B 153 7.57 39.37 46.44
N THR B 154 8.11 39.34 47.67
CA THR B 154 7.33 38.89 48.81
C THR B 154 6.20 39.87 49.14
N ASN B 155 6.51 41.17 49.14
CA ASN B 155 5.51 42.25 49.24
C ASN B 155 4.53 42.00 50.39
N LYS B 156 5.08 41.57 51.53
CA LYS B 156 4.30 41.32 52.74
C LYS B 156 3.21 40.25 52.54
N GLY B 157 3.43 39.30 51.65
CA GLY B 157 2.46 38.26 51.36
C GLY B 157 1.64 38.47 50.09
N ASN B 158 1.58 39.71 49.58
CA ASN B 158 0.88 39.96 48.32
C ASN B 158 1.89 39.80 47.20
N LEU B 159 2.11 38.55 46.80
CA LEU B 159 3.30 38.19 46.03
C LEU B 159 3.24 38.71 44.60
N ARG B 160 4.42 39.02 44.06
CA ARG B 160 4.57 39.63 42.75
C ARG B 160 5.66 38.87 42.00
N SER B 161 5.38 38.57 40.74
CA SER B 161 6.34 37.86 39.89
C SER B 161 7.54 38.73 39.55
N ALA B 162 8.72 38.14 39.59
CA ALA B 162 9.93 38.92 39.37
C ALA B 162 11.06 38.01 38.91
N ILE B 163 12.01 38.60 38.20
CA ILE B 163 13.25 37.94 37.83
C ILE B 163 14.40 38.93 37.94
N THR B 164 15.57 38.45 38.38
CA THR B 164 16.79 39.24 38.43
C THR B 164 17.82 38.58 37.51
N ILE B 165 18.38 39.37 36.59
CA ILE B 165 19.22 38.85 35.52
C ILE B 165 20.64 39.38 35.67
N PHE B 166 21.59 38.47 35.92
CA PHE B 166 22.99 38.78 36.14
C PHE B 166 23.76 38.70 34.84
N PRO B 167 25.05 39.09 34.84
CA PRO B 167 25.80 39.14 33.57
C PRO B 167 25.80 37.81 32.83
N GLN B 168 25.70 37.92 31.50
CA GLN B 168 25.64 36.75 30.63
C GLN B 168 27.00 36.05 30.58
N ARG B 169 26.96 34.80 30.13
CA ARG B 169 28.16 34.02 29.92
C ARG B 169 29.05 34.69 28.88
N THR B 170 30.36 34.63 29.10
CA THR B 170 31.31 35.19 28.14
C THR B 170 32.10 34.02 27.58
N ASP B 171 33.26 33.68 28.14
CA ASP B 171 34.06 32.57 27.65
C ASP B 171 33.69 31.23 28.28
N GLY B 172 32.73 31.20 29.22
CA GLY B 172 32.41 29.99 29.95
C GLY B 172 33.23 29.80 31.22
N LYS B 173 34.32 30.56 31.40
CA LYS B 173 35.17 30.51 32.57
C LYS B 173 34.82 31.57 33.61
N HIS B 174 33.86 32.44 33.34
CA HIS B 174 33.53 33.55 34.24
C HIS B 174 32.05 33.57 34.55
N ASP B 175 31.43 32.39 34.66
CA ASP B 175 29.98 32.31 34.85
C ASP B 175 29.58 32.91 36.18
N PHE B 176 28.45 33.63 36.17
CA PHE B 176 27.71 33.93 37.38
C PHE B 176 26.72 32.78 37.63
N ARG B 177 26.65 32.31 38.87
CA ARG B 177 25.74 31.24 39.22
C ARG B 177 25.20 31.45 40.63
N VAL B 178 23.91 31.19 40.83
CA VAL B 178 23.39 30.96 42.17
C VAL B 178 23.49 29.46 42.40
N TRP B 179 24.25 29.04 43.41
CA TRP B 179 24.43 27.60 43.59
C TRP B 179 23.19 26.94 44.17
N ASN B 180 22.37 27.68 44.91
CA ASN B 180 21.11 27.12 45.40
C ASN B 180 20.19 26.76 44.25
N SER B 181 19.33 25.78 44.46
CA SER B 181 18.36 25.43 43.44
C SER B 181 17.15 26.38 43.50
N GLN B 182 16.77 26.81 44.71
CA GLN B 182 15.87 27.93 44.89
C GLN B 182 16.45 28.89 45.92
N LEU B 183 16.01 30.16 45.85
CA LEU B 183 16.57 31.16 46.77
C LEU B 183 16.30 30.77 48.22
N ILE B 184 15.12 30.23 48.49
CA ILE B 184 14.73 29.82 49.84
C ILE B 184 14.42 28.32 49.80
N ARG B 185 15.19 27.53 50.56
CA ARG B 185 14.92 26.11 50.81
C ARG B 185 15.40 25.76 52.20
N TYR B 186 14.95 24.62 52.70
CA TYR B 186 15.31 24.14 54.02
C TYR B 186 16.45 23.13 53.93
N ALA B 187 17.33 23.16 54.93
CA ALA B 187 18.48 22.26 54.95
C ALA B 187 18.05 20.82 55.23
N GLY B 188 18.90 19.89 54.82
CA GLY B 188 18.73 18.49 55.20
C GLY B 188 20.02 17.93 55.78
N TYR B 189 19.87 17.07 56.79
CA TYR B 189 21.00 16.51 57.52
C TYR B 189 20.84 15.00 57.64
N LYS B 190 21.79 14.26 57.08
CA LYS B 190 21.84 12.82 57.28
C LYS B 190 22.37 12.52 58.67
N GLN B 191 21.64 11.68 59.44
CA GLN B 191 22.03 11.27 60.78
C GLN B 191 22.86 10.00 60.74
N PRO B 192 23.64 9.73 61.79
CA PRO B 192 24.44 8.49 61.80
C PRO B 192 23.59 7.24 61.66
N ASP B 193 22.35 7.28 62.12
CA ASP B 193 21.51 6.08 62.15
C ASP B 193 20.76 5.84 60.85
N GLY B 194 21.02 6.65 59.81
CA GLY B 194 20.36 6.49 58.53
C GLY B 194 19.19 7.43 58.30
N SER B 195 18.59 7.96 59.35
CA SER B 195 17.48 8.88 59.16
C SER B 195 17.97 10.23 58.64
N THR B 196 17.02 11.10 58.27
CA THR B 196 17.32 12.41 57.72
C THR B 196 16.55 13.47 58.50
N LEU B 197 17.22 14.54 58.92
CA LEU B 197 16.55 15.69 59.51
C LEU B 197 16.42 16.77 58.45
N GLY B 198 15.23 17.37 58.38
CA GLY B 198 14.94 18.40 57.39
C GLY B 198 14.55 17.87 56.04
N ASP B 199 14.99 18.53 54.97
CA ASP B 199 14.59 18.18 53.61
C ASP B 199 15.60 17.23 53.00
N PRO B 200 15.27 15.95 52.78
CA PRO B 200 16.28 15.03 52.22
C PRO B 200 16.82 15.45 50.86
N ALA B 201 16.03 16.19 50.07
CA ALA B 201 16.48 16.66 48.77
C ALA B 201 17.71 17.55 48.85
N ASN B 202 17.97 18.19 49.99
CA ASN B 202 19.01 19.20 50.06
C ASN B 202 20.20 18.75 50.89
N VAL B 203 20.30 17.45 51.17
CA VAL B 203 21.40 16.95 51.98
C VAL B 203 22.74 17.30 51.36
N GLN B 204 22.89 17.06 50.05
CA GLN B 204 24.17 17.32 49.41
C GLN B 204 24.51 18.81 49.46
N PHE B 205 23.54 19.68 49.14
CA PHE B 205 23.80 21.11 49.12
C PHE B 205 24.05 21.62 50.53
N THR B 206 23.34 21.06 51.52
CA THR B 206 23.64 21.36 52.92
C THR B 206 25.08 20.99 53.25
N GLU B 207 25.55 19.83 52.78
CA GLU B 207 26.94 19.44 53.00
C GLU B 207 27.91 20.48 52.43
N ILE B 208 27.64 20.97 51.21
CA ILE B 208 28.54 21.94 50.59
C ILE B 208 28.60 23.21 51.42
N CYS B 209 27.45 23.69 51.91
CA CYS B 209 27.43 24.89 52.73
C CYS B 209 28.24 24.70 54.01
N ILE B 210 28.04 23.57 54.70
CA ILE B 210 28.74 23.32 55.94
C ILE B 210 30.26 23.33 55.72
N GLN B 211 30.71 22.74 54.61
CA GLN B 211 32.13 22.71 54.30
C GLN B 211 32.68 24.12 54.08
N GLN B 212 31.88 25.00 53.47
CA GLN B 212 32.27 26.37 53.21
C GLN B 212 32.22 27.25 54.45
N GLY B 213 31.80 26.70 55.60
CA GLY B 213 31.84 27.43 56.86
C GLY B 213 30.50 27.74 57.46
N TRP B 214 29.39 27.32 56.85
CA TRP B 214 28.08 27.54 57.45
C TRP B 214 27.96 26.75 58.75
N LYS B 215 27.51 27.43 59.81
CA LYS B 215 27.27 26.80 61.09
C LYS B 215 25.79 26.47 61.17
N PRO B 216 25.41 25.21 61.03
CA PRO B 216 24.00 24.89 60.88
C PRO B 216 23.33 24.74 62.24
N PRO B 217 22.12 25.26 62.41
CA PRO B 217 21.38 25.00 63.65
C PRO B 217 20.87 23.57 63.78
N ARG B 218 20.88 22.79 62.70
CA ARG B 218 20.47 21.38 62.72
C ARG B 218 19.06 21.22 63.30
N GLY B 219 18.11 21.86 62.64
CA GLY B 219 16.70 21.65 62.93
C GLY B 219 15.96 21.18 61.68
N ARG B 220 14.64 21.15 61.73
CA ARG B 220 13.85 20.57 60.64
C ARG B 220 13.53 21.55 59.52
N PHE B 221 13.65 22.85 59.76
CA PHE B 221 13.32 23.87 58.77
C PHE B 221 14.31 25.02 58.86
N ASP B 222 15.60 24.73 58.74
CA ASP B 222 16.63 25.77 58.66
C ASP B 222 16.67 26.33 57.25
N VAL B 223 16.43 27.63 57.10
CA VAL B 223 16.62 28.29 55.83
C VAL B 223 18.09 28.22 55.46
N LEU B 224 18.39 27.73 54.27
CA LEU B 224 19.77 27.58 53.85
C LEU B 224 20.38 28.94 53.56
N PRO B 225 21.71 29.07 53.60
CA PRO B 225 22.32 30.32 53.17
C PRO B 225 22.43 30.35 51.66
N LEU B 226 22.58 31.56 51.13
CA LEU B 226 22.85 31.68 49.71
C LEU B 226 24.31 31.35 49.47
N LEU B 227 24.59 30.71 48.34
CA LEU B 227 25.94 30.38 47.90
C LEU B 227 26.07 30.97 46.52
N LEU B 228 26.85 32.05 46.41
CA LEU B 228 26.78 32.92 45.25
C LEU B 228 28.13 32.98 44.54
N GLN B 229 28.09 32.85 43.23
CA GLN B 229 29.29 32.83 42.40
C GLN B 229 29.22 33.97 41.38
N ALA B 230 30.19 34.87 41.43
CA ALA B 230 30.30 35.97 40.47
C ALA B 230 31.56 35.78 39.66
N ASN B 231 31.43 35.94 38.34
CA ASN B 231 32.58 36.05 37.45
C ASN B 231 33.49 34.83 37.48
N GLY B 232 32.93 33.65 37.77
CA GLY B 232 33.72 32.44 37.77
C GLY B 232 34.60 32.22 38.98
N ASN B 233 34.51 33.08 39.99
CA ASN B 233 35.29 32.91 41.22
C ASN B 233 34.64 31.88 42.13
N ASP B 234 35.37 31.49 43.17
CA ASP B 234 34.80 30.57 44.15
C ASP B 234 33.53 31.18 44.74
N PRO B 235 32.49 30.38 44.96
CA PRO B 235 31.26 30.94 45.52
C PRO B 235 31.43 31.29 46.99
N GLU B 236 30.55 32.17 47.46
CA GLU B 236 30.63 32.72 48.82
C GLU B 236 29.27 32.65 49.52
N LEU B 237 29.31 32.49 50.84
CA LEU B 237 28.11 32.32 51.65
C LEU B 237 27.53 33.65 52.12
N PHE B 238 26.20 33.73 52.14
CA PHE B 238 25.48 34.86 52.73
C PHE B 238 24.19 34.37 53.38
N GLN B 239 23.89 34.90 54.56
CA GLN B 239 22.63 34.64 55.25
C GLN B 239 21.58 35.64 54.79
N ILE B 240 20.50 35.15 54.19
CA ILE B 240 19.37 36.03 53.87
C ILE B 240 18.81 36.58 55.17
N PRO B 241 18.61 37.90 55.28
CA PRO B 241 18.09 38.48 56.53
C PRO B 241 16.74 37.88 56.87
N PRO B 242 16.59 37.32 58.08
CA PRO B 242 15.40 36.51 58.37
C PRO B 242 14.09 37.26 58.20
N GLU B 243 14.09 38.58 58.38
CA GLU B 243 12.86 39.35 58.20
C GLU B 243 12.41 39.40 56.75
N LEU B 244 13.24 39.00 55.80
CA LEU B 244 12.80 38.91 54.41
C LEU B 244 12.25 37.53 54.05
N VAL B 245 12.41 36.51 54.89
CA VAL B 245 11.92 35.17 54.60
C VAL B 245 10.53 35.02 55.22
N LEU B 246 9.50 35.12 54.39
CA LEU B 246 8.14 34.96 54.88
C LEU B 246 7.79 33.48 54.90
N GLU B 247 7.26 33.01 56.03
CA GLU B 247 6.93 31.60 56.23
C GLU B 247 5.51 31.49 56.77
N VAL B 248 4.91 30.30 56.56
CA VAL B 248 3.52 30.05 56.92
C VAL B 248 3.48 28.79 57.79
N PRO B 249 3.05 28.87 59.04
CA PRO B 249 2.86 27.65 59.82
C PRO B 249 1.61 26.92 59.36
N ILE B 250 1.70 25.59 59.20
CA ILE B 250 0.62 24.81 58.58
C ILE B 250 -0.31 24.27 59.65
N ARG B 251 -1.57 24.66 59.57
CA ARG B 251 -2.62 24.16 60.44
C ARG B 251 -3.80 23.73 59.58
N HIS B 252 -4.73 22.98 60.20
CA HIS B 252 -5.89 22.44 59.50
C HIS B 252 -7.16 23.05 60.09
N PRO B 253 -8.13 23.43 59.26
CA PRO B 253 -9.34 24.08 59.78
C PRO B 253 -10.22 23.16 60.62
N LYS B 254 -10.02 21.86 60.56
CA LYS B 254 -10.86 20.93 61.31
C LYS B 254 -10.07 20.10 62.32
N PHE B 255 -8.90 19.60 61.93
CA PHE B 255 -8.05 18.82 62.85
C PHE B 255 -7.17 19.79 63.64
N GLU B 256 -7.54 20.06 64.89
CA GLU B 256 -6.71 20.92 65.71
C GLU B 256 -5.37 20.29 66.02
N TRP B 257 -5.25 18.96 65.87
CA TRP B 257 -3.97 18.31 66.09
C TRP B 257 -2.97 18.58 64.97
N PHE B 258 -3.42 19.09 63.83
CA PHE B 258 -2.52 19.26 62.70
C PHE B 258 -1.36 20.18 63.04
N LYS B 259 -1.64 21.28 63.74
CA LYS B 259 -0.57 22.21 64.08
C LYS B 259 0.51 21.53 64.93
N ASP B 260 0.17 20.43 65.62
CA ASP B 260 1.17 19.73 66.42
C ASP B 260 2.19 18.98 65.56
N LEU B 261 1.92 18.81 64.27
CA LEU B 261 2.94 18.29 63.37
C LEU B 261 4.16 19.20 63.27
N GLY B 262 4.01 20.47 63.64
CA GLY B 262 5.10 21.42 63.54
C GLY B 262 5.56 21.69 62.13
N LEU B 263 4.65 21.63 61.16
CA LEU B 263 5.01 21.88 59.77
C LEU B 263 4.89 23.38 59.47
N LYS B 264 5.81 23.86 58.65
CA LYS B 264 5.72 25.18 58.06
C LYS B 264 6.26 25.08 56.64
N TRP B 265 6.13 26.18 55.89
CA TRP B 265 6.75 26.30 54.58
C TRP B 265 6.99 27.77 54.30
N TYR B 266 7.85 28.02 53.31
CA TYR B 266 8.12 29.40 52.90
C TYR B 266 7.15 29.83 51.81
N GLY B 267 6.88 31.14 51.75
CA GLY B 267 5.87 31.64 50.83
C GLY B 267 6.34 31.86 49.40
N LEU B 268 7.64 32.06 49.20
CA LEU B 268 8.13 32.50 47.90
C LEU B 268 8.82 31.37 47.13
N PRO B 269 8.23 30.83 46.06
CA PRO B 269 8.98 29.87 45.22
C PRO B 269 9.85 30.59 44.22
N ALA B 270 11.17 30.39 44.31
CA ALA B 270 12.13 31.22 43.57
C ALA B 270 13.22 30.35 42.96
N VAL B 271 13.03 29.92 41.72
CA VAL B 271 13.97 29.01 41.06
C VAL B 271 15.25 29.75 40.68
N SER B 272 16.40 29.22 41.09
CA SER B 272 17.64 29.95 40.84
C SER B 272 18.71 29.16 40.12
N ASN B 273 18.43 27.94 39.62
CA ASN B 273 19.47 27.14 38.98
C ASN B 273 19.27 26.97 37.48
N MET B 274 18.32 27.69 36.87
CA MET B 274 18.10 27.53 35.45
C MET B 274 18.89 28.55 34.64
N LEU B 275 18.90 28.35 33.33
CA LEU B 275 19.61 29.22 32.40
C LEU B 275 18.61 29.87 31.47
N LEU B 276 18.76 31.17 31.29
CA LEU B 276 17.88 31.98 30.44
C LEU B 276 18.62 32.28 29.14
N GLU B 277 18.06 31.85 28.02
CA GLU B 277 18.68 32.04 26.72
C GLU B 277 17.85 33.03 25.93
N ILE B 278 18.48 34.12 25.50
CA ILE B 278 17.83 35.16 24.72
C ILE B 278 18.73 35.50 23.55
N GLY B 279 18.25 35.25 22.33
CA GLY B 279 19.00 35.58 21.13
C GLY B 279 20.40 35.01 21.08
N GLY B 280 20.58 33.78 21.56
CA GLY B 280 21.89 33.15 21.59
C GLY B 280 22.73 33.51 22.80
N LEU B 281 22.32 34.50 23.59
CA LEU B 281 23.03 34.84 24.81
C LEU B 281 22.52 33.99 25.97
N GLU B 282 23.42 33.67 26.88
CA GLU B 282 23.13 32.73 27.97
C GLU B 282 23.30 33.43 29.31
N PHE B 283 22.21 33.54 30.06
CA PHE B 283 22.21 34.17 31.39
C PHE B 283 22.14 33.07 32.44
N SER B 284 23.32 32.62 32.87
CA SER B 284 23.46 31.45 33.75
C SER B 284 22.98 31.70 35.16
N ALA B 285 22.74 32.96 35.54
CA ALA B 285 22.21 33.32 36.85
C ALA B 285 21.03 34.26 36.63
N CYS B 286 19.82 33.77 36.88
CA CYS B 286 18.60 34.50 36.55
C CYS B 286 17.45 34.12 37.46
N PRO B 287 17.60 34.22 38.79
CA PRO B 287 16.55 33.70 39.67
C PRO B 287 15.20 34.38 39.44
N PHE B 288 14.13 33.56 39.41
CA PHE B 288 12.80 34.08 39.15
C PHE B 288 11.81 33.47 40.13
N SER B 289 10.72 34.18 40.38
CA SER B 289 9.82 33.73 41.42
C SER B 289 8.40 34.10 41.04
N GLY B 290 7.44 33.31 41.53
CA GLY B 290 6.04 33.63 41.36
C GLY B 290 5.33 33.46 42.67
N TRP B 291 4.29 32.62 42.69
CA TRP B 291 3.66 32.18 43.91
C TRP B 291 3.26 30.71 43.74
N TYR B 292 2.94 30.07 44.86
CA TYR B 292 2.79 28.61 44.90
C TYR B 292 1.43 28.14 44.41
N MET B 293 1.44 27.02 43.72
CA MET B 293 0.25 26.18 43.65
C MET B 293 0.32 25.18 44.80
N GLY B 294 -0.80 24.98 45.48
CA GLY B 294 -0.78 24.27 46.76
C GLY B 294 -0.22 22.86 46.69
N THR B 295 -0.42 22.17 45.55
CA THR B 295 0.04 20.79 45.42
C THR B 295 1.55 20.69 45.41
N GLU B 296 2.26 21.74 44.96
CA GLU B 296 3.71 21.69 45.06
C GLU B 296 4.13 21.40 46.49
N ILE B 297 3.50 22.06 47.45
CA ILE B 297 3.84 21.84 48.87
C ILE B 297 3.13 20.60 49.39
N GLY B 298 1.80 20.57 49.29
CA GLY B 298 1.03 19.55 49.96
C GLY B 298 1.28 18.14 49.43
N VAL B 299 1.51 18.00 48.14
CA VAL B 299 1.68 16.68 47.53
C VAL B 299 3.15 16.31 47.38
N ARG B 300 3.93 17.15 46.72
CA ARG B 300 5.32 16.81 46.42
C ARG B 300 6.24 17.05 47.64
N ASP B 301 6.29 18.30 48.14
CA ASP B 301 7.22 18.61 49.22
C ASP B 301 6.94 17.76 50.46
N TYR B 302 5.67 17.66 50.85
CA TYR B 302 5.36 16.98 52.09
C TYR B 302 5.16 15.47 51.94
N CYS B 303 4.75 14.97 50.77
CA CYS B 303 4.33 13.57 50.66
C CYS B 303 5.16 12.70 49.72
N ASP B 304 6.09 13.27 48.95
CA ASP B 304 7.06 12.44 48.23
C ASP B 304 7.84 11.59 49.24
N ASN B 305 8.02 10.30 48.90
CA ASN B 305 8.75 9.40 49.80
C ASN B 305 10.16 9.91 50.07
N SER B 306 10.79 10.55 49.08
CA SER B 306 12.14 11.10 49.18
C SER B 306 12.16 12.51 49.75
N ARG B 307 11.04 13.01 50.28
CA ARG B 307 11.01 14.37 50.79
C ARG B 307 10.64 14.37 52.27
N TYR B 308 9.66 15.18 52.69
CA TYR B 308 9.36 15.19 54.11
C TYR B 308 8.53 13.98 54.53
N ASN B 309 7.81 13.35 53.59
CA ASN B 309 7.25 12.00 53.76
C ASN B 309 6.36 11.88 55.01
N ILE B 310 5.33 12.73 55.08
CA ILE B 310 4.49 12.83 56.28
C ILE B 310 3.22 12.00 56.18
N LEU B 311 3.00 11.27 55.09
CA LEU B 311 1.74 10.53 54.92
C LEU B 311 1.47 9.59 56.09
N GLU B 312 2.46 8.78 56.48
CA GLU B 312 2.24 7.83 57.58
C GLU B 312 1.80 8.55 58.84
N GLU B 313 2.56 9.57 59.24
CA GLU B 313 2.24 10.28 60.48
C GLU B 313 0.84 10.87 60.42
N VAL B 314 0.46 11.46 59.28
CA VAL B 314 -0.83 12.12 59.19
C VAL B 314 -1.95 11.09 59.25
N ALA B 315 -1.78 9.97 58.54
CA ALA B 315 -2.83 8.96 58.53
C ALA B 315 -3.00 8.34 59.92
N LYS B 316 -1.89 8.16 60.64
CA LYS B 316 -1.97 7.68 62.02
C LYS B 316 -2.87 8.58 62.85
N LYS B 317 -2.60 9.88 62.83
CA LYS B 317 -3.43 10.80 63.61
C LYS B 317 -4.86 10.88 63.07
N MET B 318 -5.09 10.43 61.85
CA MET B 318 -6.44 10.31 61.33
C MET B 318 -7.10 8.99 61.69
N ASN B 319 -6.39 8.12 62.40
CA ASN B 319 -6.85 6.78 62.79
C ASN B 319 -7.23 5.90 61.60
N LEU B 320 -6.71 6.22 60.41
CA LEU B 320 -7.08 5.45 59.23
C LEU B 320 -6.57 4.02 59.33
N ASP B 321 -7.21 3.12 58.59
CA ASP B 321 -6.75 1.74 58.51
C ASP B 321 -5.62 1.67 57.50
N MET B 322 -4.39 1.48 57.99
CA MET B 322 -3.21 1.43 57.14
C MET B 322 -2.75 0.01 56.88
N ARG B 323 -3.59 -0.98 57.19
CA ARG B 323 -3.26 -2.39 56.94
C ARG B 323 -3.26 -2.71 55.45
N LYS B 324 -4.09 -2.06 54.64
CA LYS B 324 -4.19 -2.39 53.23
C LYS B 324 -4.21 -1.13 52.40
N THR B 325 -3.72 -1.22 51.16
CA THR B 325 -3.74 -0.06 50.27
C THR B 325 -5.17 0.29 49.84
N SER B 326 -6.01 -0.73 49.65
CA SER B 326 -7.35 -0.55 49.11
C SER B 326 -8.27 0.25 50.02
N SER B 327 -7.88 0.46 51.28
CA SER B 327 -8.55 1.45 52.10
C SER B 327 -8.29 2.88 51.63
N LEU B 328 -7.29 3.07 50.76
CA LEU B 328 -6.94 4.39 50.22
C LEU B 328 -6.57 5.38 51.32
N TRP B 329 -5.90 4.88 52.36
CA TRP B 329 -5.52 5.78 53.45
C TRP B 329 -4.56 6.87 52.97
N LYS B 330 -3.60 6.52 52.10
CA LYS B 330 -2.70 7.54 51.55
C LYS B 330 -3.49 8.63 50.83
N ASP B 331 -4.51 8.23 50.05
CA ASP B 331 -5.29 9.19 49.30
C ASP B 331 -6.04 10.13 50.23
N GLN B 332 -6.67 9.58 51.28
CA GLN B 332 -7.45 10.39 52.21
C GLN B 332 -6.56 11.37 52.97
N ALA B 333 -5.40 10.90 53.43
CA ALA B 333 -4.45 11.75 54.14
C ALA B 333 -3.90 12.85 53.23
N LEU B 334 -3.61 12.51 51.98
CA LEU B 334 -3.08 13.48 51.03
C LEU B 334 -4.02 14.65 50.83
N VAL B 335 -5.33 14.38 50.73
CA VAL B 335 -6.28 15.48 50.53
C VAL B 335 -6.26 16.42 51.72
N GLU B 336 -6.42 15.86 52.93
CA GLU B 336 -6.41 16.66 54.14
C GLU B 336 -5.15 17.53 54.25
N ILE B 337 -3.98 16.97 53.90
CA ILE B 337 -2.74 17.74 53.98
C ILE B 337 -2.80 18.94 53.05
N ASN B 338 -3.36 18.73 51.86
CA ASN B 338 -3.45 19.79 50.88
C ASN B 338 -4.53 20.81 51.22
N ILE B 339 -5.56 20.38 51.95
CA ILE B 339 -6.54 21.32 52.49
C ILE B 339 -5.87 22.27 53.48
N ALA B 340 -5.03 21.71 54.36
CA ALA B 340 -4.40 22.49 55.40
C ALA B 340 -3.41 23.51 54.83
N VAL B 341 -2.68 23.11 53.79
CA VAL B 341 -1.75 24.02 53.14
C VAL B 341 -2.48 25.24 52.59
N LEU B 342 -3.60 25.00 51.90
CA LEU B 342 -4.33 26.13 51.32
C LEU B 342 -4.99 26.98 52.40
N TYR B 343 -5.56 26.34 53.41
CA TYR B 343 -6.19 27.10 54.49
C TYR B 343 -5.16 27.97 55.21
N SER B 344 -3.94 27.45 55.40
CA SER B 344 -2.93 28.18 56.15
C SER B 344 -2.47 29.42 55.40
N PHE B 345 -2.12 29.26 54.11
CA PHE B 345 -1.70 30.40 53.31
C PHE B 345 -2.80 31.44 53.21
N GLN B 346 -4.03 31.00 52.90
CA GLN B 346 -5.15 31.93 52.81
C GLN B 346 -5.36 32.68 54.13
N SER B 347 -5.26 31.96 55.25
CA SER B 347 -5.48 32.59 56.55
C SER B 347 -4.45 33.68 56.85
N ASP B 348 -3.19 33.43 56.49
CA ASP B 348 -2.15 34.45 56.68
C ASP B 348 -2.10 35.43 55.53
N LYS B 349 -3.03 35.36 54.57
CA LYS B 349 -3.11 36.27 53.43
C LYS B 349 -1.79 36.30 52.66
N VAL B 350 -1.24 35.11 52.44
CA VAL B 350 -0.11 34.89 51.56
C VAL B 350 -0.63 34.28 50.26
N THR B 351 -0.29 34.89 49.14
CA THR B 351 -0.78 34.45 47.84
C THR B 351 -0.50 32.96 47.63
N ILE B 352 -1.54 32.23 47.22
CA ILE B 352 -1.41 30.84 46.80
C ILE B 352 -2.59 30.55 45.88
N VAL B 353 -2.42 29.53 45.01
CA VAL B 353 -3.46 29.13 44.07
C VAL B 353 -3.66 27.62 44.19
N ASP B 354 -4.92 27.19 44.26
CA ASP B 354 -5.16 25.75 44.26
C ASP B 354 -5.16 25.21 42.83
N HIS B 355 -5.05 23.89 42.73
CA HIS B 355 -4.84 23.27 41.42
C HIS B 355 -6.06 23.40 40.52
N HIS B 356 -7.26 23.41 41.11
CA HIS B 356 -8.45 23.58 40.28
C HIS B 356 -8.47 24.96 39.64
N SER B 357 -8.27 26.01 40.43
CA SER B 357 -8.28 27.36 39.90
C SER B 357 -7.13 27.55 38.89
N ALA B 358 -5.96 26.98 39.17
CA ALA B 358 -4.79 27.20 38.33
C ALA B 358 -4.93 26.50 36.98
N THR B 359 -5.44 25.28 36.97
CA THR B 359 -5.59 24.57 35.71
C THR B 359 -6.70 25.18 34.88
N GLU B 360 -7.77 25.64 35.55
CA GLU B 360 -8.82 26.36 34.83
C GLU B 360 -8.27 27.62 34.17
N SER B 361 -7.42 28.38 34.87
CA SER B 361 -6.86 29.57 34.25
CA SER B 361 -6.87 29.57 34.24
C SER B 361 -5.93 29.20 33.09
N PHE B 362 -5.16 28.12 33.24
CA PHE B 362 -4.26 27.73 32.16
C PHE B 362 -5.02 27.38 30.87
N ILE B 363 -6.18 26.73 30.98
CA ILE B 363 -6.99 26.44 29.79
C ILE B 363 -7.45 27.74 29.11
N LYS B 364 -7.87 28.73 29.90
CA LYS B 364 -8.23 30.00 29.29
C LYS B 364 -7.03 30.63 28.61
N HIS B 365 -5.87 30.57 29.27
CA HIS B 365 -4.62 31.08 28.70
C HIS B 365 -4.30 30.38 27.38
N MET B 366 -4.34 29.05 27.38
CA MET B 366 -4.02 28.29 26.19
C MET B 366 -4.92 28.69 25.02
N GLU B 367 -6.23 28.79 25.27
CA GLU B 367 -7.15 29.14 24.19
C GLU B 367 -6.87 30.55 23.65
N ASN B 368 -6.64 31.51 24.55
CA ASN B 368 -6.26 32.85 24.11
C ASN B 368 -4.98 32.82 23.28
N GLU B 369 -3.97 32.08 23.75
CA GLU B 369 -2.71 31.98 23.02
C GLU B 369 -2.90 31.36 21.63
N TYR B 370 -3.72 30.30 21.54
CA TYR B 370 -3.99 29.75 20.21
C TYR B 370 -4.60 30.80 19.30
N ARG B 371 -5.57 31.56 19.81
CA ARG B 371 -6.24 32.56 19.00
C ARG B 371 -5.30 33.71 18.62
N CYS B 372 -4.55 34.24 19.59
CA CYS B 372 -3.77 35.46 19.32
C CYS B 372 -2.35 35.18 18.84
N ARG B 373 -1.80 33.99 19.09
CA ARG B 373 -0.41 33.67 18.76
C ARG B 373 -0.27 32.45 17.86
N GLY B 374 -1.30 31.63 17.71
CA GLY B 374 -1.19 30.46 16.86
C GLY B 374 -0.74 29.20 17.57
N GLY B 375 -0.73 29.22 18.89
CA GLY B 375 -0.39 28.03 19.65
C GLY B 375 0.13 28.38 21.02
N CYS B 376 0.43 27.33 21.76
CA CYS B 376 0.90 27.41 23.14
C CYS B 376 1.58 26.09 23.46
N PRO B 377 2.90 26.01 23.35
CA PRO B 377 3.59 24.76 23.71
C PRO B 377 3.33 24.40 25.17
N ALA B 378 3.07 23.11 25.41
CA ALA B 378 2.66 22.69 26.74
C ALA B 378 3.04 21.24 26.97
N ASP B 379 3.49 20.95 28.18
CA ASP B 379 4.00 19.64 28.59
C ASP B 379 2.97 18.99 29.52
N TRP B 380 2.09 18.20 28.92
CA TRP B 380 0.98 17.58 29.66
C TRP B 380 1.46 16.90 30.93
N VAL B 381 2.59 16.17 30.85
CA VAL B 381 3.16 15.43 31.97
C VAL B 381 3.46 16.35 33.15
N TRP B 382 3.86 17.59 32.87
CA TRP B 382 4.08 18.55 33.93
C TRP B 382 2.86 19.42 34.26
N ILE B 383 1.98 19.68 33.28
CA ILE B 383 0.85 20.60 33.51
C ILE B 383 -0.19 19.96 34.42
N VAL B 384 -0.46 18.66 34.25
CA VAL B 384 -1.47 17.98 35.08
C VAL B 384 -0.98 17.90 36.52
N PRO B 385 -1.76 18.35 37.50
CA PRO B 385 -1.32 18.34 38.89
C PRO B 385 -1.06 16.93 39.39
N PRO B 386 -0.23 16.77 40.42
CA PRO B 386 0.12 15.43 40.92
C PRO B 386 -0.93 14.77 41.80
N MET B 387 -2.14 15.33 41.92
CA MET B 387 -3.27 14.64 42.54
C MET B 387 -4.51 15.02 41.77
N SER B 388 -5.54 14.17 41.85
CA SER B 388 -6.87 14.50 41.31
C SER B 388 -6.80 14.85 39.82
N GLY B 389 -5.91 14.18 39.09
CA GLY B 389 -5.61 14.60 37.72
C GLY B 389 -6.82 14.82 36.84
N SER B 390 -7.69 13.81 36.75
CA SER B 390 -8.74 13.89 35.75
C SER B 390 -9.92 14.77 36.17
N ILE B 391 -9.99 15.24 37.41
CA ILE B 391 -11.02 16.21 37.73
C ILE B 391 -10.53 17.64 37.50
N THR B 392 -9.32 17.80 37.01
CA THR B 392 -8.96 19.12 36.51
C THR B 392 -9.11 19.17 34.99
N PRO B 393 -9.41 20.34 34.42
CA PRO B 393 -9.68 20.39 32.98
C PRO B 393 -8.47 20.13 32.11
N VAL B 394 -7.25 20.33 32.61
CA VAL B 394 -6.07 20.10 31.77
C VAL B 394 -5.92 18.61 31.42
N PHE B 395 -6.43 17.71 32.26
CA PHE B 395 -6.26 16.27 31.99
C PHE B 395 -6.89 15.87 30.68
N HIS B 396 -8.01 16.50 30.34
CA HIS B 396 -8.79 16.21 29.16
C HIS B 396 -8.37 17.00 27.93
N GLN B 397 -7.34 17.84 28.08
CA GLN B 397 -6.87 18.77 27.05
C GLN B 397 -5.68 18.17 26.32
N GLU B 398 -5.84 17.94 25.01
CA GLU B 398 -4.67 17.61 24.19
C GLU B 398 -3.73 18.81 24.10
N MET B 399 -2.42 18.54 24.13
CA MET B 399 -1.41 19.59 24.06
C MET B 399 -0.29 19.19 23.11
N LEU B 400 0.35 20.19 22.52
CA LEU B 400 1.53 19.98 21.71
C LEU B 400 2.74 20.58 22.42
N ASN B 401 3.83 19.82 22.47
CA ASN B 401 5.05 20.25 23.14
C ASN B 401 6.12 20.51 22.10
N TYR B 402 6.68 21.72 22.10
CA TYR B 402 7.79 22.10 21.26
C TYR B 402 8.53 23.25 21.94
N ARG B 403 9.77 23.49 21.50
CA ARG B 403 10.64 24.44 22.19
C ARG B 403 10.77 25.70 21.36
N LEU B 404 10.30 26.82 21.90
CA LEU B 404 10.52 28.12 21.32
C LEU B 404 11.61 28.85 22.09
N THR B 405 12.22 29.83 21.43
CA THR B 405 13.19 30.67 22.10
C THR B 405 12.75 32.13 22.03
N PRO B 406 13.05 32.95 23.06
CA PRO B 406 13.83 32.73 24.28
C PRO B 406 13.26 31.64 25.17
N SER B 407 14.11 31.01 25.98
CA SER B 407 13.65 29.87 26.74
C SER B 407 14.44 29.76 28.04
N PHE B 408 13.81 29.16 29.05
CA PHE B 408 14.53 28.67 30.22
C PHE B 408 14.99 27.25 29.98
N GLU B 409 16.22 26.96 30.40
CA GLU B 409 16.91 25.71 30.12
C GLU B 409 17.54 25.19 31.39
N TYR B 410 17.76 23.88 31.43
CA TYR B 410 18.55 23.28 32.49
C TYR B 410 20.05 23.47 32.25
N GLN B 411 20.81 23.39 33.32
CA GLN B 411 22.26 23.45 33.24
C GLN B 411 22.83 22.53 34.32
N PRO B 412 24.08 22.10 34.17
CA PRO B 412 24.68 21.27 35.22
C PRO B 412 24.73 22.01 36.55
N ASP B 413 24.61 21.23 37.62
CA ASP B 413 24.86 21.79 38.94
C ASP B 413 26.29 22.32 38.99
N PRO B 414 26.51 23.49 39.59
CA PRO B 414 27.84 24.13 39.48
C PRO B 414 28.94 23.33 40.15
N TRP B 415 28.65 22.62 41.22
CA TRP B 415 29.70 21.86 41.89
C TRP B 415 30.20 20.68 41.06
N ASN B 416 29.46 20.29 40.02
CA ASN B 416 29.94 19.24 39.13
C ASN B 416 30.87 19.76 38.04
N THR B 417 31.04 21.07 37.91
CA THR B 417 31.90 21.62 36.89
C THR B 417 32.90 22.66 37.41
N HIS B 418 32.70 23.21 38.60
CA HIS B 418 33.56 24.30 39.05
C HIS B 418 34.93 23.79 39.47
N VAL B 419 35.96 24.50 39.07
CA VAL B 419 37.32 24.19 39.48
C VAL B 419 37.76 25.23 40.50
N TRP B 420 38.04 24.76 41.71
CA TRP B 420 38.26 25.64 42.85
C TRP B 420 39.64 26.30 42.79
N LYS B 421 39.74 27.48 43.41
CA LYS B 421 40.92 28.32 43.32
C LYS B 421 41.66 28.50 44.64
N LEU B 422 40.98 28.44 45.79
CA LEU B 422 41.58 28.78 47.07
C LEU B 422 42.56 27.70 47.52
N VAL B 423 43.53 28.11 48.34
CA VAL B 423 44.72 27.34 48.75
C VAL B 423 45.21 26.42 47.62
N ARG C 3 -23.63 -0.38 -31.87
CA ARG C 3 -24.39 -0.75 -33.08
C ARG C 3 -23.45 -1.08 -34.25
N PHE C 4 -22.28 -0.47 -34.26
CA PHE C 4 -21.26 -0.72 -35.29
C PHE C 4 -19.89 -0.76 -34.63
N LEU C 5 -19.01 -1.63 -35.13
CA LEU C 5 -17.60 -1.63 -34.74
C LEU C 5 -16.74 -1.62 -35.99
N LYS C 6 -15.57 -0.98 -35.90
CA LYS C 6 -14.70 -0.80 -37.06
C LYS C 6 -13.37 -1.49 -36.83
N VAL C 7 -12.89 -2.18 -37.86
CA VAL C 7 -11.56 -2.77 -37.87
C VAL C 7 -10.82 -2.16 -39.03
N LYS C 8 -9.50 -2.02 -38.86
CA LYS C 8 -8.64 -1.35 -39.82
C LYS C 8 -7.47 -2.25 -40.21
N ASN C 9 -7.12 -2.24 -41.49
CA ASN C 9 -5.88 -2.84 -41.96
C ASN C 9 -4.82 -1.75 -42.06
N TRP C 10 -3.73 -1.89 -41.28
CA TRP C 10 -2.72 -0.85 -41.20
C TRP C 10 -1.71 -0.89 -42.34
N GLU C 11 -1.73 -1.95 -43.16
CA GLU C 11 -0.95 -1.99 -44.39
C GLU C 11 -1.68 -1.31 -45.55
N THR C 12 -3.00 -1.49 -45.65
CA THR C 12 -3.75 -0.99 -46.79
C THR C 12 -4.66 0.19 -46.48
N GLU C 13 -4.88 0.50 -45.20
CA GLU C 13 -5.80 1.55 -44.71
C GLU C 13 -7.28 1.17 -44.88
N VAL C 14 -7.59 0.00 -45.44
CA VAL C 14 -8.97 -0.44 -45.57
C VAL C 14 -9.63 -0.54 -44.21
N VAL C 15 -10.87 -0.06 -44.11
CA VAL C 15 -11.65 -0.13 -42.88
C VAL C 15 -12.94 -0.89 -43.16
N LEU C 16 -13.26 -1.84 -42.29
CA LEU C 16 -14.46 -2.67 -42.38
C LEU C 16 -15.34 -2.40 -41.16
N THR C 17 -16.64 -2.63 -41.32
CA THR C 17 -17.61 -2.31 -40.27
C THR C 17 -18.34 -3.58 -39.88
N ASP C 18 -18.25 -3.94 -38.60
CA ASP C 18 -18.77 -5.20 -38.11
C ASP C 18 -20.09 -4.95 -37.40
N THR C 19 -21.17 -5.48 -37.97
CA THR C 19 -22.46 -5.52 -37.30
C THR C 19 -22.79 -6.90 -36.77
N LEU C 20 -22.11 -7.94 -37.28
CA LEU C 20 -22.47 -9.31 -36.94
C LEU C 20 -22.22 -9.60 -35.47
N HIS C 21 -21.27 -8.89 -34.83
CA HIS C 21 -20.98 -9.13 -33.42
C HIS C 21 -22.20 -8.98 -32.54
N LEU C 22 -23.25 -8.31 -33.03
CA LEU C 22 -24.47 -8.13 -32.24
C LEU C 22 -25.24 -9.44 -32.07
N LYS C 23 -24.98 -10.44 -32.89
CA LYS C 23 -25.61 -11.74 -32.75
C LYS C 23 -24.77 -12.72 -31.95
N SER C 24 -23.70 -12.27 -31.30
CA SER C 24 -22.85 -13.17 -30.55
C SER C 24 -23.51 -13.56 -29.23
N THR C 25 -23.01 -14.63 -28.61
CA THR C 25 -23.81 -15.32 -27.62
C THR C 25 -23.07 -15.73 -26.35
N LEU C 26 -22.14 -16.67 -26.42
CA LEU C 26 -21.47 -17.12 -25.21
C LEU C 26 -20.29 -16.21 -24.88
N GLU C 27 -19.65 -16.48 -23.75
CA GLU C 27 -18.51 -15.71 -23.28
C GLU C 27 -17.31 -15.86 -24.21
N THR C 28 -16.52 -14.78 -24.31
CA THR C 28 -15.17 -14.84 -24.87
C THR C 28 -14.13 -15.19 -23.81
N GLY C 29 -14.44 -14.98 -22.54
CA GLY C 29 -13.48 -15.06 -21.48
C GLY C 29 -12.96 -13.71 -21.05
N CYS C 30 -12.97 -12.73 -21.94
CA CYS C 30 -12.52 -11.40 -21.55
C CYS C 30 -13.57 -10.72 -20.67
N THR C 31 -13.13 -9.70 -19.95
CA THR C 31 -14.03 -8.81 -19.21
C THR C 31 -13.79 -7.38 -19.69
N GLU C 32 -14.59 -6.46 -19.15
CA GLU C 32 -14.42 -5.05 -19.51
C GLU C 32 -13.05 -4.52 -19.11
N TYR C 33 -12.40 -5.15 -18.13
CA TYR C 33 -11.13 -4.69 -17.61
C TYR C 33 -9.98 -5.67 -17.77
N ILE C 34 -10.21 -6.87 -18.29
CA ILE C 34 -9.13 -7.82 -18.54
C ILE C 34 -9.33 -8.44 -19.92
N CYS C 35 -8.25 -8.54 -20.70
CA CYS C 35 -8.26 -9.26 -21.95
C CYS C 35 -7.54 -10.58 -21.76
N MET C 36 -8.22 -11.67 -22.15
CA MET C 36 -7.70 -13.03 -22.07
C MET C 36 -7.49 -13.62 -23.45
N GLY C 37 -7.27 -12.74 -24.43
CA GLY C 37 -7.16 -13.14 -25.83
C GLY C 37 -6.11 -14.18 -26.14
N SER C 38 -5.07 -14.33 -25.31
CA SER C 38 -4.06 -15.36 -25.57
C SER C 38 -4.19 -16.59 -24.68
N ILE C 39 -5.30 -16.72 -23.94
CA ILE C 39 -5.55 -17.94 -23.16
C ILE C 39 -6.12 -19.01 -24.07
N MET C 40 -5.53 -20.21 -24.04
CA MET C 40 -5.96 -21.22 -25.02
C MET C 40 -7.37 -21.75 -24.71
N HIS C 41 -7.64 -22.11 -23.47
CA HIS C 41 -8.98 -22.60 -23.06
C HIS C 41 -9.48 -21.77 -21.89
N PRO C 42 -10.19 -20.66 -22.15
CA PRO C 42 -10.68 -19.83 -21.04
C PRO C 42 -11.68 -20.55 -20.13
N ASP C 51 -25.16 -33.57 -17.12
CA ASP C 51 -24.18 -32.83 -17.92
C ASP C 51 -24.82 -32.29 -19.22
N VAL C 52 -26.14 -32.21 -19.26
CA VAL C 52 -26.87 -31.92 -20.49
C VAL C 52 -27.96 -30.89 -20.24
N ALA C 53 -28.31 -30.16 -21.31
CA ALA C 53 -29.28 -29.07 -21.23
C ALA C 53 -30.66 -29.59 -20.85
N THR C 54 -31.45 -28.72 -20.21
CA THR C 54 -32.78 -29.08 -19.77
C THR C 54 -33.80 -28.80 -20.88
N LYS C 55 -35.05 -29.20 -20.63
CA LYS C 55 -36.11 -28.96 -21.60
C LYS C 55 -36.24 -27.48 -21.91
N ASP C 56 -36.29 -26.65 -20.88
CA ASP C 56 -36.48 -25.22 -21.06
C ASP C 56 -35.23 -24.51 -21.54
N GLN C 57 -34.04 -25.07 -21.31
CA GLN C 57 -32.85 -24.52 -21.91
C GLN C 57 -32.81 -24.76 -23.42
N LEU C 58 -33.37 -25.89 -23.87
CA LEU C 58 -33.23 -26.30 -25.27
C LEU C 58 -34.14 -25.48 -26.18
N PHE C 59 -35.33 -25.09 -25.71
CA PHE C 59 -36.32 -24.38 -26.53
C PHE C 59 -35.73 -23.14 -27.19
N PRO C 60 -35.22 -22.15 -26.45
CA PRO C 60 -34.70 -20.95 -27.12
C PRO C 60 -33.50 -21.24 -28.01
N LEU C 61 -32.66 -22.20 -27.62
CA LEU C 61 -31.52 -22.54 -28.47
C LEU C 61 -31.99 -23.11 -29.80
N ALA C 62 -32.98 -24.00 -29.76
CA ALA C 62 -33.50 -24.58 -31.00
C ALA C 62 -34.19 -23.52 -31.84
N LYS C 63 -34.98 -22.67 -31.20
CA LYS C 63 -35.71 -21.67 -31.97
C LYS C 63 -34.74 -20.74 -32.70
N GLU C 64 -33.67 -20.30 -32.02
CA GLU C 64 -32.71 -19.41 -32.64
C GLU C 64 -32.09 -20.06 -33.87
N PHE C 65 -31.69 -21.33 -33.76
CA PHE C 65 -31.09 -21.99 -34.90
C PHE C 65 -32.08 -22.15 -36.06
N ILE C 66 -33.33 -22.51 -35.76
CA ILE C 66 -34.30 -22.71 -36.84
C ILE C 66 -34.65 -21.39 -37.51
N ASP C 67 -34.83 -20.33 -36.72
CA ASP C 67 -34.97 -19.00 -37.30
C ASP C 67 -33.82 -18.69 -38.23
N GLN C 68 -32.59 -18.97 -37.77
CA GLN C 68 -31.40 -18.66 -38.55
C GLN C 68 -31.37 -19.43 -39.86
N TYR C 69 -31.69 -20.72 -39.80
CA TYR C 69 -31.71 -21.53 -41.01
C TYR C 69 -32.77 -21.04 -41.99
N TYR C 70 -33.96 -20.71 -41.51
CA TYR C 70 -35.01 -20.28 -42.43
C TYR C 70 -34.75 -18.87 -42.98
N SER C 71 -34.10 -18.02 -42.19
CA SER C 71 -33.66 -16.74 -42.71
C SER C 71 -32.65 -16.93 -43.83
N SER C 72 -31.72 -17.88 -43.66
CA SER C 72 -30.68 -18.08 -44.65
C SER C 72 -31.24 -18.49 -46.01
N ILE C 73 -32.30 -19.31 -46.00
CA ILE C 73 -32.89 -19.81 -47.23
C ILE C 73 -34.03 -18.92 -47.69
N LYS C 74 -34.09 -17.70 -47.16
CA LYS C 74 -35.11 -16.71 -47.54
C LYS C 74 -36.53 -17.28 -47.44
N ARG C 75 -36.81 -17.88 -46.28
CA ARG C 75 -38.14 -18.40 -45.98
C ARG C 75 -38.53 -18.09 -44.54
N PHE C 76 -38.08 -16.96 -43.99
CA PHE C 76 -38.40 -16.61 -42.62
C PHE C 76 -39.86 -16.21 -42.53
N GLY C 77 -40.57 -16.78 -41.56
CA GLY C 77 -41.99 -16.55 -41.43
C GLY C 77 -42.86 -17.39 -42.33
N SER C 78 -42.26 -18.19 -43.21
CA SER C 78 -43.02 -19.00 -44.15
C SER C 78 -43.82 -20.07 -43.42
N LYS C 79 -44.72 -20.72 -44.18
CA LYS C 79 -45.53 -21.80 -43.64
C LYS C 79 -44.62 -22.91 -43.12
N ALA C 80 -43.62 -23.30 -43.92
CA ALA C 80 -42.70 -24.36 -43.52
C ALA C 80 -41.90 -23.98 -42.28
N HIS C 81 -41.60 -22.68 -42.11
CA HIS C 81 -40.84 -22.23 -40.95
C HIS C 81 -41.64 -22.42 -39.66
N MET C 82 -42.87 -21.90 -39.64
CA MET C 82 -43.72 -22.02 -38.45
C MET C 82 -44.02 -23.49 -38.12
N GLU C 83 -44.16 -24.34 -39.14
CA GLU C 83 -44.46 -25.74 -38.87
C GLU C 83 -43.25 -26.46 -38.30
N ARG C 84 -42.05 -26.16 -38.82
CA ARG C 84 -40.86 -26.77 -38.26
C ARG C 84 -40.69 -26.36 -36.79
N LEU C 85 -40.91 -25.07 -36.49
CA LEU C 85 -40.83 -24.60 -35.12
C LEU C 85 -41.75 -25.40 -34.20
N GLU C 86 -43.02 -25.53 -34.60
CA GLU C 86 -43.98 -26.30 -33.82
C GLU C 86 -43.56 -27.76 -33.73
N GLU C 87 -43.10 -28.34 -34.83
CA GLU C 87 -42.63 -29.72 -34.81
C GLU C 87 -41.47 -29.91 -33.85
N VAL C 88 -40.55 -28.94 -33.81
CA VAL C 88 -39.37 -29.06 -32.95
C VAL C 88 -39.78 -29.02 -31.48
N ASN C 89 -40.65 -28.07 -31.12
CA ASN C 89 -41.04 -27.93 -29.72
C ASN C 89 -41.88 -29.10 -29.26
N LYS C 90 -42.63 -29.73 -30.16
CA LYS C 90 -43.29 -30.99 -29.85
C LYS C 90 -42.28 -32.06 -29.48
N GLU C 91 -41.23 -32.20 -30.30
CA GLU C 91 -40.19 -33.19 -30.00
C GLU C 91 -39.54 -32.91 -28.66
N ILE C 92 -39.18 -31.65 -28.41
CA ILE C 92 -38.57 -31.32 -27.12
C ILE C 92 -39.54 -31.63 -25.99
N ASP C 93 -40.80 -31.25 -26.14
CA ASP C 93 -41.80 -31.51 -25.12
C ASP C 93 -41.94 -33.01 -24.84
N THR C 94 -41.98 -33.84 -25.89
CA THR C 94 -42.24 -35.25 -25.66
C THR C 94 -40.99 -36.02 -25.27
N THR C 95 -39.82 -35.66 -25.81
CA THR C 95 -38.63 -36.49 -25.70
C THR C 95 -37.43 -35.80 -25.04
N SER C 96 -37.54 -34.53 -24.69
CA SER C 96 -36.47 -33.71 -24.09
C SER C 96 -35.34 -33.42 -25.06
N THR C 97 -35.51 -33.70 -26.34
CA THR C 97 -34.52 -33.38 -27.37
C THR C 97 -35.26 -33.30 -28.69
N TYR C 98 -34.51 -33.10 -29.77
CA TYR C 98 -35.11 -33.17 -31.10
C TYR C 98 -34.06 -33.65 -32.10
N GLN C 99 -34.51 -33.88 -33.34
CA GLN C 99 -33.66 -34.34 -34.42
C GLN C 99 -33.62 -33.32 -35.54
N LEU C 100 -32.42 -33.03 -36.03
CA LEU C 100 -32.25 -32.15 -37.17
C LEU C 100 -32.61 -32.88 -38.47
N LYS C 101 -33.24 -32.15 -39.38
CA LYS C 101 -33.35 -32.62 -40.75
C LYS C 101 -31.97 -32.64 -41.40
N ASP C 102 -31.84 -33.43 -42.46
CA ASP C 102 -30.58 -33.50 -43.20
C ASP C 102 -30.12 -32.12 -43.63
N THR C 103 -31.04 -31.32 -44.19
CA THR C 103 -30.67 -29.98 -44.65
C THR C 103 -30.15 -29.13 -43.51
N GLU C 104 -30.76 -29.23 -42.32
CA GLU C 104 -30.32 -28.43 -41.19
C GLU C 104 -28.96 -28.90 -40.70
N LEU C 105 -28.72 -30.21 -40.73
CA LEU C 105 -27.42 -30.74 -40.32
C LEU C 105 -26.31 -30.23 -41.22
N ILE C 106 -26.54 -30.22 -42.54
CA ILE C 106 -25.51 -29.74 -43.47
C ILE C 106 -25.24 -28.26 -43.25
N TYR C 107 -26.31 -27.45 -43.25
CA TYR C 107 -26.22 -26.03 -42.93
C TYR C 107 -25.50 -25.80 -41.60
N GLY C 108 -25.88 -26.57 -40.58
CA GLY C 108 -25.26 -26.41 -39.27
C GLY C 108 -23.78 -26.70 -39.29
N ALA C 109 -23.39 -27.83 -39.90
CA ALA C 109 -21.95 -28.16 -39.92
C ALA C 109 -21.17 -27.11 -40.70
N LYS C 110 -21.71 -26.64 -41.82
CA LYS C 110 -21.03 -25.63 -42.61
C LYS C 110 -20.85 -24.33 -41.83
N HIS C 111 -21.86 -23.94 -41.06
CA HIS C 111 -21.75 -22.66 -40.37
C HIS C 111 -20.91 -22.77 -39.11
N ALA C 112 -20.81 -23.96 -38.51
CA ALA C 112 -19.81 -24.13 -37.46
C ALA C 112 -18.42 -23.88 -37.98
N TRP C 113 -18.12 -24.37 -39.19
CA TRP C 113 -16.82 -24.07 -39.80
C TRP C 113 -16.70 -22.58 -40.12
N ARG C 114 -17.75 -22.01 -40.72
CA ARG C 114 -17.76 -20.59 -41.04
C ARG C 114 -17.50 -19.75 -39.81
N ASN C 115 -17.96 -20.21 -38.66
CA ASN C 115 -17.84 -19.44 -37.43
C ASN C 115 -16.59 -19.75 -36.63
N ALA C 116 -15.73 -20.67 -37.07
CA ALA C 116 -14.55 -21.05 -36.30
C ALA C 116 -13.51 -19.93 -36.36
N SER C 117 -13.48 -19.08 -35.33
CA SER C 117 -12.64 -17.88 -35.41
CA SER C 117 -12.64 -17.89 -35.36
C SER C 117 -11.15 -18.20 -35.49
N ARG C 118 -10.72 -19.40 -35.10
CA ARG C 118 -9.31 -19.73 -35.15
C ARG C 118 -8.86 -20.37 -36.46
N CYS C 119 -9.75 -20.51 -37.45
CA CYS C 119 -9.43 -21.23 -38.68
C CYS C 119 -9.11 -20.24 -39.81
N VAL C 120 -7.88 -20.30 -40.32
CA VAL C 120 -7.50 -19.48 -41.46
C VAL C 120 -8.02 -20.02 -42.79
N GLY C 121 -8.57 -21.22 -42.82
CA GLY C 121 -8.91 -21.80 -44.09
C GLY C 121 -10.38 -21.64 -44.49
N ARG C 122 -11.08 -20.67 -43.90
CA ARG C 122 -12.53 -20.65 -44.02
C ARG C 122 -13.06 -20.14 -45.36
N ILE C 123 -12.21 -19.69 -46.29
CA ILE C 123 -12.72 -19.28 -47.57
C ILE C 123 -13.40 -20.46 -48.27
N GLN C 124 -13.09 -21.68 -47.85
CA GLN C 124 -13.64 -22.93 -48.37
C GLN C 124 -14.88 -23.40 -47.62
N TRP C 125 -15.41 -22.59 -46.69
CA TRP C 125 -16.39 -23.11 -45.72
C TRP C 125 -17.63 -23.72 -46.38
N SER C 126 -18.03 -23.22 -47.54
CA SER C 126 -19.28 -23.73 -48.10
C SER C 126 -19.08 -24.96 -48.98
N LYS C 127 -17.82 -25.37 -49.19
CA LYS C 127 -17.52 -26.58 -49.92
C LYS C 127 -17.08 -27.60 -48.86
N LEU C 128 -18.07 -28.20 -48.22
CA LEU C 128 -17.85 -29.16 -47.15
C LEU C 128 -18.74 -30.37 -47.43
N GLN C 129 -18.14 -31.55 -47.49
CA GLN C 129 -18.92 -32.76 -47.67
C GLN C 129 -19.34 -33.23 -46.28
N VAL C 130 -20.64 -33.38 -46.07
CA VAL C 130 -21.18 -33.74 -44.77
C VAL C 130 -21.67 -35.18 -44.85
N PHE C 131 -21.08 -36.07 -44.02
CA PHE C 131 -21.49 -37.46 -43.93
C PHE C 131 -22.33 -37.65 -42.67
N ASP C 132 -23.61 -37.92 -42.85
CA ASP C 132 -24.55 -38.12 -41.76
C ASP C 132 -24.37 -39.51 -41.21
N ALA C 133 -23.79 -39.65 -40.02
CA ALA C 133 -23.62 -40.95 -39.39
C ALA C 133 -24.48 -41.10 -38.15
N ARG C 134 -25.62 -40.42 -38.10
CA ARG C 134 -26.45 -40.48 -36.90
C ARG C 134 -27.18 -41.81 -36.75
N ASP C 135 -27.11 -42.73 -37.70
CA ASP C 135 -27.70 -44.05 -37.51
C ASP C 135 -26.73 -45.08 -36.95
N CYS C 136 -25.50 -44.66 -36.65
CA CYS C 136 -24.47 -45.57 -36.15
C CYS C 136 -24.78 -45.98 -34.70
N THR C 137 -24.43 -47.22 -34.34
CA THR C 137 -24.71 -47.69 -32.99
C THR C 137 -23.54 -48.40 -32.31
N THR C 138 -22.49 -48.76 -33.03
CA THR C 138 -21.38 -49.52 -32.45
C THR C 138 -20.06 -48.96 -32.94
N ALA C 139 -18.99 -49.36 -32.26
CA ALA C 139 -17.66 -48.89 -32.64
C ALA C 139 -17.27 -49.43 -34.01
N HIS C 140 -17.64 -50.68 -34.31
CA HIS C 140 -17.41 -51.21 -35.65
C HIS C 140 -18.06 -50.34 -36.71
N GLY C 141 -19.30 -49.90 -36.45
CA GLY C 141 -19.95 -48.99 -37.37
C GLY C 141 -19.22 -47.67 -37.50
N MET C 142 -18.70 -47.15 -36.38
CA MET C 142 -17.91 -45.91 -36.42
C MET C 142 -16.66 -46.08 -37.27
N PHE C 143 -15.99 -47.23 -37.14
CA PHE C 143 -14.80 -47.50 -37.93
C PHE C 143 -15.10 -47.49 -39.42
N ASN C 144 -16.22 -48.09 -39.82
CA ASN C 144 -16.62 -48.11 -41.22
C ASN C 144 -16.85 -46.69 -41.74
N TYR C 145 -17.59 -45.89 -40.97
CA TYR C 145 -17.82 -44.51 -41.37
C TYR C 145 -16.52 -43.72 -41.49
N ILE C 146 -15.58 -43.94 -40.57
CA ILE C 146 -14.33 -43.19 -40.59
C ILE C 146 -13.45 -43.65 -41.75
N CYS C 147 -13.38 -44.96 -42.00
CA CYS C 147 -12.63 -45.43 -43.17
C CYS C 147 -13.14 -44.78 -44.44
N ASN C 148 -14.46 -44.71 -44.60
CA ASN C 148 -15.04 -44.12 -45.79
C ASN C 148 -14.75 -42.61 -45.84
N HIS C 149 -14.81 -41.95 -44.68
CA HIS C 149 -14.44 -40.53 -44.61
C HIS C 149 -13.01 -40.33 -45.11
N VAL C 150 -12.06 -41.09 -44.54
CA VAL C 150 -10.66 -40.95 -44.91
C VAL C 150 -10.47 -41.14 -46.41
N LYS C 151 -11.09 -42.19 -46.96
CA LYS C 151 -10.88 -42.51 -48.36
C LYS C 151 -11.41 -41.39 -49.26
N TYR C 152 -12.63 -40.91 -48.96
CA TYR C 152 -13.20 -39.81 -49.72
C TYR C 152 -12.35 -38.55 -49.61
N ALA C 153 -11.98 -38.18 -48.38
CA ALA C 153 -11.23 -36.94 -48.16
C ALA C 153 -9.85 -36.99 -48.81
N THR C 154 -9.19 -38.15 -48.75
CA THR C 154 -7.82 -38.26 -49.24
C THR C 154 -7.78 -38.18 -50.77
N ASN C 155 -8.69 -38.89 -51.45
CA ASN C 155 -8.94 -38.72 -52.89
C ASN C 155 -7.62 -38.79 -53.67
N LYS C 156 -6.77 -39.75 -53.29
CA LYS C 156 -5.50 -39.98 -53.96
C LYS C 156 -4.57 -38.76 -53.90
N GLY C 157 -4.77 -37.89 -52.93
CA GLY C 157 -3.97 -36.69 -52.76
C GLY C 157 -4.63 -35.42 -53.23
N ASN C 158 -5.75 -35.50 -53.95
CA ASN C 158 -6.51 -34.31 -54.30
C ASN C 158 -7.56 -34.12 -53.21
N LEU C 159 -7.12 -33.53 -52.09
CA LEU C 159 -7.90 -33.61 -50.86
C LEU C 159 -9.16 -32.78 -50.92
N ARG C 160 -10.19 -33.25 -50.21
CA ARG C 160 -11.52 -32.65 -50.18
C ARG C 160 -11.96 -32.55 -48.72
N SER C 161 -12.50 -31.39 -48.35
CA SER C 161 -12.97 -31.18 -46.98
CA SER C 161 -12.96 -31.19 -46.98
C SER C 161 -14.19 -32.04 -46.69
N ALA C 162 -14.27 -32.56 -45.48
CA ALA C 162 -15.35 -33.46 -45.13
C ALA C 162 -15.50 -33.50 -43.62
N ILE C 163 -16.70 -33.87 -43.18
CA ILE C 163 -17.02 -34.07 -41.77
C ILE C 163 -17.97 -35.25 -41.68
N THR C 164 -17.80 -36.07 -40.63
CA THR C 164 -18.71 -37.19 -40.36
C THR C 164 -19.33 -36.96 -38.98
N ILE C 165 -20.66 -36.99 -38.91
CA ILE C 165 -21.36 -36.60 -37.70
C ILE C 165 -22.06 -37.83 -37.12
N PHE C 166 -21.64 -38.22 -35.92
CA PHE C 166 -22.19 -39.37 -35.20
C PHE C 166 -23.32 -38.93 -34.29
N PRO C 167 -24.03 -39.86 -33.66
CA PRO C 167 -25.24 -39.47 -32.91
C PRO C 167 -24.96 -38.45 -31.80
N GLN C 168 -25.91 -37.54 -31.63
CA GLN C 168 -25.78 -36.47 -30.66
C GLN C 168 -25.84 -37.01 -29.24
N ARG C 169 -25.45 -36.16 -28.31
CA ARG C 169 -25.48 -36.50 -26.89
C ARG C 169 -26.92 -36.61 -26.43
N THR C 170 -27.18 -37.54 -25.51
CA THR C 170 -28.53 -37.66 -24.97
C THR C 170 -28.53 -37.31 -23.50
N ASP C 171 -28.31 -38.28 -22.63
CA ASP C 171 -28.20 -38.04 -21.19
C ASP C 171 -26.79 -37.75 -20.72
N GLY C 172 -25.80 -37.79 -21.62
CA GLY C 172 -24.41 -37.63 -21.22
C GLY C 172 -23.71 -38.91 -20.82
N LYS C 173 -24.47 -40.01 -20.66
CA LYS C 173 -23.92 -41.31 -20.28
C LYS C 173 -23.86 -42.28 -21.45
N HIS C 174 -24.18 -41.82 -22.66
CA HIS C 174 -24.14 -42.64 -23.86
C HIS C 174 -23.42 -41.92 -24.99
N ASP C 175 -22.39 -41.13 -24.65
CA ASP C 175 -21.68 -40.35 -25.65
C ASP C 175 -20.99 -41.25 -26.68
N PHE C 176 -21.00 -40.79 -27.94
CA PHE C 176 -20.04 -41.25 -28.94
C PHE C 176 -18.81 -40.35 -28.90
N ARG C 177 -17.63 -40.95 -28.93
CA ARG C 177 -16.38 -40.20 -28.94
C ARG C 177 -15.37 -40.92 -29.82
N VAL C 178 -14.59 -40.16 -30.56
CA VAL C 178 -13.31 -40.64 -31.09
C VAL C 178 -12.26 -40.28 -30.06
N TRP C 179 -11.56 -41.28 -29.51
CA TRP C 179 -10.61 -40.93 -28.45
C TRP C 179 -9.35 -40.29 -29.00
N ASN C 180 -8.97 -40.62 -30.23
CA ASN C 180 -7.86 -39.96 -30.90
C ASN C 180 -8.14 -38.46 -31.05
N SER C 181 -7.08 -37.66 -30.96
CA SER C 181 -7.26 -36.22 -31.18
C SER C 181 -7.31 -35.91 -32.68
N GLN C 182 -6.55 -36.63 -33.50
CA GLN C 182 -6.78 -36.63 -34.93
C GLN C 182 -6.94 -38.07 -35.41
N LEU C 183 -7.58 -38.24 -36.57
CA LEU C 183 -7.75 -39.59 -37.09
C LEU C 183 -6.41 -40.24 -37.42
N ILE C 184 -5.44 -39.46 -37.89
CA ILE C 184 -4.14 -39.98 -38.27
C ILE C 184 -3.09 -39.21 -37.48
N ARG C 185 -2.41 -39.88 -36.54
CA ARG C 185 -1.26 -39.35 -35.82
C ARG C 185 -0.26 -40.47 -35.58
N TYR C 186 0.97 -40.08 -35.26
CA TYR C 186 2.05 -41.02 -34.99
C TYR C 186 2.19 -41.26 -33.50
N ALA C 187 2.59 -42.49 -33.16
CA ALA C 187 2.71 -42.88 -31.77
C ALA C 187 3.94 -42.24 -31.15
N GLY C 188 3.94 -42.14 -29.82
CA GLY C 188 5.12 -41.71 -29.08
C GLY C 188 5.42 -42.70 -27.97
N TYR C 189 6.71 -43.02 -27.82
CA TYR C 189 7.16 -43.99 -26.82
C TYR C 189 8.24 -43.36 -25.96
N LYS C 190 8.00 -43.28 -24.65
CA LYS C 190 9.03 -42.87 -23.72
C LYS C 190 10.01 -44.01 -23.48
N GLN C 191 11.31 -43.69 -23.45
CA GLN C 191 12.37 -44.67 -23.22
C GLN C 191 12.79 -44.69 -21.76
N PRO C 192 13.40 -45.79 -21.32
CA PRO C 192 13.96 -45.81 -19.96
C PRO C 192 14.94 -44.69 -19.68
N ASP C 193 15.62 -44.18 -20.71
CA ASP C 193 16.71 -43.24 -20.49
C ASP C 193 16.26 -41.78 -20.53
N GLY C 194 14.96 -41.53 -20.61
CA GLY C 194 14.42 -40.19 -20.64
C GLY C 194 14.05 -39.67 -22.01
N SER C 195 14.64 -40.22 -23.06
CA SER C 195 14.33 -39.75 -24.41
C SER C 195 12.96 -40.28 -24.86
N THR C 196 12.49 -39.74 -25.97
CA THR C 196 11.20 -40.09 -26.54
C THR C 196 11.40 -40.52 -27.99
N LEU C 197 10.78 -41.64 -28.37
CA LEU C 197 10.74 -42.08 -29.75
C LEU C 197 9.36 -41.76 -30.32
N GLY C 198 9.34 -41.28 -31.58
CA GLY C 198 8.09 -40.83 -32.20
C GLY C 198 7.67 -39.45 -31.73
N ASP C 199 6.35 -39.23 -31.74
CA ASP C 199 5.77 -37.92 -31.44
C ASP C 199 5.55 -37.79 -29.93
N PRO C 200 6.28 -36.91 -29.23
CA PRO C 200 6.13 -36.83 -27.77
C PRO C 200 4.75 -36.39 -27.31
N ALA C 201 4.02 -35.64 -28.14
CA ALA C 201 2.66 -35.21 -27.81
C ALA C 201 1.69 -36.37 -27.61
N ASN C 202 1.98 -37.55 -28.17
CA ASN C 202 1.04 -38.65 -28.14
C ASN C 202 1.45 -39.77 -27.20
N VAL C 203 2.40 -39.50 -26.31
CA VAL C 203 2.89 -40.55 -25.40
C VAL C 203 1.76 -41.09 -24.55
N GLN C 204 0.97 -40.21 -23.93
CA GLN C 204 -0.12 -40.66 -23.07
C GLN C 204 -1.12 -41.52 -23.83
N PHE C 205 -1.55 -41.04 -25.01
CA PHE C 205 -2.53 -41.77 -25.80
C PHE C 205 -1.95 -43.07 -26.33
N THR C 206 -0.65 -43.09 -26.68
CA THR C 206 0.01 -44.32 -27.07
C THR C 206 -0.02 -45.34 -25.94
N GLU C 207 0.16 -44.89 -24.70
CA GLU C 207 0.10 -45.81 -23.56
C GLU C 207 -1.29 -46.40 -23.42
N ILE C 208 -2.33 -45.58 -23.61
CA ILE C 208 -3.70 -46.08 -23.50
C ILE C 208 -3.95 -47.16 -24.54
N CYS C 209 -3.53 -46.91 -25.79
CA CYS C 209 -3.69 -47.92 -26.83
C CYS C 209 -2.98 -49.22 -26.48
N ILE C 210 -1.75 -49.13 -25.98
CA ILE C 210 -1.00 -50.34 -25.62
C ILE C 210 -1.71 -51.11 -24.54
N GLN C 211 -2.25 -50.40 -23.55
CA GLN C 211 -2.98 -51.06 -22.46
C GLN C 211 -4.22 -51.77 -22.99
N GLN C 212 -4.84 -51.22 -24.02
CA GLN C 212 -6.03 -51.82 -24.60
C GLN C 212 -5.73 -52.99 -25.54
N GLY C 213 -4.45 -53.35 -25.71
CA GLY C 213 -4.09 -54.49 -26.54
C GLY C 213 -3.31 -54.16 -27.79
N TRP C 214 -3.04 -52.90 -28.08
CA TRP C 214 -2.27 -52.56 -29.26
C TRP C 214 -0.82 -53.03 -29.13
N LYS C 215 -0.36 -53.76 -30.15
CA LYS C 215 1.02 -54.23 -30.23
C LYS C 215 1.79 -53.24 -31.09
N PRO C 216 2.62 -52.40 -30.48
CA PRO C 216 3.24 -51.30 -31.20
C PRO C 216 4.51 -51.75 -31.89
N PRO C 217 4.72 -51.36 -33.15
CA PRO C 217 6.01 -51.64 -33.80
C PRO C 217 7.17 -50.89 -33.18
N ARG C 218 6.91 -49.86 -32.36
CA ARG C 218 7.92 -49.07 -31.67
C ARG C 218 8.92 -48.47 -32.66
N GLY C 219 8.41 -47.68 -33.59
CA GLY C 219 9.24 -46.90 -34.50
C GLY C 219 8.95 -45.42 -34.36
N ARG C 220 9.50 -44.61 -35.27
CA ARG C 220 9.38 -43.16 -35.18
C ARG C 220 8.13 -42.60 -35.83
N PHE C 221 7.49 -43.34 -36.74
CA PHE C 221 6.30 -42.84 -37.43
C PHE C 221 5.29 -43.98 -37.57
N ASP C 222 4.86 -44.52 -36.43
CA ASP C 222 3.82 -45.54 -36.39
C ASP C 222 2.45 -44.88 -36.35
N VAL C 223 1.65 -45.09 -37.40
CA VAL C 223 0.27 -44.61 -37.37
C VAL C 223 -0.45 -45.28 -36.21
N LEU C 224 -1.10 -44.48 -35.38
CA LEU C 224 -1.79 -45.01 -34.22
C LEU C 224 -3.08 -45.70 -34.64
N PRO C 225 -3.55 -46.65 -33.83
CA PRO C 225 -4.87 -47.24 -34.10
C PRO C 225 -5.96 -46.25 -33.70
N LEU C 226 -7.14 -46.46 -34.25
CA LEU C 226 -8.30 -45.70 -33.80
C LEU C 226 -8.84 -46.32 -32.52
N LEU C 227 -9.33 -45.47 -31.62
CA LEU C 227 -9.91 -45.89 -30.36
C LEU C 227 -11.29 -45.28 -30.31
N LEU C 228 -12.33 -46.09 -30.51
CA LEU C 228 -13.65 -45.59 -30.84
C LEU C 228 -14.66 -45.97 -29.77
N GLN C 229 -15.47 -45.00 -29.37
CA GLN C 229 -16.46 -45.19 -28.31
C GLN C 229 -17.83 -44.88 -28.85
N ALA C 230 -18.71 -45.88 -28.83
CA ALA C 230 -20.08 -45.77 -29.27
C ALA C 230 -21.02 -45.94 -28.08
N ASN C 231 -21.97 -45.02 -27.95
CA ASN C 231 -23.10 -45.15 -27.03
C ASN C 231 -22.67 -45.25 -25.57
N GLY C 232 -21.53 -44.63 -25.23
CA GLY C 232 -21.04 -44.64 -23.87
C GLY C 232 -20.34 -45.92 -23.44
N ASN C 233 -20.17 -46.88 -24.35
CA ASN C 233 -19.51 -48.13 -24.01
C ASN C 233 -17.99 -47.93 -23.98
N ASP C 234 -17.28 -48.93 -23.44
CA ASP C 234 -15.83 -48.85 -23.44
C ASP C 234 -15.34 -48.72 -24.89
N PRO C 235 -14.30 -47.93 -25.13
CA PRO C 235 -13.83 -47.78 -26.51
C PRO C 235 -13.09 -49.02 -26.96
N GLU C 236 -13.00 -49.16 -28.29
CA GLU C 236 -12.42 -50.33 -28.95
C GLU C 236 -11.40 -49.91 -29.99
N LEU C 237 -10.36 -50.72 -30.14
CA LEU C 237 -9.27 -50.48 -31.09
C LEU C 237 -9.58 -50.99 -32.50
N PHE C 238 -9.19 -50.19 -33.50
CA PHE C 238 -9.21 -50.59 -34.90
C PHE C 238 -7.98 -50.03 -35.60
N GLN C 239 -7.38 -50.84 -36.48
CA GLN C 239 -6.27 -50.39 -37.31
C GLN C 239 -6.80 -49.86 -38.64
N ILE C 240 -6.48 -48.60 -38.95
CA ILE C 240 -6.84 -48.04 -40.27
C ILE C 240 -6.13 -48.84 -41.34
N PRO C 241 -6.82 -49.30 -42.39
CA PRO C 241 -6.13 -50.02 -43.47
C PRO C 241 -5.02 -49.18 -44.07
N PRO C 242 -3.78 -49.68 -44.06
CA PRO C 242 -2.63 -48.81 -44.39
C PRO C 242 -2.70 -48.20 -45.78
N GLU C 243 -3.49 -48.78 -46.68
CA GLU C 243 -3.63 -48.22 -48.02
C GLU C 243 -4.53 -46.99 -48.03
N LEU C 244 -5.23 -46.71 -46.93
CA LEU C 244 -5.97 -45.46 -46.84
C LEU C 244 -5.16 -44.33 -46.21
N VAL C 245 -3.98 -44.61 -45.66
CA VAL C 245 -3.18 -43.59 -44.96
C VAL C 245 -2.15 -43.07 -45.95
N LEU C 246 -2.37 -41.89 -46.50
CA LEU C 246 -1.44 -41.32 -47.45
C LEU C 246 -0.36 -40.51 -46.71
N GLU C 247 0.90 -40.80 -47.01
CA GLU C 247 2.04 -40.17 -46.36
C GLU C 247 3.00 -39.63 -47.41
N VAL C 248 3.80 -38.64 -47.00
CA VAL C 248 4.71 -37.94 -47.88
C VAL C 248 6.10 -38.00 -47.26
N PRO C 249 7.07 -38.60 -47.93
CA PRO C 249 8.46 -38.51 -47.44
C PRO C 249 9.01 -37.11 -47.71
N ILE C 250 9.69 -36.55 -46.71
CA ILE C 250 10.14 -35.16 -46.78
C ILE C 250 11.57 -35.11 -47.29
N ARG C 251 11.76 -34.47 -48.43
CA ARG C 251 13.07 -34.21 -49.01
C ARG C 251 13.16 -32.73 -49.33
N HIS C 252 14.38 -32.26 -49.62
CA HIS C 252 14.61 -30.85 -49.89
C HIS C 252 15.11 -30.66 -51.31
N PRO C 253 14.67 -29.59 -52.00
CA PRO C 253 15.04 -29.44 -53.42
C PRO C 253 16.52 -29.15 -53.64
N LYS C 254 17.24 -28.66 -52.64
CA LYS C 254 18.66 -28.36 -52.80
C LYS C 254 19.56 -29.22 -51.92
N PHE C 255 19.17 -29.48 -50.67
CA PHE C 255 19.99 -30.26 -49.75
C PHE C 255 19.76 -31.74 -50.01
N GLU C 256 20.71 -32.38 -50.69
CA GLU C 256 20.59 -33.80 -50.98
C GLU C 256 20.49 -34.61 -49.70
N TRP C 257 21.08 -34.12 -48.61
CA TRP C 257 21.13 -34.86 -47.36
C TRP C 257 19.82 -34.85 -46.59
N PHE C 258 18.86 -34.01 -46.98
CA PHE C 258 17.66 -33.85 -46.17
C PHE C 258 16.89 -35.15 -46.05
N LYS C 259 16.75 -35.88 -47.16
CA LYS C 259 16.04 -37.15 -47.12
C LYS C 259 16.65 -38.13 -46.11
N ASP C 260 17.93 -37.98 -45.79
CA ASP C 260 18.56 -38.88 -44.84
C ASP C 260 18.08 -38.66 -43.40
N LEU C 261 17.31 -37.61 -43.14
CA LEU C 261 16.69 -37.46 -41.83
C LEU C 261 15.55 -38.45 -41.61
N GLY C 262 15.06 -39.09 -42.67
CA GLY C 262 14.00 -40.07 -42.53
C GLY C 262 12.66 -39.51 -42.10
N LEU C 263 12.41 -38.24 -42.38
CA LEU C 263 11.15 -37.62 -42.00
C LEU C 263 10.08 -37.88 -43.03
N LYS C 264 8.85 -38.06 -42.53
CA LYS C 264 7.66 -38.12 -43.36
C LYS C 264 6.53 -37.48 -42.57
N TRP C 265 5.41 -37.26 -43.23
CA TRP C 265 4.18 -36.86 -42.56
C TRP C 265 2.98 -37.36 -43.36
N TYR C 266 1.84 -37.39 -42.68
CA TYR C 266 0.61 -37.82 -43.32
C TYR C 266 -0.05 -36.64 -44.03
N GLY C 267 -0.79 -36.93 -45.11
CA GLY C 267 -1.36 -35.85 -45.89
C GLY C 267 -2.68 -35.29 -45.39
N LEU C 268 -3.38 -36.03 -44.52
CA LEU C 268 -4.75 -35.67 -44.14
C LEU C 268 -4.81 -35.14 -42.72
N PRO C 269 -5.00 -33.83 -42.49
CA PRO C 269 -5.26 -33.35 -41.13
C PRO C 269 -6.73 -33.50 -40.81
N ALA C 270 -7.03 -34.19 -39.72
CA ALA C 270 -8.41 -34.63 -39.47
C ALA C 270 -8.67 -34.61 -37.96
N VAL C 271 -9.22 -33.48 -37.48
CA VAL C 271 -9.47 -33.31 -36.06
C VAL C 271 -10.66 -34.13 -35.62
N SER C 272 -10.51 -34.86 -34.52
CA SER C 272 -11.57 -35.77 -34.11
C SER C 272 -11.95 -35.65 -32.64
N ASN C 273 -11.48 -34.63 -31.92
CA ASN C 273 -11.77 -34.55 -30.50
C ASN C 273 -12.61 -33.33 -30.12
N MET C 274 -13.21 -32.65 -31.08
CA MET C 274 -14.00 -31.46 -30.78
C MET C 274 -15.48 -31.78 -30.78
N LEU C 275 -16.26 -30.85 -30.25
CA LEU C 275 -17.69 -31.01 -30.11
C LEU C 275 -18.40 -30.02 -31.04
N LEU C 276 -19.33 -30.51 -31.82
CA LEU C 276 -20.12 -29.72 -32.77
C LEU C 276 -21.46 -29.42 -32.14
N GLU C 277 -21.74 -28.14 -31.88
CA GLU C 277 -22.99 -27.69 -31.27
C GLU C 277 -23.86 -27.02 -32.33
N ILE C 278 -25.08 -27.53 -32.51
CA ILE C 278 -26.03 -26.98 -33.48
C ILE C 278 -27.39 -26.93 -32.81
N GLY C 279 -27.95 -25.74 -32.69
CA GLY C 279 -29.29 -25.60 -32.13
C GLY C 279 -29.43 -26.17 -30.74
N GLY C 280 -28.39 -26.10 -29.92
CA GLY C 280 -28.39 -26.68 -28.59
C GLY C 280 -28.10 -28.17 -28.55
N LEU C 281 -28.07 -28.84 -29.70
CA LEU C 281 -27.67 -30.24 -29.76
C LEU C 281 -26.16 -30.36 -29.78
N GLU C 282 -25.64 -31.43 -29.17
CA GLU C 282 -24.20 -31.58 -28.96
C GLU C 282 -23.73 -32.87 -29.63
N PHE C 283 -22.93 -32.72 -30.68
CA PHE C 283 -22.38 -33.85 -31.41
C PHE C 283 -20.93 -34.07 -30.97
N SER C 284 -20.75 -34.97 -30.01
CA SER C 284 -19.46 -35.15 -29.35
C SER C 284 -18.47 -35.95 -30.19
N ALA C 285 -18.92 -36.61 -31.26
CA ALA C 285 -18.04 -37.27 -32.22
C ALA C 285 -18.38 -36.70 -33.60
N CYS C 286 -17.47 -35.91 -34.16
CA CYS C 286 -17.70 -35.22 -35.42
C CYS C 286 -16.40 -34.97 -36.18
N PRO C 287 -15.59 -36.00 -36.44
CA PRO C 287 -14.29 -35.76 -37.08
C PRO C 287 -14.43 -35.02 -38.41
N PHE C 288 -13.56 -34.03 -38.61
CA PHE C 288 -13.55 -33.22 -39.82
C PHE C 288 -12.13 -33.06 -40.32
N SER C 289 -11.99 -32.85 -41.62
CA SER C 289 -10.69 -32.90 -42.24
C SER C 289 -10.64 -31.87 -43.36
N GLY C 290 -9.44 -31.36 -43.62
CA GLY C 290 -9.23 -30.47 -44.75
C GLY C 290 -7.94 -30.79 -45.46
N TRP C 291 -7.07 -29.79 -45.59
CA TRP C 291 -5.71 -30.03 -46.02
C TRP C 291 -4.79 -29.07 -45.26
N TYR C 292 -3.50 -29.42 -45.24
CA TYR C 292 -2.51 -28.75 -44.39
C TYR C 292 -2.09 -27.40 -44.94
N MET C 293 -1.83 -26.48 -44.01
CA MET C 293 -0.93 -25.37 -44.26
C MET C 293 0.47 -25.81 -43.84
N GLY C 294 1.47 -25.47 -44.65
CA GLY C 294 2.78 -26.08 -44.50
C GLY C 294 3.43 -25.85 -43.15
N THR C 295 3.17 -24.68 -42.54
CA THR C 295 3.80 -24.33 -41.26
C THR C 295 3.31 -25.20 -40.13
N GLU C 296 2.10 -25.76 -40.25
CA GLU C 296 1.63 -26.67 -39.22
C GLU C 296 2.61 -27.81 -39.03
N ILE C 297 3.12 -28.35 -40.13
CA ILE C 297 4.09 -29.45 -40.08
C ILE C 297 5.49 -28.90 -39.87
N GLY C 298 5.91 -28.00 -40.77
CA GLY C 298 7.30 -27.57 -40.78
C GLY C 298 7.73 -26.78 -39.56
N VAL C 299 6.82 -26.00 -38.98
CA VAL C 299 7.15 -25.17 -37.82
C VAL C 299 6.74 -25.85 -36.51
N ARG C 300 5.49 -26.28 -36.40
CA ARG C 300 5.01 -26.79 -35.11
C ARG C 300 5.37 -28.26 -34.92
N ASP C 301 4.93 -29.13 -35.85
CA ASP C 301 5.15 -30.57 -35.68
C ASP C 301 6.63 -30.89 -35.62
N TYR C 302 7.42 -30.32 -36.53
CA TYR C 302 8.83 -30.67 -36.60
C TYR C 302 9.71 -29.87 -35.63
N CYS C 303 9.34 -28.63 -35.27
CA CYS C 303 10.28 -27.75 -34.58
C CYS C 303 9.87 -27.28 -33.20
N ASP C 304 8.63 -27.53 -32.75
CA ASP C 304 8.32 -27.30 -31.35
C ASP C 304 9.28 -28.12 -30.48
N ASN C 305 9.80 -27.48 -29.42
CA ASN C 305 10.72 -28.17 -28.53
C ASN C 305 10.11 -29.44 -27.96
N SER C 306 8.80 -29.42 -27.71
CA SER C 306 8.06 -30.56 -27.15
C SER C 306 7.59 -31.55 -28.21
N ARG C 307 7.90 -31.34 -29.48
CA ARG C 307 7.42 -32.21 -30.55
C ARG C 307 8.61 -32.98 -31.14
N TYR C 308 8.75 -33.08 -32.46
CA TYR C 308 9.86 -33.83 -33.03
C TYR C 308 11.18 -33.09 -32.86
N ASN C 309 11.16 -31.77 -32.74
CA ASN C 309 12.31 -31.00 -32.23
C ASN C 309 13.56 -31.21 -33.08
N ILE C 310 13.46 -30.95 -34.39
CA ILE C 310 14.52 -31.33 -35.31
C ILE C 310 15.45 -30.19 -35.65
N LEU C 311 15.24 -28.98 -35.10
CA LEU C 311 16.06 -27.83 -35.48
C LEU C 311 17.56 -28.09 -35.30
N GLU C 312 17.96 -28.69 -34.17
CA GLU C 312 19.39 -28.87 -33.90
C GLU C 312 20.04 -29.74 -34.97
N GLU C 313 19.42 -30.88 -35.29
CA GLU C 313 20.01 -31.78 -36.28
C GLU C 313 20.10 -31.12 -37.65
N VAL C 314 19.08 -30.33 -38.02
CA VAL C 314 19.07 -29.74 -39.35
C VAL C 314 20.12 -28.65 -39.46
N ALA C 315 20.21 -27.80 -38.44
CA ALA C 315 21.25 -26.77 -38.41
C ALA C 315 22.64 -27.40 -38.47
N LYS C 316 22.85 -28.46 -37.70
CA LYS C 316 24.12 -29.19 -37.76
C LYS C 316 24.46 -29.56 -39.20
N LYS C 317 23.54 -30.24 -39.88
CA LYS C 317 23.77 -30.63 -41.27
C LYS C 317 23.87 -29.44 -42.21
N MET C 318 23.43 -28.25 -41.78
CA MET C 318 23.62 -27.03 -42.56
C MET C 318 24.95 -26.34 -42.25
N ASN C 319 25.77 -26.91 -41.35
CA ASN C 319 27.05 -26.31 -40.95
CA ASN C 319 27.05 -26.33 -40.91
C ASN C 319 26.84 -24.90 -40.39
N LEU C 320 25.78 -24.70 -39.63
CA LEU C 320 25.49 -23.38 -39.08
C LEU C 320 26.22 -23.19 -37.76
N ASP C 321 26.61 -21.93 -37.49
CA ASP C 321 27.21 -21.58 -36.21
C ASP C 321 26.12 -21.56 -35.15
N MET C 322 26.17 -22.52 -34.23
CA MET C 322 25.14 -22.67 -33.21
C MET C 322 25.63 -22.24 -31.84
N ARG C 323 26.77 -21.54 -31.78
CA ARG C 323 27.34 -21.08 -30.52
C ARG C 323 26.61 -19.90 -29.91
N LYS C 324 25.78 -19.18 -30.66
CA LYS C 324 25.04 -18.07 -30.08
C LYS C 324 23.77 -17.84 -30.87
N THR C 325 22.75 -17.31 -30.17
CA THR C 325 21.45 -17.12 -30.79
C THR C 325 21.51 -16.14 -31.95
N SER C 326 22.25 -15.04 -31.79
CA SER C 326 22.26 -13.94 -32.75
C SER C 326 22.77 -14.35 -34.14
N SER C 327 23.34 -15.53 -34.30
CA SER C 327 23.53 -16.03 -35.65
C SER C 327 22.21 -16.35 -36.34
N LEU C 328 21.12 -16.47 -35.57
CA LEU C 328 19.80 -16.87 -36.08
C LEU C 328 19.84 -18.23 -36.77
N TRP C 329 20.65 -19.14 -36.23
CA TRP C 329 20.72 -20.47 -36.84
C TRP C 329 19.36 -21.16 -36.79
N LYS C 330 18.61 -20.99 -35.70
CA LYS C 330 17.26 -21.56 -35.63
C LYS C 330 16.37 -21.01 -36.74
N ASP C 331 16.40 -19.68 -36.93
CA ASP C 331 15.57 -19.06 -37.96
C ASP C 331 15.91 -19.59 -39.35
N GLN C 332 17.21 -19.71 -39.65
CA GLN C 332 17.65 -20.20 -40.95
C GLN C 332 17.20 -21.64 -41.18
N ALA C 333 17.37 -22.50 -40.17
CA ALA C 333 16.99 -23.91 -40.29
C ALA C 333 15.48 -24.06 -40.44
N LEU C 334 14.70 -23.24 -39.71
CA LEU C 334 13.25 -23.32 -39.77
C LEU C 334 12.74 -23.07 -41.19
N VAL C 335 13.34 -22.12 -41.90
CA VAL C 335 12.85 -21.80 -43.25
C VAL C 335 13.10 -22.97 -44.19
N GLU C 336 14.30 -23.55 -44.16
CA GLU C 336 14.60 -24.67 -45.04
C GLU C 336 13.68 -25.85 -44.77
N ILE C 337 13.43 -26.17 -43.49
CA ILE C 337 12.52 -27.24 -43.15
C ILE C 337 11.16 -27.02 -43.82
N ASN C 338 10.68 -25.78 -43.78
CA ASN C 338 9.37 -25.47 -44.33
C ASN C 338 9.39 -25.45 -45.86
N ILE C 339 10.51 -25.08 -46.47
CA ILE C 339 10.67 -25.24 -47.91
C ILE C 339 10.56 -26.71 -48.29
N ALA C 340 11.19 -27.59 -47.51
CA ALA C 340 11.18 -29.02 -47.81
C ALA C 340 9.78 -29.60 -47.70
N VAL C 341 9.04 -29.23 -46.66
CA VAL C 341 7.68 -29.72 -46.47
C VAL C 341 6.83 -29.39 -47.69
N LEU C 342 6.87 -28.13 -48.13
CA LEU C 342 6.07 -27.71 -49.28
C LEU C 342 6.51 -28.39 -50.56
N TYR C 343 7.82 -28.43 -50.81
CA TYR C 343 8.35 -29.09 -52.00
C TYR C 343 7.91 -30.55 -52.07
N SER C 344 7.94 -31.24 -50.93
CA SER C 344 7.62 -32.66 -50.91
C SER C 344 6.16 -32.91 -51.26
N PHE C 345 5.25 -32.19 -50.60
CA PHE C 345 3.82 -32.37 -50.87
C PHE C 345 3.51 -32.04 -52.32
N GLN C 346 4.01 -30.90 -52.80
CA GLN C 346 3.79 -30.52 -54.20
C GLN C 346 4.36 -31.55 -55.16
N SER C 347 5.54 -32.10 -54.85
CA SER C 347 6.16 -33.09 -55.73
C SER C 347 5.33 -34.37 -55.79
N ASP C 348 4.74 -34.78 -54.67
CA ASP C 348 3.85 -35.94 -54.69
C ASP C 348 2.41 -35.58 -55.04
N LYS C 349 2.14 -34.33 -55.41
CA LYS C 349 0.80 -33.89 -55.83
C LYS C 349 -0.23 -34.17 -54.74
N VAL C 350 0.14 -33.90 -53.50
CA VAL C 350 -0.74 -33.93 -52.34
C VAL C 350 -1.05 -32.48 -51.97
N THR C 351 -2.34 -32.16 -51.89
CA THR C 351 -2.78 -30.79 -51.63
C THR C 351 -2.16 -30.24 -50.35
N ILE C 352 -1.59 -29.04 -50.46
CA ILE C 352 -1.05 -28.30 -49.33
C ILE C 352 -1.08 -26.82 -49.71
N VAL C 353 -1.07 -25.95 -48.71
CA VAL C 353 -1.11 -24.51 -48.94
C VAL C 353 0.00 -23.85 -48.12
N ASP C 354 0.78 -22.96 -48.74
CA ASP C 354 1.79 -22.25 -47.98
C ASP C 354 1.15 -21.08 -47.22
N HIS C 355 1.85 -20.63 -46.17
CA HIS C 355 1.25 -19.62 -45.30
C HIS C 355 1.01 -18.31 -46.02
N HIS C 356 1.81 -17.96 -47.02
CA HIS C 356 1.54 -16.72 -47.74
C HIS C 356 0.22 -16.80 -48.51
N SER C 357 0.04 -17.87 -49.28
CA SER C 357 -1.19 -18.06 -50.04
CA SER C 357 -1.20 -18.03 -50.03
C SER C 357 -2.41 -18.13 -49.11
N ALA C 358 -2.27 -18.83 -47.99
CA ALA C 358 -3.40 -19.05 -47.10
C ALA C 358 -3.87 -17.76 -46.43
N THR C 359 -2.94 -16.91 -46.03
CA THR C 359 -3.34 -15.69 -45.33
C THR C 359 -3.89 -14.65 -46.30
N GLU C 360 -3.33 -14.58 -47.52
CA GLU C 360 -3.93 -13.76 -48.57
C GLU C 360 -5.38 -14.17 -48.83
N SER C 361 -5.63 -15.48 -48.97
CA SER C 361 -7.00 -15.95 -49.20
C SER C 361 -7.91 -15.57 -48.05
N PHE C 362 -7.41 -15.69 -46.81
CA PHE C 362 -8.27 -15.37 -45.67
C PHE C 362 -8.66 -13.88 -45.63
N ILE C 363 -7.76 -12.97 -46.04
CA ILE C 363 -8.11 -11.55 -46.09
C ILE C 363 -9.23 -11.30 -47.12
N LYS C 364 -9.13 -11.92 -48.29
CA LYS C 364 -10.22 -11.80 -49.26
C LYS C 364 -11.51 -12.36 -48.68
N HIS C 365 -11.43 -13.52 -48.01
CA HIS C 365 -12.59 -14.11 -47.37
C HIS C 365 -13.17 -13.18 -46.30
N MET C 366 -12.30 -12.65 -45.45
CA MET C 366 -12.75 -11.76 -44.39
C MET C 366 -13.45 -10.54 -44.95
N GLU C 367 -12.88 -9.92 -45.99
CA GLU C 367 -13.52 -8.77 -46.59
C GLU C 367 -14.88 -9.15 -47.16
N ASN C 368 -14.96 -10.25 -47.89
CA ASN C 368 -16.23 -10.72 -48.46
C ASN C 368 -17.27 -10.95 -47.37
N GLU C 369 -16.86 -11.61 -46.28
CA GLU C 369 -17.76 -11.83 -45.15
C GLU C 369 -18.25 -10.52 -44.55
N TYR C 370 -17.39 -9.51 -44.42
CA TYR C 370 -17.87 -8.23 -43.92
C TYR C 370 -18.92 -7.65 -44.85
N ARG C 371 -18.69 -7.74 -46.16
CA ARG C 371 -19.63 -7.16 -47.12
C ARG C 371 -20.97 -7.90 -47.11
N CYS C 372 -20.95 -9.23 -47.18
CA CYS C 372 -22.19 -9.98 -47.38
CA CYS C 372 -22.19 -9.94 -47.37
C CYS C 372 -22.86 -10.38 -46.06
N ARG C 373 -22.09 -10.59 -45.01
CA ARG C 373 -22.60 -11.06 -43.72
C ARG C 373 -22.53 -10.03 -42.60
N GLY C 374 -21.74 -8.97 -42.75
CA GLY C 374 -21.61 -8.00 -41.68
C GLY C 374 -20.54 -8.31 -40.68
N GLY C 375 -19.65 -9.25 -40.97
CA GLY C 375 -18.51 -9.48 -40.12
C GLY C 375 -17.95 -10.87 -40.29
N CYS C 376 -16.87 -11.11 -39.57
CA CYS C 376 -16.13 -12.35 -39.62
C CYS C 376 -15.34 -12.48 -38.33
N PRO C 377 -15.84 -13.22 -37.36
CA PRO C 377 -15.09 -13.39 -36.11
C PRO C 377 -13.74 -14.06 -36.39
N ALA C 378 -12.68 -13.54 -35.77
CA ALA C 378 -11.35 -14.02 -36.08
C ALA C 378 -10.45 -13.86 -34.87
N ASP C 379 -9.58 -14.84 -34.66
CA ASP C 379 -8.67 -14.91 -33.53
C ASP C 379 -7.28 -14.68 -34.07
N TRP C 380 -6.83 -13.41 -34.01
CA TRP C 380 -5.53 -12.99 -34.52
C TRP C 380 -4.42 -13.89 -34.01
N VAL C 381 -4.49 -14.28 -32.74
CA VAL C 381 -3.44 -15.08 -32.10
C VAL C 381 -3.26 -16.43 -32.79
N TRP C 382 -4.35 -16.98 -33.34
CA TRP C 382 -4.30 -18.24 -34.08
C TRP C 382 -4.18 -18.05 -35.59
N ILE C 383 -4.69 -16.94 -36.14
CA ILE C 383 -4.72 -16.76 -37.60
C ILE C 383 -3.32 -16.43 -38.12
N VAL C 384 -2.55 -15.62 -37.39
CA VAL C 384 -1.19 -15.28 -37.81
C VAL C 384 -0.31 -16.54 -37.74
N PRO C 385 0.39 -16.90 -38.81
CA PRO C 385 1.17 -18.14 -38.82
C PRO C 385 2.34 -18.07 -37.84
N PRO C 386 2.89 -19.22 -37.44
CA PRO C 386 3.93 -19.25 -36.42
C PRO C 386 5.33 -18.92 -36.91
N MET C 387 5.50 -18.43 -38.13
CA MET C 387 6.77 -17.87 -38.59
C MET C 387 6.47 -16.73 -39.54
N SER C 388 7.44 -15.83 -39.70
CA SER C 388 7.34 -14.78 -40.73
C SER C 388 6.07 -13.97 -40.57
N GLY C 389 5.64 -13.76 -39.33
CA GLY C 389 4.31 -13.26 -39.07
C GLY C 389 3.99 -11.97 -39.82
N SER C 390 4.86 -10.97 -39.70
CA SER C 390 4.50 -9.66 -40.23
C SER C 390 4.68 -9.56 -41.75
N ILE C 391 5.29 -10.53 -42.40
CA ILE C 391 5.33 -10.41 -43.86
C ILE C 391 4.12 -11.10 -44.48
N THR C 392 3.20 -11.60 -43.63
CA THR C 392 1.90 -12.02 -44.16
C THR C 392 0.85 -10.94 -43.89
N PRO C 393 -0.18 -10.83 -44.74
CA PRO C 393 -1.13 -9.72 -44.61
C PRO C 393 -1.98 -9.77 -43.36
N VAL C 394 -2.20 -10.96 -42.77
CA VAL C 394 -3.09 -11.03 -41.61
C VAL C 394 -2.48 -10.30 -40.41
N PHE C 395 -1.15 -10.25 -40.32
CA PHE C 395 -0.49 -9.60 -39.19
C PHE C 395 -0.94 -8.16 -39.03
N HIS C 396 -1.19 -7.47 -40.14
CA HIS C 396 -1.50 -6.05 -40.15
C HIS C 396 -2.98 -5.77 -40.12
N GLN C 397 -3.79 -6.81 -39.95
CA GLN C 397 -5.25 -6.74 -40.05
C GLN C 397 -5.85 -6.78 -38.66
N GLU C 398 -6.53 -5.71 -38.26
CA GLU C 398 -7.34 -5.76 -37.05
C GLU C 398 -8.47 -6.77 -37.23
N MET C 399 -8.81 -7.47 -36.15
CA MET C 399 -9.84 -8.50 -36.16
C MET C 399 -10.65 -8.43 -34.88
N LEU C 400 -11.94 -8.74 -35.00
CA LEU C 400 -12.81 -8.88 -33.85
C LEU C 400 -13.09 -10.36 -33.59
N ASN C 401 -12.90 -10.78 -32.35
CA ASN C 401 -13.18 -12.16 -31.95
C ASN C 401 -14.47 -12.20 -31.15
N TYR C 402 -15.39 -13.09 -31.53
CA TYR C 402 -16.63 -13.35 -30.80
C TYR C 402 -17.18 -14.71 -31.21
N ARG C 403 -18.10 -15.23 -30.40
CA ARG C 403 -18.57 -16.60 -30.54
C ARG C 403 -19.97 -16.61 -31.14
N LEU C 404 -20.12 -17.17 -32.34
CA LEU C 404 -21.42 -17.41 -32.92
C LEU C 404 -21.72 -18.91 -32.92
N THR C 405 -23.00 -19.25 -32.95
CA THR C 405 -23.38 -20.65 -33.08
CA THR C 405 -23.40 -20.64 -33.07
C THR C 405 -24.19 -20.85 -34.35
N PRO C 406 -24.12 -22.06 -34.98
CA PRO C 406 -23.38 -23.30 -34.66
C PRO C 406 -21.87 -23.11 -34.47
N SER C 407 -21.24 -23.98 -33.67
CA SER C 407 -19.83 -23.78 -33.36
C SER C 407 -19.16 -25.12 -33.03
N PHE C 408 -17.87 -25.18 -33.33
CA PHE C 408 -16.99 -26.22 -32.78
C PHE C 408 -16.45 -25.78 -31.43
N GLU C 409 -16.49 -26.71 -30.47
CA GLU C 409 -16.13 -26.44 -29.08
C GLU C 409 -15.13 -27.49 -28.61
N TYR C 410 -14.35 -27.11 -27.60
CA TYR C 410 -13.52 -28.06 -26.88
C TYR C 410 -14.36 -28.90 -25.92
N GLN C 411 -13.83 -30.07 -25.59
CA GLN C 411 -14.48 -30.95 -24.64
C GLN C 411 -13.38 -31.70 -23.89
N PRO C 412 -13.68 -32.23 -22.72
CA PRO C 412 -12.65 -32.97 -21.96
C PRO C 412 -12.16 -34.20 -22.73
N ASP C 413 -10.88 -34.54 -22.51
CA ASP C 413 -10.37 -35.80 -23.00
C ASP C 413 -11.21 -36.94 -22.44
N PRO C 414 -11.55 -37.95 -23.25
CA PRO C 414 -12.48 -38.97 -22.77
C PRO C 414 -11.95 -39.78 -21.61
N TRP C 415 -10.63 -40.02 -21.56
CA TRP C 415 -10.11 -40.84 -20.48
C TRP C 415 -10.10 -40.11 -19.15
N ASN C 416 -10.33 -38.80 -19.14
CA ASN C 416 -10.44 -38.09 -17.88
C ASN C 416 -11.84 -38.13 -17.29
N THR C 417 -12.83 -38.65 -18.03
CA THR C 417 -14.18 -38.74 -17.49
C THR C 417 -14.87 -40.09 -17.69
N HIS C 418 -14.31 -41.01 -18.48
CA HIS C 418 -15.03 -42.24 -18.80
C HIS C 418 -15.06 -43.21 -17.64
N VAL C 419 -16.23 -43.81 -17.42
CA VAL C 419 -16.44 -44.80 -16.37
C VAL C 419 -16.31 -46.19 -17.00
N TRP C 420 -15.21 -46.87 -16.71
CA TRP C 420 -14.89 -48.13 -17.38
C TRP C 420 -15.83 -49.24 -16.93
N LYS C 421 -16.21 -50.09 -17.88
CA LYS C 421 -17.19 -51.15 -17.68
C LYS C 421 -16.57 -52.53 -17.47
N LEU C 422 -15.54 -52.88 -18.24
CA LEU C 422 -15.10 -54.26 -18.35
C LEU C 422 -14.53 -54.78 -17.02
N VAL C 423 -14.57 -56.11 -16.86
CA VAL C 423 -14.35 -56.83 -15.58
C VAL C 423 -14.79 -56.02 -14.35
N PHE D 4 -9.06 -14.08 -9.29
CA PHE D 4 -7.76 -14.74 -9.32
C PHE D 4 -7.66 -15.64 -10.54
N LEU D 5 -6.78 -15.27 -11.47
CA LEU D 5 -6.69 -15.90 -12.77
C LEU D 5 -5.32 -16.53 -12.98
N LYS D 6 -5.30 -17.63 -13.71
CA LYS D 6 -4.08 -18.40 -13.96
C LYS D 6 -3.67 -18.26 -15.43
N VAL D 7 -2.36 -18.18 -15.66
CA VAL D 7 -1.81 -18.28 -17.00
C VAL D 7 -0.84 -19.45 -17.04
N LYS D 8 -0.85 -20.17 -18.14
CA LYS D 8 -0.02 -21.38 -18.30
C LYS D 8 0.94 -21.18 -19.47
N ASN D 9 2.17 -21.65 -19.29
CA ASN D 9 3.11 -21.80 -20.40
C ASN D 9 2.99 -23.23 -20.94
N TRP D 10 2.68 -23.36 -22.22
CA TRP D 10 2.41 -24.69 -22.77
C TRP D 10 3.65 -25.43 -23.22
N GLU D 11 4.82 -24.79 -23.13
CA GLU D 11 6.10 -25.44 -23.36
C GLU D 11 6.64 -26.05 -22.07
N THR D 12 6.56 -25.31 -20.97
CA THR D 12 7.12 -25.72 -19.69
C THR D 12 6.10 -26.25 -18.70
N GLU D 13 4.81 -26.01 -18.94
CA GLU D 13 3.71 -26.29 -18.02
C GLU D 13 3.71 -25.42 -16.76
N VAL D 14 4.56 -24.38 -16.70
CA VAL D 14 4.51 -23.47 -15.56
C VAL D 14 3.18 -22.71 -15.56
N VAL D 15 2.53 -22.69 -14.40
CA VAL D 15 1.30 -21.91 -14.19
C VAL D 15 1.61 -20.78 -13.21
N LEU D 16 1.16 -19.57 -13.54
CA LEU D 16 1.26 -18.41 -12.68
C LEU D 16 -0.15 -17.92 -12.34
N THR D 17 -0.30 -17.38 -11.13
CA THR D 17 -1.58 -16.93 -10.61
C THR D 17 -1.57 -15.41 -10.50
N ASP D 18 -2.56 -14.75 -11.09
CA ASP D 18 -2.59 -13.29 -11.20
C ASP D 18 -3.61 -12.72 -10.24
N THR D 19 -3.14 -11.86 -9.33
CA THR D 19 -4.00 -11.00 -8.53
C THR D 19 -3.82 -9.52 -8.85
N LEU D 20 -2.70 -9.15 -9.48
CA LEU D 20 -2.45 -7.74 -9.79
C LEU D 20 -3.56 -7.13 -10.62
N HIS D 21 -4.25 -7.95 -11.42
CA HIS D 21 -5.29 -7.44 -12.32
C HIS D 21 -6.44 -6.79 -11.55
N LEU D 22 -6.59 -7.10 -10.26
CA LEU D 22 -7.63 -6.44 -9.48
C LEU D 22 -7.39 -4.94 -9.34
N LYS D 23 -6.17 -4.47 -9.61
CA LYS D 23 -5.84 -3.05 -9.49
C LYS D 23 -5.94 -2.29 -10.80
N SER D 24 -6.56 -2.87 -11.82
CA SER D 24 -6.60 -2.17 -13.10
C SER D 24 -7.70 -1.11 -13.09
N THR D 25 -7.51 -0.07 -13.90
CA THR D 25 -8.37 1.10 -13.84
C THR D 25 -9.21 1.29 -15.10
N LEU D 26 -8.58 1.21 -16.27
CA LEU D 26 -9.21 1.59 -17.53
C LEU D 26 -9.69 0.37 -18.31
N GLU D 27 -10.78 0.55 -19.05
CA GLU D 27 -11.35 -0.51 -19.87
C GLU D 27 -10.35 -0.96 -20.93
N THR D 28 -10.35 -2.26 -21.21
CA THR D 28 -9.52 -2.80 -22.29
C THR D 28 -10.14 -2.59 -23.65
N GLY D 29 -11.45 -2.38 -23.70
CA GLY D 29 -12.20 -2.46 -24.93
C GLY D 29 -12.89 -3.78 -25.14
N CYS D 30 -12.43 -4.84 -24.49
CA CYS D 30 -13.12 -6.12 -24.61
C CYS D 30 -14.36 -6.14 -23.74
N THR D 31 -15.23 -7.10 -24.01
CA THR D 31 -16.35 -7.43 -23.12
C THR D 31 -16.44 -8.94 -23.03
N GLU D 32 -17.39 -9.42 -22.23
CA GLU D 32 -17.68 -10.83 -22.19
C GLU D 32 -18.13 -11.38 -23.54
N TYR D 33 -18.47 -10.53 -24.51
CA TYR D 33 -18.96 -11.02 -25.78
C TYR D 33 -18.06 -10.69 -26.97
N ILE D 34 -17.14 -9.75 -26.84
CA ILE D 34 -16.31 -9.36 -27.96
C ILE D 34 -14.91 -9.09 -27.44
N CYS D 35 -13.90 -9.69 -28.06
CA CYS D 35 -12.52 -9.46 -27.69
C CYS D 35 -11.85 -8.59 -28.74
N MET D 36 -11.18 -7.54 -28.27
CA MET D 36 -10.55 -6.56 -29.14
C MET D 36 -9.03 -6.60 -29.03
N GLY D 37 -8.48 -7.76 -28.66
CA GLY D 37 -7.04 -7.87 -28.40
C GLY D 37 -6.13 -7.52 -29.56
N SER D 38 -6.63 -7.56 -30.80
CA SER D 38 -5.79 -7.16 -31.92
C SER D 38 -6.13 -5.76 -32.46
N ILE D 39 -6.95 -4.99 -31.76
CA ILE D 39 -7.20 -3.59 -32.13
C ILE D 39 -6.07 -2.70 -31.61
N MET D 40 -5.51 -1.88 -32.49
CA MET D 40 -4.39 -1.02 -32.12
C MET D 40 -4.76 -0.05 -30.99
N HIS D 41 -5.90 0.63 -31.13
CA HIS D 41 -6.42 1.56 -30.13
C HIS D 41 -7.85 1.16 -29.77
N PRO D 42 -8.01 0.17 -28.88
CA PRO D 42 -9.36 -0.35 -28.64
C PRO D 42 -10.27 0.61 -27.88
N SER D 43 -9.71 1.45 -27.00
CA SER D 43 -10.50 2.16 -26.00
C SER D 43 -10.14 3.64 -25.98
N GLN D 44 -11.16 4.48 -25.76
CA GLN D 44 -10.97 5.89 -25.48
C GLN D 44 -11.25 6.24 -24.03
N HIS D 45 -11.36 5.24 -23.16
CA HIS D 45 -11.60 5.45 -21.73
C HIS D 45 -10.37 6.13 -21.11
N ALA D 46 -10.54 7.39 -20.72
CA ALA D 46 -9.49 8.17 -20.09
C ALA D 46 -9.88 8.47 -18.64
N ARG D 47 -8.86 8.72 -17.82
CA ARG D 47 -9.07 8.89 -16.38
C ARG D 47 -9.54 10.31 -16.03
N ARG D 48 -9.16 11.30 -16.81
CA ARG D 48 -9.59 12.67 -16.57
C ARG D 48 -10.28 13.23 -17.82
N PRO D 49 -11.35 14.01 -17.64
CA PRO D 49 -12.20 14.39 -18.79
C PRO D 49 -11.54 15.36 -19.77
N GLU D 50 -12.39 16.04 -20.55
CA GLU D 50 -12.00 16.87 -21.70
C GLU D 50 -10.77 17.75 -21.46
N ASP D 51 -10.98 18.99 -21.08
CA ASP D 51 -9.84 19.85 -20.75
C ASP D 51 -9.69 19.95 -19.23
N VAL D 52 -9.35 21.12 -18.72
CA VAL D 52 -9.00 21.30 -17.31
C VAL D 52 -10.11 20.75 -16.42
N ALA D 53 -9.74 19.80 -15.55
CA ALA D 53 -10.71 19.11 -14.72
C ALA D 53 -11.17 19.98 -13.56
N THR D 54 -12.37 19.70 -13.07
CA THR D 54 -12.81 20.26 -11.80
C THR D 54 -12.02 19.61 -10.67
N LYS D 55 -12.28 20.07 -9.43
CA LYS D 55 -11.58 19.49 -8.28
C LYS D 55 -11.99 18.05 -8.05
N ASP D 56 -13.29 17.77 -8.06
CA ASP D 56 -13.77 16.42 -7.80
C ASP D 56 -13.36 15.44 -8.90
N GLN D 57 -12.80 15.93 -10.01
CA GLN D 57 -12.29 15.05 -11.06
C GLN D 57 -10.81 14.76 -10.91
N LEU D 58 -10.00 15.78 -10.59
CA LEU D 58 -8.57 15.56 -10.52
C LEU D 58 -8.13 15.03 -9.16
N PHE D 59 -8.63 15.59 -8.06
CA PHE D 59 -8.13 15.19 -6.75
C PHE D 59 -8.20 13.69 -6.50
N PRO D 60 -9.28 12.97 -6.83
CA PRO D 60 -9.30 11.53 -6.57
C PRO D 60 -8.20 10.77 -7.29
N LEU D 61 -7.84 11.22 -8.50
CA LEU D 61 -6.72 10.59 -9.22
C LEU D 61 -5.39 10.92 -8.56
N ALA D 62 -5.22 12.16 -8.09
CA ALA D 62 -3.99 12.55 -7.41
C ALA D 62 -3.82 11.74 -6.13
N LYS D 63 -4.87 11.68 -5.31
CA LYS D 63 -4.81 10.92 -4.06
C LYS D 63 -4.47 9.46 -4.31
N GLU D 64 -5.07 8.87 -5.34
CA GLU D 64 -4.76 7.49 -5.72
C GLU D 64 -3.26 7.30 -5.96
N PHE D 65 -2.65 8.20 -6.73
CA PHE D 65 -1.23 8.02 -7.03
C PHE D 65 -0.36 8.25 -5.80
N ILE D 66 -0.67 9.27 -5.00
CA ILE D 66 0.14 9.51 -3.81
C ILE D 66 0.00 8.36 -2.84
N ASP D 67 -1.23 7.82 -2.69
CA ASP D 67 -1.44 6.62 -1.89
C ASP D 67 -0.55 5.48 -2.39
N GLN D 68 -0.54 5.26 -3.70
CA GLN D 68 0.27 4.21 -4.29
C GLN D 68 1.76 4.42 -4.00
N TYR D 69 2.26 5.64 -4.21
CA TYR D 69 3.69 5.88 -4.03
C TYR D 69 4.10 5.74 -2.55
N TYR D 70 3.29 6.26 -1.62
CA TYR D 70 3.66 6.12 -0.22
C TYR D 70 3.47 4.69 0.27
N SER D 71 2.51 3.96 -0.30
CA SER D 71 2.45 2.52 -0.03
C SER D 71 3.70 1.84 -0.54
N SER D 72 4.15 2.21 -1.74
CA SER D 72 5.33 1.60 -2.33
C SER D 72 6.56 1.70 -1.42
N ILE D 73 6.65 2.78 -0.63
CA ILE D 73 7.82 3.00 0.23
C ILE D 73 7.51 2.71 1.69
N LYS D 74 6.37 2.08 1.98
CA LYS D 74 6.02 1.62 3.33
C LYS D 74 5.80 2.80 4.28
N ARG D 75 5.03 3.77 3.80
CA ARG D 75 4.71 4.97 4.58
C ARG D 75 3.26 5.39 4.38
N PHE D 76 2.35 4.43 4.25
CA PHE D 76 0.93 4.74 4.09
C PHE D 76 0.38 5.29 5.41
N GLY D 77 -0.26 6.44 5.32
CA GLY D 77 -0.77 7.14 6.49
C GLY D 77 0.26 7.89 7.29
N SER D 78 1.53 7.84 6.90
CA SER D 78 2.59 8.50 7.65
C SER D 78 2.37 10.01 7.65
N LYS D 79 3.21 10.71 8.41
CA LYS D 79 3.11 12.16 8.48
C LYS D 79 3.32 12.79 7.12
N ALA D 80 4.42 12.43 6.42
CA ALA D 80 4.68 12.99 5.11
C ALA D 80 3.54 12.71 4.13
N HIS D 81 2.96 11.52 4.20
CA HIS D 81 1.86 11.17 3.30
C HIS D 81 0.65 12.07 3.54
N MET D 82 0.28 12.28 4.80
CA MET D 82 -0.90 13.05 5.12
C MET D 82 -0.71 14.53 4.75
N GLU D 83 0.48 15.06 4.98
CA GLU D 83 0.76 16.42 4.56
C GLU D 83 0.80 16.53 3.04
N ARG D 84 1.32 15.49 2.38
CA ARG D 84 1.36 15.51 0.93
C ARG D 84 -0.05 15.60 0.35
N LEU D 85 -1.00 14.89 0.95
CA LEU D 85 -2.40 14.99 0.54
C LEU D 85 -2.93 16.41 0.71
N GLU D 86 -2.70 17.00 1.90
CA GLU D 86 -3.06 18.40 2.13
C GLU D 86 -2.45 19.33 1.08
N GLU D 87 -1.19 19.06 0.71
CA GLU D 87 -0.49 19.97 -0.18
C GLU D 87 -1.08 19.92 -1.59
N VAL D 88 -1.26 18.70 -2.10
CA VAL D 88 -1.95 18.54 -3.38
C VAL D 88 -3.35 19.13 -3.32
N ASN D 89 -4.00 18.98 -2.17
CA ASN D 89 -5.36 19.50 -2.00
C ASN D 89 -5.42 21.00 -2.24
N LYS D 90 -4.52 21.77 -1.61
CA LYS D 90 -4.58 23.22 -1.74
C LYS D 90 -3.97 23.70 -3.05
N GLU D 91 -3.01 22.96 -3.61
CA GLU D 91 -2.49 23.27 -4.94
C GLU D 91 -3.58 23.19 -5.99
N ILE D 92 -4.34 22.10 -6.00
CA ILE D 92 -5.48 21.99 -6.92
C ILE D 92 -6.49 23.09 -6.62
N ASP D 93 -6.81 23.28 -5.33
CA ASP D 93 -7.73 24.34 -4.92
C ASP D 93 -7.35 25.70 -5.46
N THR D 94 -6.05 25.97 -5.60
CA THR D 94 -5.59 27.31 -5.98
C THR D 94 -5.06 27.42 -7.40
N THR D 95 -4.71 26.29 -8.06
CA THR D 95 -4.18 26.36 -9.41
C THR D 95 -4.83 25.39 -10.39
N SER D 96 -5.82 24.60 -9.96
CA SER D 96 -6.49 23.58 -10.77
C SER D 96 -5.58 22.41 -11.12
N THR D 97 -4.33 22.40 -10.65
CA THR D 97 -3.41 21.29 -10.90
C THR D 97 -2.56 21.08 -9.64
N TYR D 98 -1.55 20.23 -9.73
CA TYR D 98 -0.54 20.12 -8.67
C TYR D 98 0.78 19.69 -9.28
N GLN D 99 1.85 19.77 -8.48
CA GLN D 99 3.19 19.50 -8.95
C GLN D 99 3.76 18.30 -8.22
N LEU D 100 4.45 17.43 -8.97
CA LEU D 100 5.07 16.24 -8.41
C LEU D 100 6.45 16.54 -7.83
N LYS D 101 6.71 16.05 -6.62
CA LYS D 101 8.08 15.93 -6.13
C LYS D 101 8.93 15.10 -7.10
N ASP D 102 10.24 15.38 -7.08
CA ASP D 102 11.19 14.66 -7.93
C ASP D 102 11.16 13.16 -7.70
N THR D 103 11.03 12.73 -6.44
CA THR D 103 10.96 11.29 -6.17
C THR D 103 9.68 10.69 -6.74
N GLU D 104 8.57 11.44 -6.66
CA GLU D 104 7.31 10.95 -7.20
C GLU D 104 7.36 10.88 -8.72
N LEU D 105 8.02 11.86 -9.35
CA LEU D 105 8.19 11.86 -10.80
C LEU D 105 8.99 10.65 -11.26
N ILE D 106 10.08 10.35 -10.56
CA ILE D 106 10.92 9.24 -10.97
C ILE D 106 10.20 7.92 -10.78
N TYR D 107 9.54 7.76 -9.63
CA TYR D 107 8.68 6.59 -9.39
C TYR D 107 7.65 6.43 -10.51
N GLY D 108 6.96 7.51 -10.86
CA GLY D 108 5.91 7.42 -11.87
C GLY D 108 6.44 7.01 -13.23
N ALA D 109 7.57 7.58 -13.64
CA ALA D 109 8.15 7.23 -14.93
C ALA D 109 8.51 5.75 -14.99
N LYS D 110 9.19 5.24 -13.95
CA LYS D 110 9.60 3.84 -13.96
C LYS D 110 8.39 2.92 -13.98
N HIS D 111 7.32 3.31 -13.29
CA HIS D 111 6.17 2.43 -13.23
C HIS D 111 5.32 2.47 -14.49
N ALA D 112 5.28 3.62 -15.17
CA ALA D 112 4.69 3.66 -16.50
C ALA D 112 5.36 2.65 -17.43
N TRP D 113 6.69 2.62 -17.44
CA TRP D 113 7.42 1.61 -18.19
C TRP D 113 7.09 0.22 -17.67
N ARG D 114 7.10 0.03 -16.35
CA ARG D 114 6.81 -1.28 -15.80
C ARG D 114 5.42 -1.76 -16.18
N ASN D 115 4.50 -0.82 -16.41
CA ASN D 115 3.13 -1.15 -16.72
C ASN D 115 2.85 -1.24 -18.21
N ALA D 116 3.85 -1.03 -19.08
CA ALA D 116 3.59 -1.00 -20.52
C ALA D 116 3.42 -2.43 -21.04
N SER D 117 2.16 -2.83 -21.22
CA SER D 117 1.91 -4.23 -21.57
CA SER D 117 1.83 -4.21 -21.60
C SER D 117 2.47 -4.63 -22.92
N ARG D 118 2.75 -3.66 -23.81
CA ARG D 118 3.26 -3.97 -25.13
C ARG D 118 4.78 -4.02 -25.22
N CYS D 119 5.50 -3.80 -24.12
CA CYS D 119 6.96 -3.68 -24.16
C CYS D 119 7.60 -4.99 -23.72
N VAL D 120 8.37 -5.61 -24.61
CA VAL D 120 9.12 -6.82 -24.25
C VAL D 120 10.39 -6.53 -23.46
N GLY D 121 10.80 -5.26 -23.36
CA GLY D 121 12.05 -4.93 -22.70
C GLY D 121 11.98 -4.66 -21.21
N ARG D 122 10.84 -4.92 -20.55
CA ARG D 122 10.57 -4.37 -19.23
C ARG D 122 11.37 -4.99 -18.10
N ILE D 123 12.17 -6.03 -18.34
CA ILE D 123 13.02 -6.52 -17.26
C ILE D 123 13.99 -5.42 -16.79
N GLN D 124 14.22 -4.40 -17.60
CA GLN D 124 15.10 -3.28 -17.30
C GLN D 124 14.41 -2.12 -16.58
N TRP D 125 13.13 -2.29 -16.21
CA TRP D 125 12.26 -1.14 -15.93
C TRP D 125 12.79 -0.26 -14.81
N SER D 126 13.39 -0.85 -13.77
CA SER D 126 13.86 -0.03 -12.66
C SER D 126 15.18 0.68 -12.97
N LYS D 127 15.84 0.34 -14.07
CA LYS D 127 17.09 0.95 -14.51
C LYS D 127 16.75 1.96 -15.61
N LEU D 128 16.28 3.13 -15.18
CA LEU D 128 15.82 4.17 -16.11
C LEU D 128 16.33 5.50 -15.58
N GLN D 129 17.07 6.22 -16.41
CA GLN D 129 17.54 7.55 -16.04
C GLN D 129 16.45 8.56 -16.40
N VAL D 130 16.06 9.38 -15.42
CA VAL D 130 14.96 10.32 -15.60
C VAL D 130 15.53 11.75 -15.61
N PHE D 131 15.32 12.47 -16.70
CA PHE D 131 15.74 13.86 -16.83
C PHE D 131 14.52 14.76 -16.63
N ASP D 132 14.51 15.47 -15.51
CA ASP D 132 13.41 16.36 -15.17
C ASP D 132 13.61 17.67 -15.92
N ALA D 133 12.77 17.93 -16.91
CA ALA D 133 12.87 19.16 -17.69
C ALA D 133 11.63 20.02 -17.51
N ARG D 134 11.02 19.96 -16.32
CA ARG D 134 9.78 20.70 -16.08
C ARG D 134 9.99 22.19 -15.91
N ASP D 135 11.22 22.69 -15.98
CA ASP D 135 11.50 24.12 -15.95
C ASP D 135 11.65 24.71 -17.34
N CYS D 136 11.63 23.87 -18.37
CA CYS D 136 11.78 24.33 -19.74
C CYS D 136 10.64 25.28 -20.12
N THR D 137 10.94 26.28 -20.97
CA THR D 137 9.92 27.25 -21.36
C THR D 137 9.83 27.53 -22.85
N THR D 138 10.83 27.19 -23.65
CA THR D 138 10.83 27.50 -25.08
C THR D 138 11.29 26.29 -25.88
N ALA D 139 11.00 26.33 -27.17
CA ALA D 139 11.43 25.25 -28.06
C ALA D 139 12.95 25.13 -28.08
N HIS D 140 13.67 26.25 -27.95
CA HIS D 140 15.12 26.21 -27.88
C HIS D 140 15.59 25.44 -26.66
N GLY D 141 14.98 25.72 -25.50
CA GLY D 141 15.28 24.93 -24.32
C GLY D 141 14.96 23.45 -24.51
N MET D 142 13.89 23.15 -25.26
CA MET D 142 13.53 21.76 -25.51
C MET D 142 14.60 21.08 -26.34
N PHE D 143 15.13 21.79 -27.34
CA PHE D 143 16.19 21.23 -28.18
C PHE D 143 17.42 20.88 -27.35
N ASN D 144 17.83 21.81 -26.46
CA ASN D 144 18.95 21.56 -25.54
C ASN D 144 18.73 20.30 -24.71
N TYR D 145 17.54 20.17 -24.09
CA TYR D 145 17.27 18.99 -23.27
C TYR D 145 17.28 17.70 -24.10
N ILE D 146 16.78 17.75 -25.34
CA ILE D 146 16.71 16.54 -26.16
C ILE D 146 18.10 16.14 -26.63
N CYS D 147 18.93 17.12 -26.99
CA CYS D 147 20.34 16.84 -27.32
C CYS D 147 21.06 16.17 -26.17
N ASN D 148 20.87 16.68 -24.94
CA ASN D 148 21.51 16.07 -23.78
C ASN D 148 21.01 14.64 -23.57
N HIS D 149 19.70 14.43 -23.74
CA HIS D 149 19.13 13.09 -23.69
C HIS D 149 19.81 12.16 -24.71
N VAL D 150 19.81 12.56 -25.97
CA VAL D 150 20.36 11.73 -27.04
C VAL D 150 21.81 11.36 -26.77
N LYS D 151 22.61 12.34 -26.34
CA LYS D 151 24.05 12.10 -26.11
C LYS D 151 24.26 11.21 -24.90
N TYR D 152 23.50 11.44 -23.82
CA TYR D 152 23.56 10.54 -22.68
C TYR D 152 23.17 9.12 -23.06
N ALA D 153 22.05 8.99 -23.80
CA ALA D 153 21.49 7.67 -24.08
C ALA D 153 22.33 6.91 -25.09
N THR D 154 22.88 7.60 -26.09
CA THR D 154 23.73 6.93 -27.07
C THR D 154 25.02 6.43 -26.43
N ASN D 155 25.71 7.29 -25.66
CA ASN D 155 26.85 6.87 -24.82
C ASN D 155 27.89 6.10 -25.63
N LYS D 156 28.19 6.59 -26.83
CA LYS D 156 29.20 5.98 -27.70
C LYS D 156 28.86 4.52 -28.03
N GLY D 157 27.57 4.20 -28.16
CA GLY D 157 27.14 2.88 -28.54
C GLY D 157 26.72 1.97 -27.39
N ASN D 158 27.15 2.28 -26.17
CA ASN D 158 26.76 1.53 -24.97
C ASN D 158 25.48 2.15 -24.42
N LEU D 159 24.35 1.87 -25.09
CA LEU D 159 23.14 2.66 -24.91
C LEU D 159 22.59 2.54 -23.48
N ARG D 160 21.91 3.60 -23.05
CA ARG D 160 21.36 3.68 -21.71
C ARG D 160 19.92 4.14 -21.81
N SER D 161 19.03 3.48 -21.07
CA SER D 161 17.63 3.87 -21.03
C SER D 161 17.43 5.22 -20.34
N ALA D 162 16.56 6.05 -20.92
CA ALA D 162 16.39 7.41 -20.40
C ALA D 162 15.06 7.98 -20.88
N ILE D 163 14.51 8.88 -20.07
CA ILE D 163 13.32 9.63 -20.42
C ILE D 163 13.52 11.08 -19.99
N THR D 164 13.04 12.02 -20.80
CA THR D 164 13.08 13.45 -20.49
C THR D 164 11.65 13.97 -20.42
N ILE D 165 11.31 14.63 -19.31
CA ILE D 165 9.92 14.96 -19.02
C ILE D 165 9.76 16.48 -18.98
N PHE D 166 9.03 17.01 -19.95
CA PHE D 166 8.74 18.42 -20.09
C PHE D 166 7.49 18.78 -19.32
N PRO D 167 7.16 20.08 -19.21
CA PRO D 167 6.04 20.49 -18.36
C PRO D 167 4.71 19.83 -18.74
N GLN D 168 3.94 19.49 -17.70
CA GLN D 168 2.67 18.83 -17.88
C GLN D 168 1.67 19.76 -18.55
N ARG D 169 0.60 19.15 -19.05
CA ARG D 169 -0.47 19.93 -19.65
C ARG D 169 -1.20 20.74 -18.58
N THR D 170 -1.60 21.96 -18.93
CA THR D 170 -2.37 22.77 -18.00
C THR D 170 -3.80 22.94 -18.52
N ASP D 171 -3.97 23.85 -19.47
CA ASP D 171 -5.29 24.15 -20.01
C ASP D 171 -5.56 23.48 -21.35
N GLY D 172 -4.56 22.83 -21.94
CA GLY D 172 -4.71 22.18 -23.22
C GLY D 172 -4.35 23.05 -24.41
N LYS D 173 -4.23 24.36 -24.22
CA LYS D 173 -3.77 25.26 -25.27
C LYS D 173 -2.33 25.70 -25.06
N HIS D 174 -1.66 25.16 -24.04
CA HIS D 174 -0.26 25.47 -23.74
C HIS D 174 0.57 24.20 -23.71
N ASP D 175 0.21 23.21 -24.53
CA ASP D 175 0.91 21.93 -24.53
C ASP D 175 2.34 22.08 -25.03
N PHE D 176 3.25 21.39 -24.35
CA PHE D 176 4.54 21.01 -24.93
C PHE D 176 4.37 19.73 -25.74
N ARG D 177 4.84 19.74 -26.99
CA ARG D 177 4.83 18.55 -27.84
C ARG D 177 6.13 18.45 -28.62
N VAL D 178 6.62 17.23 -28.77
CA VAL D 178 7.56 16.87 -29.82
C VAL D 178 6.73 16.36 -30.99
N TRP D 179 6.80 17.03 -32.13
CA TRP D 179 5.93 16.63 -33.24
C TRP D 179 6.46 15.40 -33.96
N ASN D 180 7.75 15.12 -33.87
CA ASN D 180 8.29 13.88 -34.40
C ASN D 180 7.72 12.69 -33.64
N SER D 181 7.53 11.58 -34.35
CA SER D 181 7.07 10.36 -33.67
C SER D 181 8.21 9.66 -32.93
N GLN D 182 9.43 9.73 -33.47
CA GLN D 182 10.66 9.42 -32.75
C GLN D 182 11.64 10.57 -32.89
N LEU D 183 12.56 10.69 -31.94
CA LEU D 183 13.54 11.76 -32.03
C LEU D 183 14.35 11.65 -33.33
N ILE D 184 14.61 10.43 -33.80
CA ILE D 184 15.45 10.20 -34.96
C ILE D 184 14.72 9.28 -35.93
N ARG D 185 14.35 9.81 -37.09
CA ARG D 185 13.74 9.03 -38.18
C ARG D 185 14.23 9.58 -39.51
N TYR D 186 14.03 8.80 -40.57
CA TYR D 186 14.43 9.19 -41.91
C TYR D 186 13.25 9.76 -42.67
N ALA D 187 13.53 10.74 -43.51
CA ALA D 187 12.48 11.41 -44.27
C ALA D 187 11.95 10.51 -45.39
N GLY D 188 10.79 10.89 -45.90
CA GLY D 188 10.19 10.21 -47.03
C GLY D 188 9.66 11.18 -48.05
N TYR D 189 9.89 10.93 -49.33
CA TYR D 189 9.55 11.88 -50.37
C TYR D 189 8.69 11.20 -51.45
N LYS D 190 7.61 11.88 -51.83
CA LYS D 190 6.82 11.45 -52.99
C LYS D 190 7.60 11.73 -54.26
N GLN D 191 7.80 10.72 -55.08
CA GLN D 191 8.60 10.85 -56.30
C GLN D 191 7.73 11.26 -57.48
N PRO D 192 8.35 11.84 -58.52
CA PRO D 192 7.58 12.19 -59.73
C PRO D 192 6.75 11.05 -60.28
N ASP D 193 7.34 9.87 -60.48
CA ASP D 193 6.60 8.76 -61.06
C ASP D 193 5.46 8.26 -60.18
N GLY D 194 5.41 8.67 -58.91
CA GLY D 194 4.37 8.23 -58.01
C GLY D 194 4.85 7.28 -56.92
N SER D 195 6.09 6.80 -56.98
CA SER D 195 6.65 5.96 -55.91
C SER D 195 7.20 6.83 -54.79
N THR D 196 8.00 6.25 -53.90
CA THR D 196 8.43 6.95 -52.69
C THR D 196 9.90 6.69 -52.41
N LEU D 197 10.64 7.74 -52.10
CA LEU D 197 12.04 7.66 -51.70
C LEU D 197 12.16 7.87 -50.19
N GLY D 198 13.03 7.08 -49.56
CA GLY D 198 13.15 7.10 -48.11
C GLY D 198 12.10 6.29 -47.40
N ASP D 199 11.67 6.75 -46.21
CA ASP D 199 10.74 6.01 -45.37
C ASP D 199 9.31 6.47 -45.66
N PRO D 200 8.47 5.64 -46.30
CA PRO D 200 7.10 6.08 -46.66
C PRO D 200 6.22 6.46 -45.47
N ALA D 201 6.51 5.95 -44.27
CA ALA D 201 5.70 6.30 -43.10
C ALA D 201 5.81 7.77 -42.76
N ASN D 202 6.91 8.41 -43.14
CA ASN D 202 7.19 9.79 -42.75
C ASN D 202 6.96 10.78 -43.89
N VAL D 203 6.18 10.40 -44.90
CA VAL D 203 5.95 11.30 -46.03
C VAL D 203 5.18 12.53 -45.58
N GLN D 204 4.15 12.35 -44.75
CA GLN D 204 3.38 13.49 -44.28
C GLN D 204 4.21 14.39 -43.36
N PHE D 205 4.93 13.79 -42.40
CA PHE D 205 5.73 14.60 -41.50
C PHE D 205 6.83 15.33 -42.27
N THR D 206 7.45 14.65 -43.23
CA THR D 206 8.45 15.31 -44.07
C THR D 206 7.86 16.51 -44.80
N GLU D 207 6.64 16.38 -45.34
CA GLU D 207 6.04 17.51 -46.05
C GLU D 207 5.79 18.69 -45.13
N ILE D 208 5.41 18.42 -43.88
CA ILE D 208 5.23 19.49 -42.89
C ILE D 208 6.56 20.21 -42.64
N CYS D 209 7.64 19.43 -42.53
CA CYS D 209 8.96 20.03 -42.31
C CYS D 209 9.38 20.89 -43.49
N ILE D 210 9.21 20.37 -44.71
CA ILE D 210 9.57 21.13 -45.90
C ILE D 210 8.77 22.42 -45.97
N GLN D 211 7.47 22.34 -45.67
CA GLN D 211 6.65 23.54 -45.63
C GLN D 211 7.12 24.52 -44.57
N GLN D 212 7.70 24.02 -43.48
CA GLN D 212 8.16 24.92 -42.43
C GLN D 212 9.53 25.51 -42.71
N GLY D 213 10.12 25.23 -43.86
CA GLY D 213 11.40 25.81 -44.23
C GLY D 213 12.54 24.81 -44.30
N TRP D 214 12.31 23.53 -44.02
CA TRP D 214 13.39 22.56 -44.08
C TRP D 214 13.81 22.35 -45.53
N LYS D 215 15.12 22.35 -45.75
CA LYS D 215 15.67 22.06 -47.08
C LYS D 215 16.02 20.58 -47.13
N PRO D 216 15.27 19.77 -47.85
CA PRO D 216 15.56 18.34 -47.89
C PRO D 216 16.74 18.04 -48.78
N PRO D 217 17.75 17.32 -48.28
CA PRO D 217 18.75 16.74 -49.18
C PRO D 217 18.16 15.71 -50.16
N ARG D 218 16.94 15.24 -49.92
CA ARG D 218 16.23 14.33 -50.83
C ARG D 218 17.05 13.07 -51.10
N GLY D 219 17.38 12.37 -50.02
CA GLY D 219 18.04 11.09 -50.10
C GLY D 219 17.20 10.00 -49.48
N ARG D 220 17.76 8.79 -49.35
CA ARG D 220 17.04 7.64 -48.81
C ARG D 220 17.14 7.53 -47.30
N PHE D 221 18.10 8.21 -46.67
CA PHE D 221 18.27 8.19 -45.23
C PHE D 221 18.65 9.58 -44.73
N ASP D 222 17.78 10.56 -45.00
CA ASP D 222 17.97 11.92 -44.49
C ASP D 222 17.37 12.00 -43.10
N VAL D 223 18.22 12.19 -42.08
CA VAL D 223 17.69 12.35 -40.73
C VAL D 223 16.79 13.57 -40.68
N LEU D 224 15.58 13.39 -40.15
CA LEU D 224 14.63 14.46 -40.06
C LEU D 224 15.07 15.50 -39.04
N PRO D 225 14.63 16.75 -39.21
CA PRO D 225 14.84 17.76 -38.16
C PRO D 225 13.86 17.54 -37.02
N LEU D 226 14.19 18.11 -35.87
CA LEU D 226 13.22 18.13 -34.78
C LEU D 226 12.23 19.27 -34.99
N LEU D 227 10.97 19.01 -34.67
CA LEU D 227 9.90 20.03 -34.73
C LEU D 227 9.32 20.12 -33.33
N LEU D 228 9.68 21.17 -32.61
CA LEU D 228 9.45 21.27 -31.17
C LEU D 228 8.45 22.36 -30.86
N GLN D 229 7.46 22.03 -30.02
CA GLN D 229 6.40 22.95 -29.61
C GLN D 229 6.42 23.10 -28.09
N ALA D 230 6.60 24.34 -27.64
CA ALA D 230 6.64 24.69 -26.22
C ALA D 230 5.51 25.65 -25.89
N ASN D 231 4.80 25.36 -24.80
CA ASN D 231 3.76 26.24 -24.27
C ASN D 231 2.75 26.66 -25.36
N GLY D 232 2.37 25.70 -26.20
CA GLY D 232 1.33 25.91 -27.18
C GLY D 232 1.72 26.74 -28.39
N ASN D 233 2.95 27.21 -28.47
CA ASN D 233 3.32 28.07 -29.59
C ASN D 233 3.54 27.25 -30.85
N ASP D 234 3.66 27.95 -31.99
CA ASP D 234 3.97 27.28 -33.24
C ASP D 234 5.28 26.49 -33.10
N PRO D 235 5.38 25.34 -33.73
CA PRO D 235 6.61 24.54 -33.58
C PRO D 235 7.76 25.10 -34.40
N GLU D 236 8.98 24.81 -33.92
CA GLU D 236 10.20 25.30 -34.54
C GLU D 236 11.10 24.13 -34.94
N LEU D 237 11.86 24.32 -36.02
CA LEU D 237 12.76 23.30 -36.56
C LEU D 237 14.17 23.45 -35.99
N PHE D 238 14.78 22.31 -35.68
CA PHE D 238 16.18 22.22 -35.23
C PHE D 238 16.82 20.99 -35.84
N GLN D 239 18.01 21.16 -36.42
CA GLN D 239 18.76 20.03 -36.94
C GLN D 239 19.57 19.40 -35.80
N ILE D 240 19.42 18.10 -35.60
CA ILE D 240 20.21 17.44 -34.55
C ILE D 240 21.66 17.39 -34.98
N PRO D 241 22.60 17.81 -34.15
CA PRO D 241 24.01 17.74 -34.54
C PRO D 241 24.39 16.33 -34.94
N PRO D 242 24.88 16.15 -36.17
CA PRO D 242 25.06 14.79 -36.69
C PRO D 242 26.00 13.95 -35.86
N GLU D 243 26.95 14.57 -35.16
CA GLU D 243 27.85 13.81 -34.30
C GLU D 243 27.11 13.16 -33.16
N LEU D 244 25.89 13.61 -32.89
CA LEU D 244 25.05 12.97 -31.88
C LEU D 244 24.23 11.81 -32.42
N VAL D 245 24.10 11.66 -33.73
CA VAL D 245 23.21 10.65 -34.33
C VAL D 245 24.08 9.47 -34.76
N LEU D 246 24.07 8.42 -33.94
CA LEU D 246 24.86 7.23 -34.21
C LEU D 246 24.14 6.37 -35.24
N GLU D 247 24.85 5.98 -36.31
CA GLU D 247 24.26 5.17 -37.36
C GLU D 247 25.13 3.96 -37.62
N VAL D 248 24.48 2.87 -38.05
CA VAL D 248 25.16 1.61 -38.29
C VAL D 248 25.00 1.27 -39.77
N PRO D 249 26.08 1.16 -40.53
CA PRO D 249 25.96 0.67 -41.92
C PRO D 249 25.73 -0.85 -41.92
N ILE D 250 24.75 -1.29 -42.70
CA ILE D 250 24.33 -2.70 -42.65
C ILE D 250 25.13 -3.52 -43.65
N ARG D 251 25.82 -4.53 -43.13
CA ARG D 251 26.56 -5.49 -43.96
C ARG D 251 26.29 -6.89 -43.42
N HIS D 252 26.65 -7.91 -44.26
CA HIS D 252 26.33 -9.30 -43.96
C HIS D 252 27.60 -10.10 -43.70
N PRO D 253 27.60 -10.98 -42.68
CA PRO D 253 28.82 -11.73 -42.35
C PRO D 253 29.27 -12.71 -43.43
N LYS D 254 28.42 -13.01 -44.41
CA LYS D 254 28.72 -13.98 -45.45
C LYS D 254 28.55 -13.40 -46.84
N PHE D 255 27.49 -12.62 -47.08
CA PHE D 255 27.21 -12.05 -48.39
C PHE D 255 28.00 -10.76 -48.54
N GLU D 256 29.10 -10.82 -49.30
CA GLU D 256 29.92 -9.63 -49.47
C GLU D 256 29.20 -8.56 -50.28
N TRP D 257 28.21 -8.93 -51.08
CA TRP D 257 27.43 -7.98 -51.87
C TRP D 257 26.42 -7.19 -51.05
N PHE D 258 26.17 -7.59 -49.80
CA PHE D 258 25.11 -6.94 -49.02
C PHE D 258 25.40 -5.47 -48.76
N LYS D 259 26.66 -5.14 -48.47
CA LYS D 259 26.97 -3.75 -48.17
C LYS D 259 26.67 -2.83 -49.35
N ASP D 260 26.60 -3.38 -50.57
CA ASP D 260 26.30 -2.58 -51.75
C ASP D 260 24.83 -2.20 -51.87
N LEU D 261 23.95 -2.81 -51.07
CA LEU D 261 22.57 -2.33 -50.94
C LEU D 261 22.51 -0.91 -50.39
N GLY D 262 23.58 -0.44 -49.74
CA GLY D 262 23.61 0.92 -49.24
C GLY D 262 22.69 1.17 -48.07
N LEU D 263 22.41 0.15 -47.28
CA LEU D 263 21.50 0.25 -46.15
C LEU D 263 22.22 0.72 -44.90
N LYS D 264 21.53 1.51 -44.09
CA LYS D 264 21.98 1.83 -42.75
C LYS D 264 20.75 2.04 -41.88
N TRP D 265 20.97 2.09 -40.56
CA TRP D 265 19.93 2.51 -39.63
C TRP D 265 20.59 3.26 -38.48
N TYR D 266 19.76 3.85 -37.63
CA TYR D 266 20.25 4.59 -36.47
C TYR D 266 20.19 3.71 -35.24
N GLY D 267 21.01 4.07 -34.25
CA GLY D 267 21.17 3.22 -33.09
C GLY D 267 20.18 3.43 -31.97
N LEU D 268 19.55 4.60 -31.91
CA LEU D 268 18.75 4.98 -30.75
C LEU D 268 17.26 4.98 -31.10
N PRO D 269 16.47 4.02 -30.62
CA PRO D 269 15.01 4.13 -30.74
C PRO D 269 14.48 4.99 -29.60
N ALA D 270 13.83 6.10 -29.95
CA ALA D 270 13.47 7.12 -28.97
C ALA D 270 12.05 7.58 -29.26
N VAL D 271 11.08 7.06 -28.51
CA VAL D 271 9.67 7.37 -28.78
C VAL D 271 9.35 8.75 -28.24
N SER D 272 8.75 9.60 -29.08
CA SER D 272 8.57 10.99 -28.69
C SER D 272 7.15 11.52 -28.90
N ASN D 273 6.17 10.66 -29.21
CA ASN D 273 4.82 11.14 -29.45
C ASN D 273 3.78 10.57 -28.49
N MET D 274 4.21 9.97 -27.39
CA MET D 274 3.29 9.40 -26.42
C MET D 274 3.11 10.32 -25.22
N LEU D 275 2.09 10.02 -24.41
CA LEU D 275 1.74 10.84 -23.27
C LEU D 275 1.97 10.05 -21.99
N LEU D 276 2.62 10.66 -21.02
CA LEU D 276 2.91 10.01 -19.75
C LEU D 276 1.92 10.52 -18.71
N GLU D 277 1.15 9.61 -18.14
CA GLU D 277 0.08 9.95 -17.22
C GLU D 277 0.48 9.48 -15.84
N ILE D 278 0.53 10.41 -14.88
CA ILE D 278 0.82 10.11 -13.48
C ILE D 278 -0.16 10.87 -12.61
N GLY D 279 -0.96 10.15 -11.84
CA GLY D 279 -1.85 10.76 -10.86
C GLY D 279 -2.77 11.81 -11.44
N GLY D 280 -3.29 11.57 -12.64
CA GLY D 280 -4.13 12.54 -13.29
C GLY D 280 -3.40 13.62 -14.06
N LEU D 281 -2.10 13.79 -13.84
CA LEU D 281 -1.31 14.74 -14.63
C LEU D 281 -0.93 14.12 -15.97
N GLU D 282 -0.86 14.97 -17.00
CA GLU D 282 -0.60 14.55 -18.37
C GLU D 282 0.68 15.22 -18.87
N PHE D 283 1.71 14.43 -19.13
CA PHE D 283 2.97 14.92 -19.65
C PHE D 283 3.03 14.61 -21.14
N SER D 284 2.66 15.60 -21.97
CA SER D 284 2.47 15.41 -23.41
C SER D 284 3.77 15.37 -24.19
N ALA D 285 4.88 15.74 -23.57
CA ALA D 285 6.20 15.59 -24.18
C ALA D 285 7.08 14.86 -23.20
N CYS D 286 7.42 13.63 -23.52
CA CYS D 286 8.16 12.79 -22.61
C CYS D 286 9.01 11.80 -23.39
N PRO D 287 9.94 12.25 -24.24
CA PRO D 287 10.66 11.30 -25.09
C PRO D 287 11.44 10.29 -24.25
N PHE D 288 11.31 9.02 -24.62
CA PHE D 288 12.00 7.94 -23.91
C PHE D 288 12.70 7.05 -24.93
N SER D 289 13.79 6.45 -24.51
CA SER D 289 14.59 5.67 -25.44
C SER D 289 15.21 4.48 -24.72
N GLY D 290 15.50 3.45 -25.50
CA GLY D 290 16.19 2.28 -25.00
C GLY D 290 17.19 1.81 -26.01
N TRP D 291 17.09 0.56 -26.42
CA TRP D 291 17.94 0.03 -27.47
C TRP D 291 17.11 -0.98 -28.27
N TYR D 292 17.54 -1.26 -29.50
CA TYR D 292 16.71 -1.98 -30.46
C TYR D 292 16.70 -3.48 -30.21
N MET D 293 15.57 -4.10 -30.53
CA MET D 293 15.52 -5.51 -30.88
C MET D 293 15.67 -5.62 -32.38
N GLY D 294 16.56 -6.53 -32.83
CA GLY D 294 16.90 -6.61 -34.24
C GLY D 294 15.70 -6.64 -35.17
N THR D 295 14.60 -7.30 -34.75
CA THR D 295 13.46 -7.47 -35.64
C THR D 295 12.77 -6.16 -35.97
N GLU D 296 12.81 -5.17 -35.05
CA GLU D 296 12.18 -3.90 -35.35
C GLU D 296 12.72 -3.30 -36.64
N ILE D 297 14.04 -3.37 -36.82
CA ILE D 297 14.70 -2.87 -38.01
C ILE D 297 14.63 -3.88 -39.14
N GLY D 298 15.12 -5.11 -38.87
CA GLY D 298 15.26 -6.09 -39.93
C GLY D 298 13.95 -6.63 -40.47
N VAL D 299 12.93 -6.74 -39.62
CA VAL D 299 11.64 -7.24 -40.07
C VAL D 299 10.68 -6.11 -40.45
N ARG D 300 10.43 -5.18 -39.52
CA ARG D 300 9.37 -4.19 -39.72
C ARG D 300 9.87 -3.01 -40.57
N ASP D 301 10.94 -2.35 -40.13
CA ASP D 301 11.42 -1.16 -40.85
C ASP D 301 11.82 -1.50 -42.28
N TYR D 302 12.56 -2.59 -42.45
CA TYR D 302 13.09 -2.95 -43.76
C TYR D 302 12.13 -3.76 -44.62
N CYS D 303 11.26 -4.58 -44.03
CA CYS D 303 10.49 -5.53 -44.86
C CYS D 303 8.97 -5.35 -44.86
N ASP D 304 8.40 -4.45 -44.04
CA ASP D 304 7.01 -4.09 -44.24
C ASP D 304 6.80 -3.58 -45.66
N ASN D 305 5.59 -3.80 -46.19
CA ASN D 305 5.30 -3.40 -47.57
C ASN D 305 5.21 -1.88 -47.71
N SER D 306 4.67 -1.20 -46.71
CA SER D 306 4.53 0.25 -46.77
C SER D 306 5.69 0.98 -46.08
N ARG D 307 6.80 0.28 -45.84
CA ARG D 307 8.04 0.89 -45.38
C ARG D 307 9.14 0.74 -46.44
N TYR D 308 10.34 0.32 -46.04
CA TYR D 308 11.42 0.28 -47.04
C TYR D 308 11.33 -0.92 -47.99
N ASN D 309 10.54 -1.94 -47.66
CA ASN D 309 10.11 -2.94 -48.65
C ASN D 309 11.27 -3.50 -49.47
N ILE D 310 12.31 -3.98 -48.78
CA ILE D 310 13.54 -4.36 -49.50
C ILE D 310 13.59 -5.83 -49.89
N LEU D 311 12.55 -6.63 -49.59
CA LEU D 311 12.65 -8.08 -49.79
C LEU D 311 12.93 -8.44 -51.25
N GLU D 312 12.15 -7.88 -52.18
CA GLU D 312 12.34 -8.19 -53.59
C GLU D 312 13.79 -8.03 -54.00
N GLU D 313 14.40 -6.90 -53.63
CA GLU D 313 15.76 -6.61 -54.05
C GLU D 313 16.77 -7.55 -53.39
N VAL D 314 16.56 -7.88 -52.12
CA VAL D 314 17.48 -8.81 -51.45
C VAL D 314 17.37 -10.20 -52.06
N ALA D 315 16.14 -10.64 -52.35
CA ALA D 315 15.94 -11.98 -52.90
C ALA D 315 16.58 -12.12 -54.28
N LYS D 316 16.41 -11.12 -55.13
CA LYS D 316 17.11 -11.08 -56.42
C LYS D 316 18.60 -11.34 -56.24
N LYS D 317 19.26 -10.54 -55.38
CA LYS D 317 20.68 -10.72 -55.14
C LYS D 317 21.00 -12.11 -54.60
N MET D 318 20.06 -12.73 -53.89
CA MET D 318 20.28 -14.07 -53.37
C MET D 318 20.03 -15.16 -54.39
N ASN D 319 19.52 -14.80 -55.57
CA ASN D 319 19.19 -15.76 -56.63
C ASN D 319 18.17 -16.78 -56.16
N LEU D 320 17.11 -16.30 -55.52
CA LEU D 320 16.06 -17.15 -55.00
C LEU D 320 14.97 -17.31 -56.05
N ASP D 321 14.30 -18.47 -56.00
CA ASP D 321 13.17 -18.77 -56.87
C ASP D 321 11.99 -17.89 -56.45
N MET D 322 11.78 -16.78 -57.18
CA MET D 322 10.71 -15.85 -56.84
C MET D 322 9.47 -16.04 -57.73
N ARG D 323 9.29 -17.23 -58.31
CA ARG D 323 8.15 -17.44 -59.20
C ARG D 323 6.85 -17.52 -58.41
N LYS D 324 6.85 -18.22 -57.28
CA LYS D 324 5.64 -18.36 -56.47
C LYS D 324 5.99 -18.27 -54.99
N THR D 325 4.95 -18.10 -54.16
CA THR D 325 5.19 -17.94 -52.73
C THR D 325 5.75 -19.20 -52.08
N SER D 326 5.43 -20.37 -52.63
CA SER D 326 5.75 -21.65 -51.99
C SER D 326 7.24 -21.90 -51.87
N SER D 327 8.08 -21.22 -52.66
CA SER D 327 9.51 -21.32 -52.43
C SER D 327 9.96 -20.62 -51.15
N LEU D 328 9.10 -19.85 -50.51
CA LEU D 328 9.44 -19.11 -49.30
C LEU D 328 10.64 -18.20 -49.52
N TRP D 329 10.76 -17.65 -50.74
CA TRP D 329 11.81 -16.68 -51.02
C TRP D 329 11.74 -15.48 -50.08
N LYS D 330 10.51 -15.07 -49.73
CA LYS D 330 10.38 -13.97 -48.78
C LYS D 330 10.95 -14.32 -47.41
N ASP D 331 10.66 -15.54 -46.94
CA ASP D 331 11.11 -15.94 -45.61
C ASP D 331 12.62 -16.09 -45.55
N GLN D 332 13.22 -16.62 -46.62
CA GLN D 332 14.68 -16.83 -46.65
C GLN D 332 15.42 -15.51 -46.63
N ALA D 333 15.03 -14.59 -47.51
CA ALA D 333 15.66 -13.27 -47.53
C ALA D 333 15.49 -12.59 -46.18
N LEU D 334 14.30 -12.71 -45.59
CA LEU D 334 14.00 -12.06 -44.32
C LEU D 334 15.01 -12.47 -43.25
N VAL D 335 15.34 -13.77 -43.19
CA VAL D 335 16.31 -14.24 -42.20
C VAL D 335 17.68 -13.61 -42.45
N GLU D 336 18.12 -13.62 -43.72
CA GLU D 336 19.43 -13.03 -44.03
C GLU D 336 19.48 -11.56 -43.64
N ILE D 337 18.41 -10.81 -43.91
CA ILE D 337 18.41 -9.39 -43.56
C ILE D 337 18.58 -9.21 -42.06
N ASN D 338 17.90 -10.04 -41.27
CA ASN D 338 17.99 -9.87 -39.83
C ASN D 338 19.33 -10.33 -39.27
N ILE D 339 19.94 -11.34 -39.90
CA ILE D 339 21.32 -11.71 -39.56
C ILE D 339 22.25 -10.53 -39.79
N ALA D 340 22.12 -9.88 -40.94
CA ALA D 340 22.97 -8.73 -41.25
C ALA D 340 22.80 -7.62 -40.21
N VAL D 341 21.54 -7.31 -39.87
CA VAL D 341 21.30 -6.21 -38.94
C VAL D 341 22.01 -6.46 -37.62
N LEU D 342 21.81 -7.66 -37.05
CA LEU D 342 22.47 -7.99 -35.78
C LEU D 342 23.98 -7.97 -35.91
N TYR D 343 24.50 -8.58 -36.97
CA TYR D 343 25.94 -8.61 -37.20
C TYR D 343 26.52 -7.20 -37.25
N SER D 344 25.82 -6.26 -37.88
CA SER D 344 26.40 -4.94 -38.09
C SER D 344 26.44 -4.15 -36.80
N PHE D 345 25.32 -4.12 -36.06
CA PHE D 345 25.31 -3.45 -34.76
C PHE D 345 26.36 -4.05 -33.84
N GLN D 346 26.47 -5.38 -33.80
CA GLN D 346 27.42 -6.02 -32.91
C GLN D 346 28.86 -5.73 -33.34
N SER D 347 29.10 -5.63 -34.65
CA SER D 347 30.43 -5.30 -35.14
C SER D 347 30.84 -3.91 -34.70
N ASP D 348 29.90 -2.98 -34.64
CA ASP D 348 30.18 -1.61 -34.25
C ASP D 348 29.98 -1.36 -32.75
N LYS D 349 29.80 -2.41 -31.97
CA LYS D 349 29.61 -2.29 -30.53
C LYS D 349 28.50 -1.29 -30.20
N VAL D 350 27.38 -1.42 -30.90
CA VAL D 350 26.16 -0.69 -30.58
C VAL D 350 25.19 -1.67 -29.95
N THR D 351 24.63 -1.30 -28.80
CA THR D 351 23.77 -2.21 -28.06
C THR D 351 22.60 -2.66 -28.94
N ILE D 352 22.40 -3.98 -29.00
CA ILE D 352 21.24 -4.54 -29.67
C ILE D 352 20.97 -5.89 -29.06
N VAL D 353 19.71 -6.31 -29.09
CA VAL D 353 19.30 -7.61 -28.57
C VAL D 353 18.53 -8.33 -29.67
N ASP D 354 18.77 -9.64 -29.79
CA ASP D 354 18.01 -10.45 -30.75
C ASP D 354 16.70 -10.93 -30.10
N HIS D 355 15.76 -11.36 -30.96
CA HIS D 355 14.45 -11.72 -30.48
C HIS D 355 14.47 -12.98 -29.62
N HIS D 356 15.45 -13.88 -29.79
CA HIS D 356 15.56 -15.03 -28.91
C HIS D 356 15.95 -14.62 -27.49
N SER D 357 16.99 -13.79 -27.36
CA SER D 357 17.44 -13.37 -26.05
C SER D 357 16.44 -12.43 -25.38
N ALA D 358 15.81 -11.55 -26.16
CA ALA D 358 14.83 -10.61 -25.61
C ALA D 358 13.60 -11.33 -25.08
N THR D 359 13.10 -12.34 -25.81
CA THR D 359 11.88 -12.98 -25.37
C THR D 359 12.12 -13.88 -24.17
N GLU D 360 13.29 -14.52 -24.12
CA GLU D 360 13.68 -15.26 -22.93
C GLU D 360 13.75 -14.36 -21.69
N SER D 361 14.36 -13.16 -21.81
CA SER D 361 14.42 -12.27 -20.67
CA SER D 361 14.42 -12.27 -20.66
C SER D 361 13.02 -11.86 -20.21
N PHE D 362 12.10 -11.65 -21.17
CA PHE D 362 10.76 -11.25 -20.78
C PHE D 362 10.04 -12.37 -20.01
N ILE D 363 10.25 -13.64 -20.41
CA ILE D 363 9.72 -14.75 -19.64
C ILE D 363 10.24 -14.69 -18.21
N LYS D 364 11.54 -14.49 -18.05
CA LYS D 364 12.13 -14.29 -16.74
C LYS D 364 11.52 -13.09 -16.01
N HIS D 365 11.30 -11.99 -16.74
CA HIS D 365 10.68 -10.83 -16.12
C HIS D 365 9.27 -11.15 -15.63
N MET D 366 8.49 -11.88 -16.44
CA MET D 366 7.16 -12.31 -16.01
C MET D 366 7.24 -13.10 -14.71
N GLU D 367 8.09 -14.13 -14.66
CA GLU D 367 8.29 -14.90 -13.42
CA GLU D 367 8.27 -14.89 -13.42
C GLU D 367 8.47 -13.96 -12.24
N ASN D 368 9.43 -13.03 -12.36
CA ASN D 368 9.75 -12.13 -11.26
C ASN D 368 8.53 -11.33 -10.84
N GLU D 369 7.81 -10.79 -11.82
CA GLU D 369 6.67 -9.93 -11.51
C GLU D 369 5.57 -10.72 -10.83
N TYR D 370 5.26 -11.94 -11.31
CA TYR D 370 4.24 -12.74 -10.62
C TYR D 370 4.70 -13.11 -9.22
N ARG D 371 6.01 -13.33 -9.03
CA ARG D 371 6.50 -13.67 -7.71
C ARG D 371 6.37 -12.49 -6.75
N CYS D 372 6.94 -11.35 -7.09
CA CYS D 372 6.97 -10.24 -6.14
C CYS D 372 5.74 -9.35 -6.20
N ARG D 373 5.00 -9.32 -7.32
CA ARG D 373 3.92 -8.35 -7.49
C ARG D 373 2.54 -9.00 -7.68
N GLY D 374 2.48 -10.31 -7.91
CA GLY D 374 1.21 -10.96 -8.17
C GLY D 374 0.66 -10.79 -9.57
N GLY D 375 1.47 -10.32 -10.53
CA GLY D 375 1.02 -10.17 -11.90
C GLY D 375 1.91 -9.35 -12.80
N CYS D 376 1.69 -9.49 -14.10
CA CYS D 376 2.45 -8.74 -15.12
C CYS D 376 1.57 -8.58 -16.35
N PRO D 377 1.03 -7.40 -16.58
CA PRO D 377 0.22 -7.18 -17.79
C PRO D 377 1.07 -7.28 -19.04
N ALA D 378 0.58 -8.07 -20.02
CA ALA D 378 1.35 -8.31 -21.22
C ALA D 378 0.39 -8.50 -22.39
N ASP D 379 0.76 -7.93 -23.53
CA ASP D 379 -0.03 -7.92 -24.77
C ASP D 379 0.63 -8.91 -25.73
N TRP D 380 0.12 -10.15 -25.75
CA TRP D 380 0.70 -11.20 -26.57
C TRP D 380 0.87 -10.74 -28.01
N VAL D 381 -0.10 -10.01 -28.54
CA VAL D 381 -0.07 -9.59 -29.94
C VAL D 381 1.16 -8.73 -30.23
N TRP D 382 1.60 -7.90 -29.26
CA TRP D 382 2.78 -7.06 -29.43
C TRP D 382 4.08 -7.72 -28.95
N ILE D 383 4.01 -8.58 -27.93
CA ILE D 383 5.20 -9.16 -27.34
C ILE D 383 5.84 -10.19 -28.26
N VAL D 384 5.03 -10.98 -28.97
CA VAL D 384 5.56 -12.03 -29.85
C VAL D 384 6.23 -11.37 -31.05
N PRO D 385 7.50 -11.68 -31.33
CA PRO D 385 8.22 -11.01 -32.42
C PRO D 385 7.56 -11.26 -33.76
N PRO D 386 7.81 -10.40 -34.75
CA PRO D 386 7.16 -10.53 -36.07
C PRO D 386 7.83 -11.52 -37.00
N MET D 387 8.90 -12.20 -36.59
CA MET D 387 9.38 -13.38 -37.29
C MET D 387 9.63 -14.51 -36.30
N SER D 388 9.52 -15.75 -36.79
CA SER D 388 9.90 -16.94 -36.04
C SER D 388 9.12 -17.08 -34.73
N GLY D 389 7.87 -16.66 -34.74
CA GLY D 389 7.09 -16.55 -33.52
C GLY D 389 7.19 -17.76 -32.61
N SER D 390 6.90 -18.95 -33.14
CA SER D 390 6.75 -20.06 -32.20
C SER D 390 8.07 -20.70 -31.78
N ILE D 391 9.20 -20.35 -32.39
CA ILE D 391 10.46 -20.83 -31.83
C ILE D 391 10.96 -19.86 -30.77
N THR D 392 10.13 -18.82 -30.41
CA THR D 392 10.48 -18.03 -29.22
C THR D 392 9.59 -18.45 -28.06
N PRO D 393 10.08 -18.38 -26.82
CA PRO D 393 9.27 -18.89 -25.70
C PRO D 393 8.00 -18.09 -25.43
N VAL D 394 7.93 -16.82 -25.85
CA VAL D 394 6.72 -16.05 -25.55
C VAL D 394 5.53 -16.52 -26.38
N PHE D 395 5.75 -17.14 -27.53
CA PHE D 395 4.63 -17.65 -28.32
C PHE D 395 3.81 -18.66 -27.52
N HIS D 396 4.46 -19.45 -26.69
CA HIS D 396 3.83 -20.50 -25.91
C HIS D 396 3.41 -20.07 -24.52
N GLN D 397 3.54 -18.78 -24.19
CA GLN D 397 3.19 -18.25 -22.88
C GLN D 397 1.83 -17.56 -22.93
N GLU D 398 0.86 -18.06 -22.15
CA GLU D 398 -0.39 -17.33 -22.00
C GLU D 398 -0.13 -16.04 -21.21
N MET D 399 -0.89 -15.00 -21.52
CA MET D 399 -0.68 -13.69 -20.90
C MET D 399 -2.02 -13.01 -20.62
N LEU D 400 -2.06 -12.22 -19.55
CA LEU D 400 -3.21 -11.40 -19.22
C LEU D 400 -2.87 -9.95 -19.49
N ASN D 401 -3.75 -9.24 -20.17
CA ASN D 401 -3.57 -7.83 -20.48
C ASN D 401 -4.61 -6.99 -19.74
N TYR D 402 -4.14 -5.96 -19.05
CA TYR D 402 -4.96 -5.05 -18.27
C TYR D 402 -4.17 -3.75 -18.09
N ARG D 403 -4.87 -2.69 -17.71
CA ARG D 403 -4.33 -1.33 -17.76
C ARG D 403 -4.10 -0.79 -16.35
N LEU D 404 -2.83 -0.64 -15.99
CA LEU D 404 -2.40 -0.13 -14.69
C LEU D 404 -1.89 1.30 -14.84
N THR D 405 -2.03 2.09 -13.77
CA THR D 405 -1.54 3.46 -13.79
C THR D 405 -0.46 3.60 -12.74
N PRO D 406 0.58 4.45 -12.96
CA PRO D 406 0.91 5.30 -14.12
C PRO D 406 1.13 4.52 -15.42
N SER D 407 0.99 5.22 -16.55
CA SER D 407 1.04 4.56 -17.85
C SER D 407 1.47 5.55 -18.93
N PHE D 408 1.95 4.99 -20.04
CA PHE D 408 2.09 5.70 -21.30
C PHE D 408 0.84 5.48 -22.15
N GLU D 409 0.36 6.54 -22.79
CA GLU D 409 -0.84 6.48 -23.63
C GLU D 409 -0.56 7.08 -24.99
N TYR D 410 -1.44 6.79 -25.94
CA TYR D 410 -1.39 7.49 -27.21
C TYR D 410 -2.11 8.83 -27.11
N GLN D 411 -1.75 9.74 -28.00
CA GLN D 411 -2.38 11.04 -28.10
C GLN D 411 -2.48 11.41 -29.58
N PRO D 412 -3.37 12.36 -29.92
CA PRO D 412 -3.50 12.74 -31.32
C PRO D 412 -2.22 13.38 -31.86
N ASP D 413 -2.02 13.26 -33.17
CA ASP D 413 -0.94 13.99 -33.82
C ASP D 413 -1.20 15.49 -33.69
N PRO D 414 -0.21 16.28 -33.28
CA PRO D 414 -0.49 17.69 -33.00
C PRO D 414 -0.94 18.49 -34.22
N TRP D 415 -0.60 18.06 -35.43
CA TRP D 415 -1.03 18.83 -36.60
C TRP D 415 -2.49 18.63 -36.95
N ASN D 416 -3.17 17.71 -36.28
CA ASN D 416 -4.61 17.57 -36.43
C ASN D 416 -5.37 18.48 -35.47
N THR D 417 -4.68 19.11 -34.53
CA THR D 417 -5.32 19.86 -33.46
C THR D 417 -4.77 21.25 -33.25
N HIS D 418 -3.59 21.57 -33.78
CA HIS D 418 -2.92 22.82 -33.48
C HIS D 418 -3.44 23.95 -34.36
N VAL D 419 -3.86 25.04 -33.72
CA VAL D 419 -4.25 26.25 -34.42
C VAL D 419 -3.01 27.16 -34.52
N TRP D 420 -2.62 27.49 -35.75
CA TRP D 420 -1.39 28.22 -36.03
C TRP D 420 -1.58 29.73 -35.79
N LYS D 421 -0.45 30.44 -35.73
CA LYS D 421 -0.45 31.88 -35.45
C LYS D 421 0.31 32.66 -36.52
CHA HEM E . -6.05 -0.03 28.62
CHB HEM E . -5.94 -2.10 32.99
CHC HEM E . -6.27 -6.41 30.75
CHD HEM E . -5.39 -4.35 26.47
C1A HEM E . -6.15 -0.20 29.99
C2A HEM E . -6.48 0.82 30.98
C3A HEM E . -6.46 0.25 32.18
C4A HEM E . -6.10 -1.15 32.01
CMA HEM E . -6.75 0.97 33.51
CAA HEM E . -6.85 2.28 30.67
CBA HEM E . -8.30 2.15 30.20
CGA HEM E . -8.93 3.48 29.89
O1A HEM E . -8.52 4.50 30.49
O2A HEM E . -9.85 3.50 29.04
C1B HEM E . -6.04 -3.45 32.76
C2B HEM E . -6.16 -4.47 33.78
C3B HEM E . -6.24 -5.66 33.18
C4B HEM E . -6.19 -5.44 31.74
CMB HEM E . -6.18 -4.19 35.30
CAB HEM E . -6.40 -6.99 33.98
CBB HEM E . -6.23 -8.21 33.43
C1C HEM E . -6.11 -6.27 29.39
C2C HEM E . -6.23 -7.31 28.37
C3C HEM E . -5.98 -6.72 27.17
C4C HEM E . -5.71 -5.31 27.41
CMC HEM E . -6.60 -8.78 28.68
CAC HEM E . -5.95 -7.32 25.75
CBC HEM E . -6.04 -8.64 25.52
C1D HEM E . -5.51 -2.98 26.68
C2D HEM E . -5.41 -1.95 25.67
C3D HEM E . -5.59 -0.77 26.26
C4D HEM E . -5.82 -1.00 27.68
CMD HEM E . -5.12 -2.14 24.17
CAD HEM E . -5.55 0.61 25.54
CBD HEM E . -7.01 0.99 25.28
CGD HEM E . -7.13 2.27 24.48
O1D HEM E . -8.26 2.84 24.43
O2D HEM E . -6.12 2.71 23.88
NA HEM E . -5.92 -1.38 30.67
NB HEM E . -6.05 -4.07 31.52
NC HEM E . -5.80 -5.10 28.76
ND HEM E . -5.76 -2.38 27.90
FE HEM E . -5.53 -3.26 29.73
N1 H4B F . -5.38 7.90 30.54
C2 H4B F . -6.22 6.84 30.58
N2 H4B F . -5.84 5.70 31.24
N3 H4B F . -7.42 6.92 29.96
C4 H4B F . -7.78 8.03 29.29
O4 H4B F . -8.90 8.05 28.72
C4A H4B F . -6.92 9.13 29.24
C8A H4B F . -5.70 9.04 29.89
N5 H4B F . -7.24 10.27 28.57
N8 H4B F . -4.81 10.07 29.88
C6 H4B F . -6.12 11.09 28.12
C7 H4B F . -5.14 11.36 29.26
C9 H4B F . -6.56 12.41 27.45
O9 H4B F . -7.47 13.12 28.28
C10 H4B F . -5.35 13.34 27.27
C11 H4B F . -5.78 14.62 26.57
O10 H4B F . -4.33 12.68 26.51
C15 A1A0H G . -11.13 1.02 27.68
C11 A1A0H G . -10.96 -0.60 29.45
C14 A1A0H G . -12.35 1.46 28.21
C16 A1A0H G . -10.43 -0.01 28.31
N18 A1A0H G . -10.92 3.10 26.38
C02 A1A0H G . -9.60 -2.78 32.13
C03 A1A0H G . -9.27 -3.93 31.42
C04 A1A0H G . -9.51 -3.98 30.05
C05 A1A0H G . -10.03 -2.88 29.42
C06 A1A0H G . -10.33 -1.73 30.16
C07 A1A0H G . -9.17 -5.22 29.24
C12 A1A0H G . -12.17 -0.17 29.97
C13 A1A0H G . -12.87 0.84 29.34
C17 A1A0H G . -10.55 1.67 26.45
C19 A1A0H G . -11.27 3.48 25.01
F13 A1A0H G . -14.05 1.22 29.88
N01 A1A0H G . -10.15 -1.72 31.48
N02 A1A0H G . -9.41 -2.71 33.47
C1 GOL H . -4.31 -19.92 27.15
O1 GOL H . -2.99 -20.06 27.64
C2 GOL H . -4.26 -19.68 25.65
O2 GOL H . -5.54 -19.81 25.06
C3 GOL H . -3.27 -20.66 25.02
O3 GOL H . -2.04 -20.56 25.70
ZN ZN I . 6.91 12.67 22.06
CHA HEM J . 7.23 25.29 36.55
CHB HEM J . 3.34 27.36 38.58
CHC HEM J . 5.44 31.65 37.75
CHD HEM J . 8.82 29.60 34.97
C1A HEM J . 6.08 25.50 37.30
C2A HEM J . 5.39 24.49 38.09
C3A HEM J . 4.32 25.06 38.65
C4A HEM J . 4.29 26.44 38.23
CMA HEM J . 3.28 24.39 39.58
CAA HEM J . 5.85 23.04 38.27
CBA HEM J . 7.00 23.11 39.28
CGA HEM J . 7.52 21.73 39.63
O1A HEM J . 6.71 20.76 39.64
O2A HEM J . 8.75 21.64 39.92
C1B HEM J . 3.58 28.72 38.57
C2B HEM J . 2.76 29.74 39.18
C3B HEM J . 3.34 30.93 38.95
C4B HEM J . 4.56 30.69 38.18
CMB HEM J . 1.45 29.50 39.95
CAB HEM J . 2.75 32.27 39.45
CBB HEM J . 3.07 33.46 38.96
C1C HEM J . 6.54 31.49 36.95
C2C HEM J . 7.49 32.54 36.55
C3C HEM J . 8.43 31.96 35.79
C4C HEM J . 8.12 30.54 35.69
CMC HEM J . 7.40 34.02 36.99
CAC HEM J . 9.66 32.57 35.07
CBC HEM J . 9.75 33.87 34.75
C1D HEM J . 8.67 28.26 35.17
C2D HEM J . 9.53 27.24 34.60
C3D HEM J . 9.09 26.04 35.01
C4D HEM J . 7.95 26.26 35.88
CMD HEM J . 10.71 27.48 33.65
CAD HEM J . 9.73 24.69 34.64
CBD HEM J . 10.55 24.23 35.85
CGD HEM J . 11.38 22.99 35.57
O1D HEM J . 11.93 22.41 36.55
O2D HEM J . 11.50 22.56 34.39
NA HEM J . 5.38 26.67 37.41
NB HEM J . 4.66 29.32 37.95
NC HEM J . 6.96 30.29 36.40
ND HEM J . 7.72 27.64 35.94
FE HEM J . 6.00 28.49 36.68
N1 H4B K . 5.19 17.23 36.92
C2 H4B K . 5.60 18.29 37.67
N2 H4B K . 4.82 19.40 37.73
N3 H4B K . 6.76 18.24 38.36
C4 H4B K . 7.54 17.14 38.33
O4 H4B K . 8.62 17.08 38.96
C4A H4B K . 7.14 16.06 37.57
C8A H4B K . 5.96 16.12 36.87
N5 H4B K . 7.92 14.96 37.51
N8 H4B K . 5.55 15.07 36.10
C6 H4B K . 7.76 14.16 36.30
C7 H4B K . 6.29 13.80 36.11
C9 H4B K . 8.62 12.89 36.30
O9 H4B K . 8.40 12.22 37.54
C10 H4B K . 8.29 11.95 35.15
C11 H4B K . 9.05 10.64 35.33
O10 H4B K . 8.67 12.52 33.89
C15 A1A0H L . 10.62 24.45 40.55
C11 A1A0H L . 8.90 25.99 41.23
C14 A1A0H L . 10.76 24.05 41.88
C16 A1A0H L . 9.68 25.44 40.22
N18 A1A0H L . 11.09 22.45 39.18
C02 A1A0H L . 5.85 28.09 41.29
C03 A1A0H L . 6.31 29.24 40.65
C04 A1A0H L . 7.60 29.28 40.18
C05 A1A0H L . 8.42 28.20 40.38
C06 A1A0H L . 7.92 27.07 41.01
C07 A1A0H L . 8.17 30.50 39.48
C12 A1A0H L . 9.04 25.59 42.54
C13 A1A0H L . 9.96 24.62 42.88
C17 A1A0H L . 11.48 23.85 39.46
C19 A1A0H L . 12.08 21.55 39.80
F13 A1A0H L . 10.05 24.27 44.19
N01 A1A0H L . 6.67 27.04 41.49
N02 A1A0H L . 4.58 28.02 41.76
C1 GOL M . 7.48 33.57 17.12
O1 GOL M . 8.23 32.58 17.80
C2 GOL M . 6.96 34.62 18.11
O2 GOL M . 7.39 34.31 19.42
C3 GOL M . 5.43 34.69 18.10
O3 GOL M . 5.01 35.47 19.20
CHA HEM N . -7.76 -24.59 -37.07
CHB HEM N . -6.33 -24.36 -41.70
CHC HEM N . -10.34 -26.78 -43.01
CHD HEM N . -12.13 -26.15 -38.57
C1A HEM N . -6.98 -24.45 -38.19
C2A HEM N . -5.57 -24.11 -38.21
C3A HEM N . -5.16 -24.07 -39.48
C4A HEM N . -6.31 -24.35 -40.32
CMA HEM N . -3.72 -23.74 -39.97
CAA HEM N . -4.69 -23.92 -36.97
CBA HEM N . -4.48 -25.33 -36.45
CGA HEM N . -3.65 -25.39 -35.20
O1A HEM N . -2.67 -24.60 -35.10
O2A HEM N . -3.96 -26.24 -34.32
C1B HEM N . -7.28 -25.03 -42.45
C2B HEM N . -7.18 -25.32 -43.86
C3B HEM N . -8.28 -25.97 -44.24
C4B HEM N . -9.12 -26.14 -43.06
CMB HEM N . -6.01 -24.90 -44.79
CAB HEM N . -8.51 -26.46 -45.70
CBB HEM N . -9.66 -26.94 -46.17
C1C HEM N . -11.18 -26.86 -41.92
C2C HEM N . -12.43 -27.60 -41.85
C3C HEM N . -12.92 -27.42 -40.61
C4C HEM N . -11.99 -26.57 -39.87
CMC HEM N . -13.01 -28.43 -43.01
CAC HEM N . -14.23 -27.96 -40.00
CBC HEM N . -15.31 -28.25 -40.76
C1D HEM N . -11.10 -25.69 -37.78
C2D HEM N . -11.17 -25.44 -36.36
C3D HEM N . -9.98 -24.99 -35.95
C4D HEM N . -9.09 -24.98 -37.08
CMD HEM N . -12.41 -25.62 -35.46
CAD HEM N . -9.63 -24.63 -34.49
CBD HEM N . -9.07 -25.86 -33.80
CGD HEM N . -8.67 -25.56 -32.38
O1D HEM N . -7.79 -26.31 -31.86
O2D HEM N . -9.21 -24.60 -31.76
NA HEM N . -7.40 -24.59 -39.51
NB HEM N . -8.48 -25.54 -41.99
NC HEM N . -10.95 -26.25 -40.70
ND HEM N . -9.81 -25.40 -38.19
FE HEM N . -9.31 -25.10 -40.16
N1 H4B O . -1.80 -20.44 -33.09
C2 H4B O . -2.15 -21.61 -33.68
N2 H4B O . -2.56 -21.62 -34.98
N3 H4B O . -2.08 -22.78 -33.00
C4 H4B O . -1.67 -22.81 -31.72
O4 H4B O . -1.60 -23.89 -31.09
C4A H4B O . -1.32 -21.64 -31.10
C8A H4B O . -1.40 -20.44 -31.80
N5 H4B O . -0.91 -21.62 -29.80
N8 H4B O . -1.04 -19.26 -31.21
C6 H4B O . -1.09 -20.37 -29.06
C7 H4B O . -0.52 -19.20 -29.86
C9 H4B O . -0.50 -20.40 -27.65
O9 H4B O . 0.88 -20.70 -27.74
C10 H4B O . -0.68 -19.07 -26.93
C11 H4B O . -0.14 -19.16 -25.50
O10 H4B O . -2.06 -18.71 -26.88
C15 A1A0H P . -5.71 -28.93 -35.10
C11 A1A0H P . -5.63 -29.02 -37.50
C14 A1A0H P . -4.61 -29.78 -35.05
C16 A1A0H P . -6.24 -28.55 -36.34
N18 A1A0H P . -5.38 -27.71 -32.98
C02 A1A0H P . -5.81 -28.06 -41.08
C03 A1A0H P . -7.14 -28.34 -41.38
C04 A1A0H P . -7.97 -28.84 -40.38
C05 A1A0H P . -7.45 -29.05 -39.12
C06 A1A0H P . -6.13 -28.72 -38.87
C07 A1A0H P . -9.42 -29.17 -40.62
C12 A1A0H P . -4.55 -29.87 -37.45
C13 A1A0H P . -4.03 -30.25 -36.23
C17 A1A0H P . -6.36 -28.40 -33.83
C19 A1A0H P . -4.99 -28.58 -31.86
F13 A1A0H P . -2.96 -31.07 -36.24
N01 A1A0H P . -5.33 -28.27 -39.84
N02 A1A0H P . -4.95 -27.57 -42.02
C1 GOL Q . -25.22 -16.04 -37.41
O1 GOL Q . -25.88 -15.34 -36.37
C2 GOL Q . -26.10 -16.04 -38.65
O2 GOL Q . -25.34 -16.26 -39.82
C3 GOL Q . -26.84 -14.70 -38.76
O3 GOL Q . -26.15 -13.81 -39.59
C1 GOL R . -21.67 -30.70 -50.22
O1 GOL R . -21.10 -29.46 -49.86
C2 GOL R . -23.08 -30.83 -49.65
O2 GOL R . -23.69 -29.55 -49.62
C3 GOL R . -23.03 -31.41 -48.24
O3 GOL R . -22.58 -32.74 -48.28
ZN ZN S . -9.93 -9.58 -25.21
CHA HEM T . 7.25 -1.02 -27.18
CHB HEM T . 11.52 -3.23 -26.73
CHC HEM T . 12.82 0.17 -23.53
CHD HEM T . 8.22 1.74 -23.32
C1A HEM T . 8.35 -1.81 -27.45
C2A HEM T . 8.55 -2.64 -28.61
C3A HEM T . 9.73 -3.26 -28.49
C4A HEM T . 10.31 -2.83 -27.23
CMA HEM T . 10.37 -4.25 -29.47
CAA HEM T . 7.58 -2.79 -29.80
CBA HEM T . 7.87 -1.59 -30.70
CGA HEM T . 6.92 -1.55 -31.86
O1A HEM T . 6.65 -2.64 -32.45
O2A HEM T . 6.42 -0.44 -32.20
C1B HEM T . 12.27 -2.49 -25.85
C2B HEM T . 13.67 -2.71 -25.54
C3B HEM T . 14.04 -1.79 -24.65
C4B HEM T . 12.88 -0.94 -24.37
CMB HEM T . 14.53 -3.84 -26.14
CAB HEM T . 15.49 -1.69 -24.07
CBB HEM T . 15.76 -1.02 -22.95
C1C HEM T . 11.71 0.93 -23.21
C2C HEM T . 11.69 2.10 -22.35
C3C HEM T . 10.41 2.55 -22.28
C4C HEM T . 9.59 1.67 -23.11
CMC HEM T . 12.96 2.69 -21.67
CAC HEM T . 9.79 3.75 -21.51
CBC HEM T . 10.48 4.47 -20.62
C1D HEM T . 7.54 1.13 -24.36
C2D HEM T . 6.17 1.37 -24.76
C3D HEM T . 5.91 0.61 -25.83
C4D HEM T . 7.11 -0.13 -26.15
CMD HEM T . 5.15 2.32 -24.09
CAD HEM T . 4.54 0.55 -26.56
CBD HEM T . 4.65 1.43 -27.80
CGD HEM T . 3.32 1.59 -28.50
O1D HEM T . 3.33 2.10 -29.66
O2D HEM T . 2.27 1.23 -27.92
NA HEM T . 9.45 -1.95 -26.63
NB HEM T . 11.82 -1.40 -25.11
NC HEM T . 10.42 0.72 -23.65
ND HEM T . 8.08 0.20 -25.22
FE HEM T . 9.83 -0.86 -24.90
N1 H4B U . 3.40 -5.95 -32.60
C2 H4B U . 4.39 -5.03 -32.48
N2 H4B U . 5.46 -5.25 -31.65
N3 H4B U . 4.34 -3.89 -33.18
C4 H4B U . 3.31 -3.62 -34.00
O4 H4B U . 3.31 -2.55 -34.61
C4A H4B U . 2.27 -4.53 -34.13
C8A H4B U . 2.34 -5.72 -33.42
N5 H4B U . 1.22 -4.28 -34.94
N8 H4B U . 1.36 -6.66 -33.51
C6 H4B U . 0.00 -5.01 -34.64
C7 H4B U . 0.27 -6.51 -34.47
C9 H4B U . -1.13 -4.80 -35.66
O9 H4B U . -0.64 -5.05 -36.98
C10 H4B U . -2.25 -5.79 -35.40
C11 H4B U . -3.39 -5.61 -36.41
O10 H4B U . -2.73 -5.63 -34.05
C15 A1A0H V . 7.79 2.46 -31.14
C11 A1A0H V . 10.00 1.73 -30.46
C14 A1A0H V . 8.29 2.71 -32.42
C16 A1A0H V . 8.65 1.97 -30.16
N18 A1A0H V . 5.54 2.20 -31.98
C02 A1A0H V . 12.70 -0.10 -28.66
C03 A1A0H V . 12.76 0.61 -27.47
C04 A1A0H V . 11.90 1.69 -27.28
C05 A1A0H V . 11.01 2.02 -28.26
C06 A1A0H V . 10.97 1.27 -29.43
C07 A1A0H V . 11.93 2.53 -26.02
C12 A1A0H V . 10.49 2.01 -31.72
C13 A1A0H V . 9.63 2.50 -32.71
C17 A1A0H V . 6.34 2.70 -30.85
C19 A1A0H V . 4.50 3.19 -32.35
F13 A1A0H V . 10.12 2.75 -33.94
N01 A1A0H V . 11.83 0.25 -29.62
N02 A1A0H V . 13.56 -1.13 -28.87
C1 GOL W . 18.27 6.01 -12.17
O1 GOL W . 17.65 4.73 -12.11
C2 GOL W . 17.65 6.96 -11.16
O2 GOL W . 17.11 6.23 -10.07
C3 GOL W . 16.55 7.80 -11.79
O3 GOL W . 17.09 8.71 -12.73
C1 GOL X . -0.47 -1.29 -8.13
O1 GOL X . -0.62 -0.63 -9.37
C2 GOL X . 0.97 -1.17 -7.63
O2 GOL X . 1.79 -0.71 -8.67
C3 GOL X . 1.51 -2.50 -7.12
O3 GOL X . 2.92 -2.51 -7.23
#